data_3ECT
# 
_entry.id   3ECT 
# 
_audit_conform.dict_name       mmcif_pdbx.dic 
_audit_conform.dict_version    5.399 
_audit_conform.dict_location   http://mmcif.pdb.org/dictionaries/ascii/mmcif_pdbx.dic 
# 
loop_
_database_2.database_id 
_database_2.database_code 
_database_2.pdbx_database_accession 
_database_2.pdbx_DOI 
PDB   3ECT         pdb_00003ect 10.2210/pdb3ect/pdb 
RCSB  RCSB049161   ?            ?                   
WWPDB D_1000049161 ?            ?                   
# 
loop_
_pdbx_audit_revision_history.ordinal 
_pdbx_audit_revision_history.data_content_type 
_pdbx_audit_revision_history.major_revision 
_pdbx_audit_revision_history.minor_revision 
_pdbx_audit_revision_history.revision_date 
1 'Structure model' 1 0 2008-09-16 
2 'Structure model' 1 1 2011-07-13 
3 'Structure model' 1 2 2024-11-20 
# 
_pdbx_audit_revision_details.ordinal             1 
_pdbx_audit_revision_details.revision_ordinal    1 
_pdbx_audit_revision_details.data_content_type   'Structure model' 
_pdbx_audit_revision_details.provider            repository 
_pdbx_audit_revision_details.type                'Initial release' 
_pdbx_audit_revision_details.description         ? 
_pdbx_audit_revision_details.details             ? 
# 
loop_
_pdbx_audit_revision_group.ordinal 
_pdbx_audit_revision_group.revision_ordinal 
_pdbx_audit_revision_group.data_content_type 
_pdbx_audit_revision_group.group 
1 2 'Structure model' Advisory                    
2 2 'Structure model' 'Version format compliance' 
3 3 'Structure model' 'Data collection'           
4 3 'Structure model' 'Database references'       
5 3 'Structure model' 'Derived calculations'      
6 3 'Structure model' 'Structure summary'         
# 
loop_
_pdbx_audit_revision_category.ordinal 
_pdbx_audit_revision_category.revision_ordinal 
_pdbx_audit_revision_category.data_content_type 
_pdbx_audit_revision_category.category 
1  3 'Structure model' chem_comp_atom               
2  3 'Structure model' chem_comp_bond               
3  3 'Structure model' database_2                   
4  3 'Structure model' pdbx_entry_details           
5  3 'Structure model' pdbx_modification_feature    
6  3 'Structure model' pdbx_struct_conn_angle       
7  3 'Structure model' pdbx_struct_special_symmetry 
8  3 'Structure model' struct_conn                  
9  3 'Structure model' struct_ref_seq_dif           
10 3 'Structure model' struct_site                  
# 
loop_
_pdbx_audit_revision_item.ordinal 
_pdbx_audit_revision_item.revision_ordinal 
_pdbx_audit_revision_item.data_content_type 
_pdbx_audit_revision_item.item 
1  3 'Structure model' '_database_2.pdbx_DOI'                      
2  3 'Structure model' '_database_2.pdbx_database_accession'       
3  3 'Structure model' '_pdbx_struct_conn_angle.ptnr1_auth_seq_id' 
4  3 'Structure model' '_pdbx_struct_conn_angle.ptnr3_auth_seq_id' 
5  3 'Structure model' '_struct_conn.pdbx_dist_value'              
6  3 'Structure model' '_struct_conn.pdbx_leaving_atom_flag'       
7  3 'Structure model' '_struct_conn.ptnr2_auth_seq_id'            
8  3 'Structure model' '_struct_ref_seq_dif.details'               
9  3 'Structure model' '_struct_site.pdbx_auth_asym_id'            
10 3 'Structure model' '_struct_site.pdbx_auth_comp_id'            
11 3 'Structure model' '_struct_site.pdbx_auth_seq_id'             
# 
_pdbx_database_status.status_code                     REL 
_pdbx_database_status.entry_id                        3ECT 
_pdbx_database_status.recvd_initial_deposition_date   2008-09-02 
_pdbx_database_status.deposit_site                    RCSB 
_pdbx_database_status.process_site                    RCSB 
_pdbx_database_status.status_code_sf                  REL 
_pdbx_database_status.status_code_mr                  ? 
_pdbx_database_status.SG_entry                        Y 
_pdbx_database_status.pdb_format_compatible           Y 
_pdbx_database_status.status_code_cs                  ? 
_pdbx_database_status.status_code_nmr_data            ? 
_pdbx_database_status.methods_development_category    ? 
# 
loop_
_audit_author.name 
_audit_author.pdbx_ordinal 
'Kim, Y.'                                                       1 
'Maltseva, N.'                                                  2 
'Kwon, K.'                                                      3 
'Papazisi, L.'                                                  4 
'Hasseman, J.'                                                  5 
'Peterson, S.'                                                  6 
'Anderson, W.F.'                                                7 
'Joachimiak, A.'                                                8 
'Center for Structural Genomics of Infectious Diseases (CSGID)' 9 
# 
_citation.id                        primary 
_citation.title                     
'Crystal Structure of the Hexapeptide-Repeat Containing-Acetyltransferase VCA0836 from Vibrio cholerae' 
_citation.journal_abbrev            'To be Published' 
_citation.journal_volume            ? 
_citation.page_first                ? 
_citation.page_last                 ? 
_citation.year                      ? 
_citation.journal_id_ASTM           ? 
_citation.country                   ? 
_citation.journal_id_ISSN           ? 
_citation.journal_id_CSD            0353 
_citation.book_publisher            ? 
_citation.pdbx_database_id_PubMed   ? 
_citation.pdbx_database_id_DOI      ? 
# 
loop_
_citation_author.citation_id 
_citation_author.name 
_citation_author.ordinal 
_citation_author.identifier_ORCID 
primary 'Kim, Y.'        1 ? 
primary 'Maltseva, N.'   2 ? 
primary 'Kwon, K.'       3 ? 
primary 'Papazisi, L.'   4 ? 
primary 'Hasseman, J.'   5 ? 
primary 'Peterson, S.'   6 ? 
primary 'Anderson, W.F.' 7 ? 
primary 'Joachimiak, A.' 8 ? 
# 
loop_
_entity.id 
_entity.type 
_entity.src_method 
_entity.pdbx_description 
_entity.formula_weight 
_entity.pdbx_number_of_molecules 
_entity.pdbx_ec 
_entity.pdbx_mutation 
_entity.pdbx_fragment 
_entity.details 
1 polymer     man 'Hexapeptide-repeat containing-acetyltransferase' 21729.754 1  ? ? ? ? 
2 non-polymer syn 'CALCIUM ION'                                     40.078    2  ? ? ? ? 
3 water       nat water                                             18.015    68 ? ? ? ? 
# 
_entity_poly.entity_id                      1 
_entity_poly.type                           'polypeptide(L)' 
_entity_poly.nstd_linkage                   no 
_entity_poly.nstd_monomer                   yes 
_entity_poly.pdbx_seq_one_letter_code       
;SNA(MSE)K(MSE)SELEK(MSE)LKGEHFDGASAEIEALRSQAGRLKLEINQSLDEAERYALQRELFGHLGHKSCVQPP
FHCEFGKTIRIGDHTFIN(MSE)NVV(MSE)LDGAPITIGDHVLIGPSTQFYTASHSLDYRRRQAWETICKPIVIEDDVW
IGGNVVINQGVTIGARSVVAANSVVNQDVPPDTLVGGTPARILRSLKDPAES(MSE)AE
;
_entity_poly.pdbx_seq_one_letter_code_can   
;SNAMKMSELEKMLKGEHFDGASAEIEALRSQAGRLKLEINQSLDEAERYALQRELFGHLGHKSCVQPPFHCEFGKTIRIG
DHTFINMNVVMLDGAPITIGDHVLIGPSTQFYTASHSLDYRRRQAWETICKPIVIEDDVWIGGNVVINQGVTIGARSVVA
ANSVVNQDVPPDTLVGGTPARILRSLKDPAESMAE
;
_entity_poly.pdbx_strand_id                 A 
_entity_poly.pdbx_target_identifier         ? 
# 
loop_
_pdbx_entity_nonpoly.entity_id 
_pdbx_entity_nonpoly.name 
_pdbx_entity_nonpoly.comp_id 
2 'CALCIUM ION' CA  
3 water         HOH 
# 
loop_
_entity_poly_seq.entity_id 
_entity_poly_seq.num 
_entity_poly_seq.mon_id 
_entity_poly_seq.hetero 
1 1   SER n 
1 2   ASN n 
1 3   ALA n 
1 4   MSE n 
1 5   LYS n 
1 6   MSE n 
1 7   SER n 
1 8   GLU n 
1 9   LEU n 
1 10  GLU n 
1 11  LYS n 
1 12  MSE n 
1 13  LEU n 
1 14  LYS n 
1 15  GLY n 
1 16  GLU n 
1 17  HIS n 
1 18  PHE n 
1 19  ASP n 
1 20  GLY n 
1 21  ALA n 
1 22  SER n 
1 23  ALA n 
1 24  GLU n 
1 25  ILE n 
1 26  GLU n 
1 27  ALA n 
1 28  LEU n 
1 29  ARG n 
1 30  SER n 
1 31  GLN n 
1 32  ALA n 
1 33  GLY n 
1 34  ARG n 
1 35  LEU n 
1 36  LYS n 
1 37  LEU n 
1 38  GLU n 
1 39  ILE n 
1 40  ASN n 
1 41  GLN n 
1 42  SER n 
1 43  LEU n 
1 44  ASP n 
1 45  GLU n 
1 46  ALA n 
1 47  GLU n 
1 48  ARG n 
1 49  TYR n 
1 50  ALA n 
1 51  LEU n 
1 52  GLN n 
1 53  ARG n 
1 54  GLU n 
1 55  LEU n 
1 56  PHE n 
1 57  GLY n 
1 58  HIS n 
1 59  LEU n 
1 60  GLY n 
1 61  HIS n 
1 62  LYS n 
1 63  SER n 
1 64  CYS n 
1 65  VAL n 
1 66  GLN n 
1 67  PRO n 
1 68  PRO n 
1 69  PHE n 
1 70  HIS n 
1 71  CYS n 
1 72  GLU n 
1 73  PHE n 
1 74  GLY n 
1 75  LYS n 
1 76  THR n 
1 77  ILE n 
1 78  ARG n 
1 79  ILE n 
1 80  GLY n 
1 81  ASP n 
1 82  HIS n 
1 83  THR n 
1 84  PHE n 
1 85  ILE n 
1 86  ASN n 
1 87  MSE n 
1 88  ASN n 
1 89  VAL n 
1 90  VAL n 
1 91  MSE n 
1 92  LEU n 
1 93  ASP n 
1 94  GLY n 
1 95  ALA n 
1 96  PRO n 
1 97  ILE n 
1 98  THR n 
1 99  ILE n 
1 100 GLY n 
1 101 ASP n 
1 102 HIS n 
1 103 VAL n 
1 104 LEU n 
1 105 ILE n 
1 106 GLY n 
1 107 PRO n 
1 108 SER n 
1 109 THR n 
1 110 GLN n 
1 111 PHE n 
1 112 TYR n 
1 113 THR n 
1 114 ALA n 
1 115 SER n 
1 116 HIS n 
1 117 SER n 
1 118 LEU n 
1 119 ASP n 
1 120 TYR n 
1 121 ARG n 
1 122 ARG n 
1 123 ARG n 
1 124 GLN n 
1 125 ALA n 
1 126 TRP n 
1 127 GLU n 
1 128 THR n 
1 129 ILE n 
1 130 CYS n 
1 131 LYS n 
1 132 PRO n 
1 133 ILE n 
1 134 VAL n 
1 135 ILE n 
1 136 GLU n 
1 137 ASP n 
1 138 ASP n 
1 139 VAL n 
1 140 TRP n 
1 141 ILE n 
1 142 GLY n 
1 143 GLY n 
1 144 ASN n 
1 145 VAL n 
1 146 VAL n 
1 147 ILE n 
1 148 ASN n 
1 149 GLN n 
1 150 GLY n 
1 151 VAL n 
1 152 THR n 
1 153 ILE n 
1 154 GLY n 
1 155 ALA n 
1 156 ARG n 
1 157 SER n 
1 158 VAL n 
1 159 VAL n 
1 160 ALA n 
1 161 ALA n 
1 162 ASN n 
1 163 SER n 
1 164 VAL n 
1 165 VAL n 
1 166 ASN n 
1 167 GLN n 
1 168 ASP n 
1 169 VAL n 
1 170 PRO n 
1 171 PRO n 
1 172 ASP n 
1 173 THR n 
1 174 LEU n 
1 175 VAL n 
1 176 GLY n 
1 177 GLY n 
1 178 THR n 
1 179 PRO n 
1 180 ALA n 
1 181 ARG n 
1 182 ILE n 
1 183 LEU n 
1 184 ARG n 
1 185 SER n 
1 186 LEU n 
1 187 LYS n 
1 188 ASP n 
1 189 PRO n 
1 190 ALA n 
1 191 GLU n 
1 192 SER n 
1 193 MSE n 
1 194 ALA n 
1 195 GLU n 
# 
_entity_src_gen.entity_id                          1 
_entity_src_gen.pdbx_src_id                        1 
_entity_src_gen.pdbx_alt_source_flag               sample 
_entity_src_gen.pdbx_seq_type                      ? 
_entity_src_gen.pdbx_beg_seq_num                   ? 
_entity_src_gen.pdbx_end_seq_num                   ? 
_entity_src_gen.gene_src_common_name               ? 
_entity_src_gen.gene_src_genus                     ? 
_entity_src_gen.pdbx_gene_src_gene                 VC_A0836 
_entity_src_gen.gene_src_species                   ? 
_entity_src_gen.gene_src_strain                    N16961 
_entity_src_gen.gene_src_tissue                    ? 
_entity_src_gen.gene_src_tissue_fraction           ? 
_entity_src_gen.gene_src_details                   ? 
_entity_src_gen.pdbx_gene_src_fragment             ? 
_entity_src_gen.pdbx_gene_src_scientific_name      'Vibrio cholerae' 
_entity_src_gen.pdbx_gene_src_ncbi_taxonomy_id     666 
_entity_src_gen.pdbx_gene_src_variant              ? 
_entity_src_gen.pdbx_gene_src_cell_line            ? 
_entity_src_gen.pdbx_gene_src_atcc                 ? 
_entity_src_gen.pdbx_gene_src_organ                ? 
_entity_src_gen.pdbx_gene_src_organelle            ? 
_entity_src_gen.pdbx_gene_src_cell                 ? 
_entity_src_gen.pdbx_gene_src_cellular_location    ? 
_entity_src_gen.host_org_common_name               ? 
_entity_src_gen.pdbx_host_org_scientific_name      'Escherichia coli' 
_entity_src_gen.pdbx_host_org_ncbi_taxonomy_id     562 
_entity_src_gen.host_org_genus                     ? 
_entity_src_gen.pdbx_host_org_gene                 ? 
_entity_src_gen.pdbx_host_org_organ                ? 
_entity_src_gen.host_org_species                   ? 
_entity_src_gen.pdbx_host_org_tissue               ? 
_entity_src_gen.pdbx_host_org_tissue_fraction      ? 
_entity_src_gen.pdbx_host_org_strain               BL21DE3 
_entity_src_gen.pdbx_host_org_variant              ? 
_entity_src_gen.pdbx_host_org_cell_line            ? 
_entity_src_gen.pdbx_host_org_atcc                 ? 
_entity_src_gen.pdbx_host_org_culture_collection   ? 
_entity_src_gen.pdbx_host_org_cell                 ? 
_entity_src_gen.pdbx_host_org_organelle            ? 
_entity_src_gen.pdbx_host_org_cellular_location    ? 
_entity_src_gen.pdbx_host_org_vector_type          plasmid 
_entity_src_gen.pdbx_host_org_vector               ? 
_entity_src_gen.host_org_details                   ? 
_entity_src_gen.expression_system_id               ? 
_entity_src_gen.plasmid_name                       pMCSG7 
_entity_src_gen.plasmid_details                    ? 
_entity_src_gen.pdbx_description                   ? 
# 
loop_
_chem_comp.id 
_chem_comp.type 
_chem_comp.mon_nstd_flag 
_chem_comp.name 
_chem_comp.pdbx_synonyms 
_chem_comp.formula 
_chem_comp.formula_weight 
ALA 'L-peptide linking' y ALANINE          ? 'C3 H7 N O2'     89.093  
ARG 'L-peptide linking' y ARGININE         ? 'C6 H15 N4 O2 1' 175.209 
ASN 'L-peptide linking' y ASPARAGINE       ? 'C4 H8 N2 O3'    132.118 
ASP 'L-peptide linking' y 'ASPARTIC ACID'  ? 'C4 H7 N O4'     133.103 
CA  non-polymer         . 'CALCIUM ION'    ? 'Ca 2'           40.078  
CYS 'L-peptide linking' y CYSTEINE         ? 'C3 H7 N O2 S'   121.158 
GLN 'L-peptide linking' y GLUTAMINE        ? 'C5 H10 N2 O3'   146.144 
GLU 'L-peptide linking' y 'GLUTAMIC ACID'  ? 'C5 H9 N O4'     147.129 
GLY 'peptide linking'   y GLYCINE          ? 'C2 H5 N O2'     75.067  
HIS 'L-peptide linking' y HISTIDINE        ? 'C6 H10 N3 O2 1' 156.162 
HOH non-polymer         . WATER            ? 'H2 O'           18.015  
ILE 'L-peptide linking' y ISOLEUCINE       ? 'C6 H13 N O2'    131.173 
LEU 'L-peptide linking' y LEUCINE          ? 'C6 H13 N O2'    131.173 
LYS 'L-peptide linking' y LYSINE           ? 'C6 H15 N2 O2 1' 147.195 
MSE 'L-peptide linking' n SELENOMETHIONINE ? 'C5 H11 N O2 Se' 196.106 
PHE 'L-peptide linking' y PHENYLALANINE    ? 'C9 H11 N O2'    165.189 
PRO 'L-peptide linking' y PROLINE          ? 'C5 H9 N O2'     115.130 
SER 'L-peptide linking' y SERINE           ? 'C3 H7 N O3'     105.093 
THR 'L-peptide linking' y THREONINE        ? 'C4 H9 N O3'     119.119 
TRP 'L-peptide linking' y TRYPTOPHAN       ? 'C11 H12 N2 O2'  204.225 
TYR 'L-peptide linking' y TYROSINE         ? 'C9 H11 N O3'    181.189 
VAL 'L-peptide linking' y VALINE           ? 'C5 H11 N O2'    117.146 
# 
loop_
_pdbx_poly_seq_scheme.asym_id 
_pdbx_poly_seq_scheme.entity_id 
_pdbx_poly_seq_scheme.seq_id 
_pdbx_poly_seq_scheme.mon_id 
_pdbx_poly_seq_scheme.ndb_seq_num 
_pdbx_poly_seq_scheme.pdb_seq_num 
_pdbx_poly_seq_scheme.auth_seq_num 
_pdbx_poly_seq_scheme.pdb_mon_id 
_pdbx_poly_seq_scheme.auth_mon_id 
_pdbx_poly_seq_scheme.pdb_strand_id 
_pdbx_poly_seq_scheme.pdb_ins_code 
_pdbx_poly_seq_scheme.hetero 
A 1 1   SER 1   -2  ?   ?   ?   A . n 
A 1 2   ASN 2   -1  ?   ?   ?   A . n 
A 1 3   ALA 3   0   ?   ?   ?   A . n 
A 1 4   MSE 4   1   ?   ?   ?   A . n 
A 1 5   LYS 5   2   ?   ?   ?   A . n 
A 1 6   MSE 6   3   ?   ?   ?   A . n 
A 1 7   SER 7   4   ?   ?   ?   A . n 
A 1 8   GLU 8   5   ?   ?   ?   A . n 
A 1 9   LEU 9   6   6   LEU LEU A . n 
A 1 10  GLU 10  7   7   GLU GLU A . n 
A 1 11  LYS 11  8   8   LYS LYS A . n 
A 1 12  MSE 12  9   9   MSE MSE A . n 
A 1 13  LEU 13  10  10  LEU LEU A . n 
A 1 14  LYS 14  11  11  LYS LYS A . n 
A 1 15  GLY 15  12  12  GLY GLY A . n 
A 1 16  GLU 16  13  ?   ?   ?   A . n 
A 1 17  HIS 17  14  14  HIS HIS A . n 
A 1 18  PHE 18  15  ?   ?   ?   A . n 
A 1 19  ASP 19  16  ?   ?   ?   A . n 
A 1 20  GLY 20  17  ?   ?   ?   A . n 
A 1 21  ALA 21  18  18  ALA ALA A . n 
A 1 22  SER 22  19  19  SER SER A . n 
A 1 23  ALA 23  20  20  ALA ALA A . n 
A 1 24  GLU 24  21  21  GLU GLU A . n 
A 1 25  ILE 25  22  22  ILE ILE A . n 
A 1 26  GLU 26  23  23  GLU GLU A . n 
A 1 27  ALA 27  24  24  ALA ALA A . n 
A 1 28  LEU 28  25  25  LEU LEU A . n 
A 1 29  ARG 29  26  26  ARG ARG A . n 
A 1 30  SER 30  27  27  SER SER A . n 
A 1 31  GLN 31  28  28  GLN GLN A . n 
A 1 32  ALA 32  29  29  ALA ALA A . n 
A 1 33  GLY 33  30  30  GLY GLY A . n 
A 1 34  ARG 34  31  31  ARG ARG A . n 
A 1 35  LEU 35  32  32  LEU LEU A . n 
A 1 36  LYS 36  33  33  LYS LYS A . n 
A 1 37  LEU 37  34  34  LEU LEU A . n 
A 1 38  GLU 38  35  35  GLU GLU A . n 
A 1 39  ILE 39  36  36  ILE ILE A . n 
A 1 40  ASN 40  37  37  ASN ASN A . n 
A 1 41  GLN 41  38  38  GLN GLN A . n 
A 1 42  SER 42  39  39  SER SER A . n 
A 1 43  LEU 43  40  40  LEU LEU A . n 
A 1 44  ASP 44  41  41  ASP ASP A . n 
A 1 45  GLU 45  42  42  GLU GLU A . n 
A 1 46  ALA 46  43  43  ALA ALA A . n 
A 1 47  GLU 47  44  44  GLU GLU A . n 
A 1 48  ARG 48  45  45  ARG ARG A . n 
A 1 49  TYR 49  46  46  TYR TYR A . n 
A 1 50  ALA 50  47  47  ALA ALA A . n 
A 1 51  LEU 51  48  48  LEU LEU A . n 
A 1 52  GLN 52  49  49  GLN GLN A . n 
A 1 53  ARG 53  50  50  ARG ARG A . n 
A 1 54  GLU 54  51  51  GLU GLU A . n 
A 1 55  LEU 55  52  52  LEU LEU A . n 
A 1 56  PHE 56  53  53  PHE PHE A . n 
A 1 57  GLY 57  54  54  GLY GLY A . n 
A 1 58  HIS 58  55  55  HIS HIS A . n 
A 1 59  LEU 59  56  56  LEU LEU A . n 
A 1 60  GLY 60  57  57  GLY GLY A . n 
A 1 61  HIS 61  58  58  HIS HIS A . n 
A 1 62  LYS 62  59  59  LYS LYS A . n 
A 1 63  SER 63  60  60  SER SER A . n 
A 1 64  CYS 64  61  61  CYS CYS A . n 
A 1 65  VAL 65  62  62  VAL VAL A . n 
A 1 66  GLN 66  63  63  GLN GLN A . n 
A 1 67  PRO 67  64  64  PRO PRO A . n 
A 1 68  PRO 68  65  65  PRO PRO A . n 
A 1 69  PHE 69  66  66  PHE PHE A . n 
A 1 70  HIS 70  67  67  HIS HIS A . n 
A 1 71  CYS 71  68  68  CYS CYS A . n 
A 1 72  GLU 72  69  69  GLU GLU A . n 
A 1 73  PHE 73  70  70  PHE PHE A . n 
A 1 74  GLY 74  71  71  GLY GLY A . n 
A 1 75  LYS 75  72  72  LYS LYS A . n 
A 1 76  THR 76  73  73  THR THR A . n 
A 1 77  ILE 77  74  74  ILE ILE A . n 
A 1 78  ARG 78  75  75  ARG ARG A . n 
A 1 79  ILE 79  76  76  ILE ILE A . n 
A 1 80  GLY 80  77  77  GLY GLY A . n 
A 1 81  ASP 81  78  78  ASP ASP A . n 
A 1 82  HIS 82  79  79  HIS HIS A . n 
A 1 83  THR 83  80  80  THR THR A . n 
A 1 84  PHE 84  81  81  PHE PHE A . n 
A 1 85  ILE 85  82  82  ILE ILE A . n 
A 1 86  ASN 86  83  83  ASN ASN A . n 
A 1 87  MSE 87  84  84  MSE MSE A . n 
A 1 88  ASN 88  85  85  ASN ASN A . n 
A 1 89  VAL 89  86  86  VAL VAL A . n 
A 1 90  VAL 90  87  87  VAL VAL A . n 
A 1 91  MSE 91  88  88  MSE MSE A . n 
A 1 92  LEU 92  89  89  LEU LEU A . n 
A 1 93  ASP 93  90  90  ASP ASP A . n 
A 1 94  GLY 94  91  91  GLY GLY A . n 
A 1 95  ALA 95  92  92  ALA ALA A . n 
A 1 96  PRO 96  93  93  PRO PRO A . n 
A 1 97  ILE 97  94  94  ILE ILE A . n 
A 1 98  THR 98  95  95  THR THR A . n 
A 1 99  ILE 99  96  96  ILE ILE A . n 
A 1 100 GLY 100 97  97  GLY GLY A . n 
A 1 101 ASP 101 98  98  ASP ASP A . n 
A 1 102 HIS 102 99  99  HIS HIS A . n 
A 1 103 VAL 103 100 100 VAL VAL A . n 
A 1 104 LEU 104 101 101 LEU LEU A . n 
A 1 105 ILE 105 102 102 ILE ILE A . n 
A 1 106 GLY 106 103 103 GLY GLY A . n 
A 1 107 PRO 107 104 104 PRO PRO A . n 
A 1 108 SER 108 105 105 SER SER A . n 
A 1 109 THR 109 106 106 THR THR A . n 
A 1 110 GLN 110 107 107 GLN GLN A . n 
A 1 111 PHE 111 108 108 PHE PHE A . n 
A 1 112 TYR 112 109 109 TYR TYR A . n 
A 1 113 THR 113 110 110 THR THR A . n 
A 1 114 ALA 114 111 111 ALA ALA A . n 
A 1 115 SER 115 112 112 SER SER A . n 
A 1 116 HIS 116 113 113 HIS HIS A . n 
A 1 117 SER 117 114 114 SER SER A . n 
A 1 118 LEU 118 115 115 LEU LEU A . n 
A 1 119 ASP 119 116 116 ASP ASP A . n 
A 1 120 TYR 120 117 117 TYR TYR A . n 
A 1 121 ARG 121 118 118 ARG ARG A . n 
A 1 122 ARG 122 119 119 ARG ARG A . n 
A 1 123 ARG 123 120 120 ARG ARG A . n 
A 1 124 GLN 124 121 121 GLN GLN A . n 
A 1 125 ALA 125 122 122 ALA ALA A . n 
A 1 126 TRP 126 123 123 TRP TRP A . n 
A 1 127 GLU 127 124 124 GLU GLU A . n 
A 1 128 THR 128 125 125 THR THR A . n 
A 1 129 ILE 129 126 126 ILE ILE A . n 
A 1 130 CYS 130 127 127 CYS CYS A . n 
A 1 131 LYS 131 128 128 LYS LYS A . n 
A 1 132 PRO 132 129 129 PRO PRO A . n 
A 1 133 ILE 133 130 130 ILE ILE A . n 
A 1 134 VAL 134 131 131 VAL VAL A . n 
A 1 135 ILE 135 132 132 ILE ILE A . n 
A 1 136 GLU 136 133 133 GLU GLU A . n 
A 1 137 ASP 137 134 134 ASP ASP A . n 
A 1 138 ASP 138 135 135 ASP ASP A . n 
A 1 139 VAL 139 136 136 VAL VAL A . n 
A 1 140 TRP 140 137 137 TRP TRP A . n 
A 1 141 ILE 141 138 138 ILE ILE A . n 
A 1 142 GLY 142 139 139 GLY GLY A . n 
A 1 143 GLY 143 140 140 GLY GLY A . n 
A 1 144 ASN 144 141 141 ASN ASN A . n 
A 1 145 VAL 145 142 142 VAL VAL A . n 
A 1 146 VAL 146 143 143 VAL VAL A . n 
A 1 147 ILE 147 144 144 ILE ILE A . n 
A 1 148 ASN 148 145 145 ASN ASN A . n 
A 1 149 GLN 149 146 146 GLN GLN A . n 
A 1 150 GLY 150 147 147 GLY GLY A . n 
A 1 151 VAL 151 148 148 VAL VAL A . n 
A 1 152 THR 152 149 149 THR THR A . n 
A 1 153 ILE 153 150 150 ILE ILE A . n 
A 1 154 GLY 154 151 151 GLY GLY A . n 
A 1 155 ALA 155 152 152 ALA ALA A . n 
A 1 156 ARG 156 153 153 ARG ARG A . n 
A 1 157 SER 157 154 154 SER SER A . n 
A 1 158 VAL 158 155 155 VAL VAL A . n 
A 1 159 VAL 159 156 156 VAL VAL A . n 
A 1 160 ALA 160 157 157 ALA ALA A . n 
A 1 161 ALA 161 158 158 ALA ALA A . n 
A 1 162 ASN 162 159 159 ASN ASN A . n 
A 1 163 SER 163 160 160 SER SER A . n 
A 1 164 VAL 164 161 161 VAL VAL A . n 
A 1 165 VAL 165 162 162 VAL VAL A . n 
A 1 166 ASN 166 163 163 ASN ASN A . n 
A 1 167 GLN 167 164 164 GLN GLN A . n 
A 1 168 ASP 168 165 165 ASP ASP A . n 
A 1 169 VAL 169 166 166 VAL VAL A . n 
A 1 170 PRO 170 167 167 PRO PRO A . n 
A 1 171 PRO 171 168 168 PRO PRO A . n 
A 1 172 ASP 172 169 169 ASP ASP A . n 
A 1 173 THR 173 170 170 THR THR A . n 
A 1 174 LEU 174 171 171 LEU LEU A . n 
A 1 175 VAL 175 172 172 VAL VAL A . n 
A 1 176 GLY 176 173 173 GLY GLY A . n 
A 1 177 GLY 177 174 174 GLY GLY A . n 
A 1 178 THR 178 175 175 THR THR A . n 
A 1 179 PRO 179 176 176 PRO PRO A . n 
A 1 180 ALA 180 177 177 ALA ALA A . n 
A 1 181 ARG 181 178 178 ARG ARG A . n 
A 1 182 ILE 182 179 179 ILE ILE A . n 
A 1 183 LEU 183 180 180 LEU LEU A . n 
A 1 184 ARG 184 181 181 ARG ARG A . n 
A 1 185 SER 185 182 182 SER SER A . n 
A 1 186 LEU 186 183 183 LEU LEU A . n 
A 1 187 LYS 187 184 184 LYS LYS A . n 
A 1 188 ASP 188 185 185 ASP ASP A . n 
A 1 189 PRO 189 186 ?   ?   ?   A . n 
A 1 190 ALA 190 187 ?   ?   ?   A . n 
A 1 191 GLU 191 188 ?   ?   ?   A . n 
A 1 192 SER 192 189 ?   ?   ?   A . n 
A 1 193 MSE 193 190 ?   ?   ?   A . n 
A 1 194 ALA 194 191 ?   ?   ?   A . n 
A 1 195 GLU 195 192 ?   ?   ?   A . n 
# 
loop_
_pdbx_nonpoly_scheme.asym_id 
_pdbx_nonpoly_scheme.entity_id 
_pdbx_nonpoly_scheme.mon_id 
_pdbx_nonpoly_scheme.ndb_seq_num 
_pdbx_nonpoly_scheme.pdb_seq_num 
_pdbx_nonpoly_scheme.auth_seq_num 
_pdbx_nonpoly_scheme.pdb_mon_id 
_pdbx_nonpoly_scheme.auth_mon_id 
_pdbx_nonpoly_scheme.pdb_strand_id 
_pdbx_nonpoly_scheme.pdb_ins_code 
B 2 CA  1  193 1  CA  CA  A . 
C 2 CA  1  194 2  CA  CA  A . 
D 3 HOH 1  195 1  HOH HOH A . 
D 3 HOH 2  196 2  HOH HOH A . 
D 3 HOH 3  197 3  HOH HOH A . 
D 3 HOH 4  198 4  HOH HOH A . 
D 3 HOH 5  199 5  HOH HOH A . 
D 3 HOH 6  200 6  HOH HOH A . 
D 3 HOH 7  201 7  HOH HOH A . 
D 3 HOH 8  202 8  HOH HOH A . 
D 3 HOH 9  203 9  HOH HOH A . 
D 3 HOH 10 204 10 HOH HOH A . 
D 3 HOH 11 205 11 HOH HOH A . 
D 3 HOH 12 206 12 HOH HOH A . 
D 3 HOH 13 207 13 HOH HOH A . 
D 3 HOH 14 208 14 HOH HOH A . 
D 3 HOH 15 209 15 HOH HOH A . 
D 3 HOH 16 210 16 HOH HOH A . 
D 3 HOH 17 211 17 HOH HOH A . 
D 3 HOH 18 212 18 HOH HOH A . 
D 3 HOH 19 213 19 HOH HOH A . 
D 3 HOH 20 214 20 HOH HOH A . 
D 3 HOH 21 215 21 HOH HOH A . 
D 3 HOH 22 216 22 HOH HOH A . 
D 3 HOH 23 217 23 HOH HOH A . 
D 3 HOH 24 218 24 HOH HOH A . 
D 3 HOH 25 219 25 HOH HOH A . 
D 3 HOH 26 220 26 HOH HOH A . 
D 3 HOH 27 221 27 HOH HOH A . 
D 3 HOH 28 222 28 HOH HOH A . 
D 3 HOH 29 223 29 HOH HOH A . 
D 3 HOH 30 224 30 HOH HOH A . 
D 3 HOH 31 225 31 HOH HOH A . 
D 3 HOH 32 226 32 HOH HOH A . 
D 3 HOH 33 227 33 HOH HOH A . 
D 3 HOH 34 228 34 HOH HOH A . 
D 3 HOH 35 229 35 HOH HOH A . 
D 3 HOH 36 230 36 HOH HOH A . 
D 3 HOH 37 231 37 HOH HOH A . 
D 3 HOH 38 232 38 HOH HOH A . 
D 3 HOH 39 233 39 HOH HOH A . 
D 3 HOH 40 234 40 HOH HOH A . 
D 3 HOH 41 235 41 HOH HOH A . 
D 3 HOH 42 236 42 HOH HOH A . 
D 3 HOH 43 237 43 HOH HOH A . 
D 3 HOH 44 238 44 HOH HOH A . 
D 3 HOH 45 239 45 HOH HOH A . 
D 3 HOH 46 240 46 HOH HOH A . 
D 3 HOH 47 241 47 HOH HOH A . 
D 3 HOH 48 242 48 HOH HOH A . 
D 3 HOH 49 243 49 HOH HOH A . 
D 3 HOH 50 244 50 HOH HOH A . 
D 3 HOH 51 245 51 HOH HOH A . 
D 3 HOH 52 246 52 HOH HOH A . 
D 3 HOH 53 247 53 HOH HOH A . 
D 3 HOH 54 248 54 HOH HOH A . 
D 3 HOH 55 249 55 HOH HOH A . 
D 3 HOH 56 250 56 HOH HOH A . 
D 3 HOH 57 251 57 HOH HOH A . 
D 3 HOH 58 252 58 HOH HOH A . 
D 3 HOH 59 253 59 HOH HOH A . 
D 3 HOH 60 254 60 HOH HOH A . 
D 3 HOH 61 255 61 HOH HOH A . 
D 3 HOH 62 256 62 HOH HOH A . 
D 3 HOH 63 257 63 HOH HOH A . 
D 3 HOH 64 258 64 HOH HOH A . 
D 3 HOH 65 259 65 HOH HOH A . 
D 3 HOH 66 260 66 HOH HOH A . 
D 3 HOH 67 261 67 HOH HOH A . 
D 3 HOH 68 262 68 HOH HOH A . 
# 
loop_
_software.name 
_software.classification 
_software.version 
_software.citation_id 
_software.pdbx_ordinal 
SBC-Collect 'data collection' .        ? 1  
HKL-3000    'data collection' .        ? 2  
HKL-3000    phasing           .        ? 3  
MLPHARE     phasing           .        ? 4  
DM          'model building'  .        ? 5  
SHELXD      phasing           .        ? 6  
RESOLVE     'model building'  .        ? 7  
Coot        'model building'  .        ? 8  
REFMAC      refinement        5.5.0053 ? 9  
HKL-3000    'data reduction'  .        ? 10 
HKL-3000    'data scaling'    .        ? 11 
DM          phasing           .        ? 12 
RESOLVE     phasing           .        ? 13 
# 
_cell.entry_id           3ECT 
_cell.length_a           73.319 
_cell.length_b           73.319 
_cell.length_c           178.515 
_cell.angle_alpha        90.00 
_cell.angle_beta         90.00 
_cell.angle_gamma        120.00 
_cell.Z_PDB              18 
_cell.pdbx_unique_axis   ? 
_cell.length_a_esd       ? 
_cell.length_b_esd       ? 
_cell.length_c_esd       ? 
_cell.angle_alpha_esd    ? 
_cell.angle_beta_esd     ? 
_cell.angle_gamma_esd    ? 
# 
_symmetry.entry_id                         3ECT 
_symmetry.space_group_name_H-M             'H 3 2' 
_symmetry.pdbx_full_space_group_name_H-M   ? 
_symmetry.cell_setting                     ? 
_symmetry.Int_Tables_number                155 
_symmetry.space_group_name_Hall            ? 
# 
_exptl.entry_id          3ECT 
_exptl.method            'X-RAY DIFFRACTION' 
_exptl.crystals_number   1 
# 
_exptl_crystal.id                    1 
_exptl_crystal.density_meas          ? 
_exptl_crystal.density_Matthews      2.12 
_exptl_crystal.density_percent_sol   42.11 
_exptl_crystal.description           ? 
_exptl_crystal.F_000                 ? 
_exptl_crystal.preparation           ? 
# 
_exptl_crystal_grow.crystal_id      1 
_exptl_crystal_grow.method          'VAPOR DIFFUSION, SITTING DROP' 
_exptl_crystal_grow.temp            295 
_exptl_crystal_grow.temp_details    ? 
_exptl_crystal_grow.pH              4.6 
_exptl_crystal_grow.pdbx_details    
'0.02 M Calcium Chloride, 0.1 M Sodium Acetate, 30% MPD, pH 4.6, VAPOR DIFFUSION, SITTING DROP, temperature 295K' 
_exptl_crystal_grow.pdbx_pH_range   ? 
# 
_diffrn.id                     1 
_diffrn.ambient_temp           100 
_diffrn.ambient_temp_details   ? 
_diffrn.crystal_id             1 
# 
_diffrn_detector.diffrn_id              1 
_diffrn_detector.detector               CCD 
_diffrn_detector.type                   SBC-3 
_diffrn_detector.pdbx_collection_date   2008-08-10 
_diffrn_detector.details                mirrors 
# 
_diffrn_radiation.diffrn_id                        1 
_diffrn_radiation.wavelength_id                    1 
_diffrn_radiation.pdbx_monochromatic_or_laue_m_l   M 
_diffrn_radiation.monochromator                    'double crystal monochromator' 
_diffrn_radiation.pdbx_diffrn_protocol             'SINGLE WAVELENGTH' 
_diffrn_radiation.pdbx_scattering_type             x-ray 
# 
_diffrn_radiation_wavelength.id           1 
_diffrn_radiation_wavelength.wavelength   0.9793 
_diffrn_radiation_wavelength.wt           1.0 
# 
_diffrn_source.diffrn_id                   1 
_diffrn_source.source                      SYNCHROTRON 
_diffrn_source.type                        'APS BEAMLINE 19-BM' 
_diffrn_source.pdbx_synchrotron_site       APS 
_diffrn_source.pdbx_synchrotron_beamline   19-BM 
_diffrn_source.pdbx_wavelength             ? 
_diffrn_source.pdbx_wavelength_list        0.9793 
# 
_reflns.entry_id                     3ECT 
_reflns.observed_criterion_sigma_I   0.0 
_reflns.observed_criterion_sigma_F   0.0 
_reflns.d_resolution_low             31.26 
_reflns.d_resolution_high            2.5 
_reflns.number_obs                   6617 
_reflns.number_all                   6617 
_reflns.percent_possible_obs         99.9 
_reflns.pdbx_Rmerge_I_obs            0.090 
_reflns.pdbx_Rsym_value              ? 
_reflns.pdbx_netI_over_sigmaI        6.0 
_reflns.B_iso_Wilson_estimate        57.6 
_reflns.pdbx_redundancy              12.2 
_reflns.R_free_details               ? 
_reflns.limit_h_max                  ? 
_reflns.limit_h_min                  ? 
_reflns.limit_k_max                  ? 
_reflns.limit_k_min                  ? 
_reflns.limit_l_max                  ? 
_reflns.limit_l_min                  ? 
_reflns.observed_criterion_F_max     ? 
_reflns.observed_criterion_F_min     ? 
_reflns.pdbx_chi_squared             ? 
_reflns.pdbx_scaling_rejects         ? 
_reflns.pdbx_ordinal                 1 
_reflns.pdbx_diffrn_id               1 
# 
_reflns_shell.d_res_high             2.5 
_reflns_shell.d_res_low              2.54 
_reflns_shell.percent_possible_all   100 
_reflns_shell.Rmerge_I_obs           0.751 
_reflns_shell.pdbx_Rsym_value        ? 
_reflns_shell.meanI_over_sigI_obs    2.16 
_reflns_shell.pdbx_redundancy        10.9 
_reflns_shell.percent_possible_obs   ? 
_reflns_shell.number_unique_all      327 
_reflns_shell.number_measured_all    ? 
_reflns_shell.number_measured_obs    ? 
_reflns_shell.number_unique_obs      ? 
_reflns_shell.pdbx_chi_squared       ? 
_reflns_shell.pdbx_ordinal           1 
_reflns_shell.pdbx_diffrn_id         1 
# 
_refine.entry_id                                 3ECT 
_refine.ls_number_reflns_obs                     6302 
_refine.ls_number_reflns_all                     6302 
_refine.pdbx_ls_sigma_I                          0.0 
_refine.pdbx_ls_sigma_F                          0.0 
_refine.pdbx_data_cutoff_high_absF               ? 
_refine.pdbx_data_cutoff_low_absF                ? 
_refine.pdbx_data_cutoff_high_rms_absF           ? 
_refine.ls_d_res_low                             31.26 
_refine.ls_d_res_high                            2.51 
_refine.ls_percent_reflns_obs                    99.67 
_refine.ls_R_factor_obs                          0.196 
_refine.ls_R_factor_all                          0.196 
_refine.ls_R_factor_R_work                       0.193 
_refine.ls_R_factor_R_free                       0.251 
_refine.ls_R_factor_R_free_error                 ? 
_refine.ls_R_factor_R_free_error_details         ? 
_refine.ls_percent_reflns_R_free                 4.7 
_refine.ls_number_reflns_R_free                  314 
_refine.ls_number_parameters                     ? 
_refine.ls_number_restraints                     ? 
_refine.occupancy_min                            ? 
_refine.occupancy_max                            ? 
_refine.correlation_coeff_Fo_to_Fc               0.963 
_refine.correlation_coeff_Fo_to_Fc_free          0.956 
_refine.B_iso_mean                               44.646 
_refine.aniso_B[1][1]                            2.12 
_refine.aniso_B[2][2]                            2.12 
_refine.aniso_B[3][3]                            -3.18 
_refine.aniso_B[1][2]                            1.06 
_refine.aniso_B[1][3]                            0.00 
_refine.aniso_B[2][3]                            0.00 
_refine.solvent_model_details                    MASK 
_refine.solvent_model_param_ksol                 ? 
_refine.solvent_model_param_bsol                 ? 
_refine.pdbx_solvent_vdw_probe_radii             1.20 
_refine.pdbx_solvent_ion_probe_radii             0.80 
_refine.pdbx_solvent_shrinkage_radii             0.80 
_refine.pdbx_ls_cross_valid_method               THROUGHOUT 
_refine.details                                  ? 
_refine.pdbx_starting_model                      ? 
_refine.pdbx_method_to_determine_struct          SAD 
_refine.pdbx_isotropic_thermal_model             ? 
_refine.pdbx_stereochemistry_target_values       'MAXIMUM LIKELIHOOD WITH PHASES' 
_refine.pdbx_stereochem_target_val_spec_case     ? 
_refine.pdbx_R_Free_selection_details            RANDOM 
_refine.pdbx_overall_ESU_R                       0.806 
_refine.pdbx_overall_ESU_R_Free                  0.305 
_refine.overall_SU_ML                            0.232 
_refine.overall_SU_B                             23.109 
_refine.ls_redundancy_reflns_obs                 ? 
_refine.B_iso_min                                ? 
_refine.B_iso_max                                ? 
_refine.overall_SU_R_Cruickshank_DPI             ? 
_refine.overall_SU_R_free                        ? 
_refine.ls_wR_factor_R_free                      ? 
_refine.ls_wR_factor_R_work                      ? 
_refine.overall_FOM_free_R_set                   ? 
_refine.overall_FOM_work_R_set                   ? 
_refine.pdbx_overall_phase_error                 ? 
_refine.pdbx_refine_id                           'X-RAY DIFFRACTION' 
_refine.pdbx_TLS_residual_ADP_flag               'LIKELY RESIDUAL' 
_refine.pdbx_diffrn_id                           1 
_refine.pdbx_overall_SU_R_free_Cruickshank_DPI   ? 
_refine.pdbx_overall_SU_R_Blow_DPI               ? 
_refine.pdbx_overall_SU_R_free_Blow_DPI          ? 
# 
_refine_hist.pdbx_refine_id                   'X-RAY DIFFRACTION' 
_refine_hist.cycle_id                         LAST 
_refine_hist.pdbx_number_atoms_protein        1362 
_refine_hist.pdbx_number_atoms_nucleic_acid   0 
_refine_hist.pdbx_number_atoms_ligand         2 
_refine_hist.number_atoms_solvent             68 
_refine_hist.number_atoms_total               1432 
_refine_hist.d_res_high                       2.51 
_refine_hist.d_res_low                        31.26 
# 
loop_
_refine_ls_restr.type 
_refine_ls_restr.dev_ideal 
_refine_ls_restr.dev_ideal_target 
_refine_ls_restr.weight 
_refine_ls_restr.number 
_refine_ls_restr.pdbx_refine_id 
_refine_ls_restr.pdbx_restraint_function 
r_bond_refined_d             0.016  0.022  ? 1396 'X-RAY DIFFRACTION' ? 
r_bond_other_d               ?      ?      ? ?    'X-RAY DIFFRACTION' ? 
r_angle_refined_deg          1.620  1.950  ? 1891 'X-RAY DIFFRACTION' ? 
r_angle_other_deg            ?      ?      ? ?    'X-RAY DIFFRACTION' ? 
r_dihedral_angle_1_deg       6.356  5.000  ? 175  'X-RAY DIFFRACTION' ? 
r_dihedral_angle_2_deg       40.847 23.906 ? 64   'X-RAY DIFFRACTION' ? 
r_dihedral_angle_3_deg       21.644 15.000 ? 239  'X-RAY DIFFRACTION' ? 
r_dihedral_angle_4_deg       18.052 15.000 ? 11   'X-RAY DIFFRACTION' ? 
r_chiral_restr               0.104  0.200  ? 216  'X-RAY DIFFRACTION' ? 
r_gen_planes_refined         0.007  0.021  ? 1052 'X-RAY DIFFRACTION' ? 
r_gen_planes_other           ?      ?      ? ?    'X-RAY DIFFRACTION' ? 
r_nbd_refined                ?      ?      ? ?    'X-RAY DIFFRACTION' ? 
r_nbd_other                  ?      ?      ? ?    'X-RAY DIFFRACTION' ? 
r_nbtor_refined              ?      ?      ? ?    'X-RAY DIFFRACTION' ? 
r_nbtor_other                ?      ?      ? ?    'X-RAY DIFFRACTION' ? 
r_xyhbond_nbd_refined        ?      ?      ? ?    'X-RAY DIFFRACTION' ? 
r_xyhbond_nbd_other          ?      ?      ? ?    'X-RAY DIFFRACTION' ? 
r_metal_ion_refined          ?      ?      ? ?    'X-RAY DIFFRACTION' ? 
r_metal_ion_other            ?      ?      ? ?    'X-RAY DIFFRACTION' ? 
r_symmetry_vdw_refined       ?      ?      ? ?    'X-RAY DIFFRACTION' ? 
r_symmetry_vdw_other         ?      ?      ? ?    'X-RAY DIFFRACTION' ? 
r_symmetry_hbond_refined     ?      ?      ? ?    'X-RAY DIFFRACTION' ? 
r_symmetry_hbond_other       ?      ?      ? ?    'X-RAY DIFFRACTION' ? 
r_symmetry_metal_ion_refined ?      ?      ? ?    'X-RAY DIFFRACTION' ? 
r_symmetry_metal_ion_other   ?      ?      ? ?    'X-RAY DIFFRACTION' ? 
r_mcbond_it                  0.708  1.500  ? 876  'X-RAY DIFFRACTION' ? 
r_mcbond_other               ?      ?      ? ?    'X-RAY DIFFRACTION' ? 
r_mcangle_it                 1.387  2.000  ? 1415 'X-RAY DIFFRACTION' ? 
r_scbond_it                  2.143  3.000  ? 520  'X-RAY DIFFRACTION' ? 
r_scangle_it                 3.513  4.500  ? 476  'X-RAY DIFFRACTION' ? 
r_rigid_bond_restr           ?      ?      ? ?    'X-RAY DIFFRACTION' ? 
r_sphericity_free            ?      ?      ? ?    'X-RAY DIFFRACTION' ? 
r_sphericity_bonded          ?      ?      ? ?    'X-RAY DIFFRACTION' ? 
# 
_refine_ls_shell.pdbx_total_number_of_bins_used   20 
_refine_ls_shell.d_res_high                       2.51 
_refine_ls_shell.d_res_low                        2.570 
_refine_ls_shell.number_reflns_R_work             430 
_refine_ls_shell.R_factor_R_work                  0.224 
_refine_ls_shell.percent_reflns_obs               96.38 
_refine_ls_shell.R_factor_R_free                  0.296 
_refine_ls_shell.R_factor_R_free_error            ? 
_refine_ls_shell.percent_reflns_R_free            ? 
_refine_ls_shell.number_reflns_R_free             22 
_refine_ls_shell.number_reflns_all                ? 
_refine_ls_shell.R_factor_all                     ? 
_refine_ls_shell.number_reflns_obs                452 
_refine_ls_shell.redundancy_reflns_obs            ? 
_refine_ls_shell.pdbx_refine_id                   'X-RAY DIFFRACTION' 
# 
_struct.entry_id                  3ECT 
_struct.title                     
'Crystal Structure of the Hexapeptide-Repeat Containing-Acetyltransferase VCA0836 from Vibrio cholerae' 
_struct.pdbx_model_details        ? 
_struct.pdbx_CASP_flag            N 
_struct.pdbx_model_type_details   ? 
# 
_struct_keywords.entry_id        3ECT 
_struct_keywords.pdbx_keywords   TRANSFERASE 
_struct_keywords.text            
'alpha-beta structure, beta-helix, TRANSFERASE, Structural Genomics, Center for Structural Genomics of Infectious Diseases, CSGID' 
# 
loop_
_struct_asym.id 
_struct_asym.pdbx_blank_PDB_chainid_flag 
_struct_asym.pdbx_modified 
_struct_asym.entity_id 
_struct_asym.details 
A N N 1 ? 
B N N 2 ? 
C N N 2 ? 
D N N 3 ? 
# 
_struct_ref.id                         1 
_struct_ref.db_name                    UNP 
_struct_ref.db_code                    Q9KLB0_VIBCH 
_struct_ref.pdbx_db_accession          Q9KLB0 
_struct_ref.entity_id                  1 
_struct_ref.pdbx_seq_one_letter_code   
;MKMSELEKMLKGEHFDGASAEIEALRSQAGRLKLEINQSLDEAERYALQRELFGHLGHKSCVQPPFHCEFGKTIRIGDHT
FINMNVVMLDGAPITIGDHVLIGPSTQFYTASHSLDYRRRQAWETICKPIVIEDDVWIGGNVVINQGVTIGARSVVAANS
VVNQDVPPDTLVGGTPARILRSLKDPAESMAE
;
_struct_ref.pdbx_align_begin           1 
_struct_ref.pdbx_db_isoform            ? 
# 
_struct_ref_seq.align_id                      1 
_struct_ref_seq.ref_id                        1 
_struct_ref_seq.pdbx_PDB_id_code              3ECT 
_struct_ref_seq.pdbx_strand_id                A 
_struct_ref_seq.seq_align_beg                 4 
_struct_ref_seq.pdbx_seq_align_beg_ins_code   ? 
_struct_ref_seq.seq_align_end                 195 
_struct_ref_seq.pdbx_seq_align_end_ins_code   ? 
_struct_ref_seq.pdbx_db_accession             Q9KLB0 
_struct_ref_seq.db_align_beg                  1 
_struct_ref_seq.pdbx_db_align_beg_ins_code    ? 
_struct_ref_seq.db_align_end                  192 
_struct_ref_seq.pdbx_db_align_end_ins_code    ? 
_struct_ref_seq.pdbx_auth_seq_align_beg       1 
_struct_ref_seq.pdbx_auth_seq_align_end       192 
# 
loop_
_struct_ref_seq_dif.align_id 
_struct_ref_seq_dif.pdbx_pdb_id_code 
_struct_ref_seq_dif.mon_id 
_struct_ref_seq_dif.pdbx_pdb_strand_id 
_struct_ref_seq_dif.seq_num 
_struct_ref_seq_dif.pdbx_pdb_ins_code 
_struct_ref_seq_dif.pdbx_seq_db_name 
_struct_ref_seq_dif.pdbx_seq_db_accession_code 
_struct_ref_seq_dif.db_mon_id 
_struct_ref_seq_dif.pdbx_seq_db_seq_num 
_struct_ref_seq_dif.details 
_struct_ref_seq_dif.pdbx_auth_seq_num 
_struct_ref_seq_dif.pdbx_ordinal 
1 3ECT SER A 1 ? UNP Q9KLB0 ? ? 'expression tag' -2 1 
1 3ECT ASN A 2 ? UNP Q9KLB0 ? ? 'expression tag' -1 2 
1 3ECT ALA A 3 ? UNP Q9KLB0 ? ? 'expression tag' 0  3 
# 
_pdbx_struct_assembly.id                   1 
_pdbx_struct_assembly.details              author_and_software_defined_assembly 
_pdbx_struct_assembly.method_details       PISA 
_pdbx_struct_assembly.oligomeric_details   trimeric 
_pdbx_struct_assembly.oligomeric_count     3 
# 
loop_
_pdbx_struct_assembly_prop.biol_id 
_pdbx_struct_assembly_prop.type 
_pdbx_struct_assembly_prop.value 
_pdbx_struct_assembly_prop.details 
1 'ABSA (A^2)' 7740  ? 
1 MORE         -122  ? 
1 'SSA (A^2)'  21150 ? 
# 
_pdbx_struct_assembly_gen.assembly_id       1 
_pdbx_struct_assembly_gen.oper_expression   1,2,3 
_pdbx_struct_assembly_gen.asym_id_list      A,B,C,D 
# 
loop_
_pdbx_struct_oper_list.id 
_pdbx_struct_oper_list.type 
_pdbx_struct_oper_list.name 
_pdbx_struct_oper_list.symmetry_operation 
_pdbx_struct_oper_list.matrix[1][1] 
_pdbx_struct_oper_list.matrix[1][2] 
_pdbx_struct_oper_list.matrix[1][3] 
_pdbx_struct_oper_list.vector[1] 
_pdbx_struct_oper_list.matrix[2][1] 
_pdbx_struct_oper_list.matrix[2][2] 
_pdbx_struct_oper_list.matrix[2][3] 
_pdbx_struct_oper_list.vector[2] 
_pdbx_struct_oper_list.matrix[3][1] 
_pdbx_struct_oper_list.matrix[3][2] 
_pdbx_struct_oper_list.matrix[3][3] 
_pdbx_struct_oper_list.vector[3] 
1 'identity operation'         1_555 x,y,z     1.0000000000 0.0000000000  0.0000000000 0.0000000000  0.0000000000  1.0000000000  0.0000000000  0.0000000000   0.0000000000 0.0000000000  1.0000000000  0.0000000000   
2 'crystal symmetry operation' 2_555 -y,x-y,z  0.6609000901 -0.2694466408 0.7004352780 8.1531996011  -0.7498117320 -0.2762754006 0.6012106699  1.6328966468   0.0315188415 -0.9225347749 -0.3846246896 -23.5885778417 
3 'crystal symmetry operation' 3_555 -x+y,-x,z 0.6609000901 -0.7498117320 0.0315188415 -3.4206006412 -0.2694466408 -0.2762754006 -0.9225347749 -19.1133019285 0.7004352780 0.6012106699  -0.3846246896 -15.7652529454 
# 
_struct_biol.id        1 
_struct_biol.details   ? 
# 
loop_
_struct_conf.conf_type_id 
_struct_conf.id 
_struct_conf.pdbx_PDB_helix_id 
_struct_conf.beg_label_comp_id 
_struct_conf.beg_label_asym_id 
_struct_conf.beg_label_seq_id 
_struct_conf.pdbx_beg_PDB_ins_code 
_struct_conf.end_label_comp_id 
_struct_conf.end_label_asym_id 
_struct_conf.end_label_seq_id 
_struct_conf.pdbx_end_PDB_ins_code 
_struct_conf.beg_auth_comp_id 
_struct_conf.beg_auth_asym_id 
_struct_conf.beg_auth_seq_id 
_struct_conf.end_auth_comp_id 
_struct_conf.end_auth_asym_id 
_struct_conf.end_auth_seq_id 
_struct_conf.pdbx_PDB_helix_class 
_struct_conf.details 
_struct_conf.pdbx_PDB_helix_length 
HELX_P HELX_P1 1 LEU A 9   ? LYS A 14  ? LEU A 6   LYS A 11  1 ? 6  
HELX_P HELX_P2 2 SER A 22  ? SER A 42  ? SER A 19  SER A 39  1 ? 21 
HELX_P HELX_P3 3 ASP A 44  ? PHE A 56  ? ASP A 41  PHE A 53  1 ? 13 
HELX_P HELX_P4 4 ASP A 119 ? GLN A 124 ? ASP A 116 GLN A 121 5 ? 6  
# 
_struct_conf_type.id          HELX_P 
_struct_conf_type.criteria    ? 
_struct_conf_type.reference   ? 
# 
loop_
_struct_conn.id 
_struct_conn.conn_type_id 
_struct_conn.pdbx_leaving_atom_flag 
_struct_conn.pdbx_PDB_id 
_struct_conn.ptnr1_label_asym_id 
_struct_conn.ptnr1_label_comp_id 
_struct_conn.ptnr1_label_seq_id 
_struct_conn.ptnr1_label_atom_id 
_struct_conn.pdbx_ptnr1_label_alt_id 
_struct_conn.pdbx_ptnr1_PDB_ins_code 
_struct_conn.pdbx_ptnr1_standard_comp_id 
_struct_conn.ptnr1_symmetry 
_struct_conn.ptnr2_label_asym_id 
_struct_conn.ptnr2_label_comp_id 
_struct_conn.ptnr2_label_seq_id 
_struct_conn.ptnr2_label_atom_id 
_struct_conn.pdbx_ptnr2_label_alt_id 
_struct_conn.pdbx_ptnr2_PDB_ins_code 
_struct_conn.ptnr1_auth_asym_id 
_struct_conn.ptnr1_auth_comp_id 
_struct_conn.ptnr1_auth_seq_id 
_struct_conn.ptnr2_auth_asym_id 
_struct_conn.ptnr2_auth_comp_id 
_struct_conn.ptnr2_auth_seq_id 
_struct_conn.ptnr2_symmetry 
_struct_conn.pdbx_ptnr3_label_atom_id 
_struct_conn.pdbx_ptnr3_label_seq_id 
_struct_conn.pdbx_ptnr3_label_comp_id 
_struct_conn.pdbx_ptnr3_label_asym_id 
_struct_conn.pdbx_ptnr3_label_alt_id 
_struct_conn.pdbx_ptnr3_PDB_ins_code 
_struct_conn.details 
_struct_conn.pdbx_dist_value 
_struct_conn.pdbx_value_order 
_struct_conn.pdbx_role 
covale1 covale both ? A LYS 11  C   ? ? ? 1_555 A MSE 12 N  ? ? A LYS 8   A MSE 9   1_555 ? ? ? ? ? ? ? 1.340 ? ? 
covale2 covale both ? A MSE 12  C   ? ? ? 1_555 A LEU 13 N  ? ? A MSE 9   A LEU 10  1_555 ? ? ? ? ? ? ? 1.350 ? ? 
covale3 covale both ? A ASN 86  C   ? ? ? 1_555 A MSE 87 N  ? ? A ASN 83  A MSE 84  1_555 ? ? ? ? ? ? ? 1.332 ? ? 
covale4 covale both ? A MSE 87  C   ? ? ? 1_555 A ASN 88 N  ? ? A MSE 84  A ASN 85  1_555 ? ? ? ? ? ? ? 1.336 ? ? 
covale5 covale both ? A VAL 90  C   ? ? ? 1_555 A MSE 91 N  ? ? A VAL 87  A MSE 88  1_555 ? ? ? ? ? ? ? 1.341 ? ? 
covale6 covale both ? A MSE 91  C   ? ? ? 1_555 A LEU 92 N  ? ? A MSE 88  A LEU 89  1_555 ? ? ? ? ? ? ? 1.333 ? ? 
metalc1 metalc ?    ? A GLY 150 O   ? ? ? 1_555 B CA  .  CA ? ? A GLY 147 A CA  193 1_555 ? ? ? ? ? ? ? 2.167 ? ? 
metalc2 metalc ?    ? A ASP 168 OD1 ? ? ? 1_555 B CA  .  CA ? ? A ASP 165 A CA  193 1_555 ? ? ? ? ? ? ? 2.825 ? ? 
metalc3 metalc ?    ? A ASP 168 OD2 ? ? ? 1_555 B CA  .  CA ? ? A ASP 165 A CA  193 1_555 ? ? ? ? ? ? ? 2.511 ? ? 
metalc4 metalc ?    ? B CA  .   CA  ? ? ? 1_555 D HOH .  O  ? ? A CA  193 A HOH 240 1_555 ? ? ? ? ? ? ? 2.383 ? ? 
metalc5 metalc ?    ? C CA  .   CA  ? ? ? 1_555 D HOH .  O  ? ? A CA  194 A HOH 206 1_555 ? ? ? ? ? ? ? 2.365 ? ? 
metalc6 metalc ?    ? C CA  .   CA  ? ? ? 1_555 D HOH .  O  ? ? A CA  194 A HOH 262 1_555 ? ? ? ? ? ? ? 2.269 ? ? 
# 
loop_
_struct_conn_type.id 
_struct_conn_type.criteria 
_struct_conn_type.reference 
covale ? ? 
metalc ? ? 
# 
loop_
_pdbx_struct_conn_angle.id 
_pdbx_struct_conn_angle.ptnr1_label_atom_id 
_pdbx_struct_conn_angle.ptnr1_label_alt_id 
_pdbx_struct_conn_angle.ptnr1_label_asym_id 
_pdbx_struct_conn_angle.ptnr1_label_comp_id 
_pdbx_struct_conn_angle.ptnr1_label_seq_id 
_pdbx_struct_conn_angle.ptnr1_auth_atom_id 
_pdbx_struct_conn_angle.ptnr1_auth_asym_id 
_pdbx_struct_conn_angle.ptnr1_auth_comp_id 
_pdbx_struct_conn_angle.ptnr1_auth_seq_id 
_pdbx_struct_conn_angle.ptnr1_PDB_ins_code 
_pdbx_struct_conn_angle.ptnr1_symmetry 
_pdbx_struct_conn_angle.ptnr2_label_atom_id 
_pdbx_struct_conn_angle.ptnr2_label_alt_id 
_pdbx_struct_conn_angle.ptnr2_label_asym_id 
_pdbx_struct_conn_angle.ptnr2_label_comp_id 
_pdbx_struct_conn_angle.ptnr2_label_seq_id 
_pdbx_struct_conn_angle.ptnr2_auth_atom_id 
_pdbx_struct_conn_angle.ptnr2_auth_asym_id 
_pdbx_struct_conn_angle.ptnr2_auth_comp_id 
_pdbx_struct_conn_angle.ptnr2_auth_seq_id 
_pdbx_struct_conn_angle.ptnr2_PDB_ins_code 
_pdbx_struct_conn_angle.ptnr2_symmetry 
_pdbx_struct_conn_angle.ptnr3_label_atom_id 
_pdbx_struct_conn_angle.ptnr3_label_alt_id 
_pdbx_struct_conn_angle.ptnr3_label_asym_id 
_pdbx_struct_conn_angle.ptnr3_label_comp_id 
_pdbx_struct_conn_angle.ptnr3_label_seq_id 
_pdbx_struct_conn_angle.ptnr3_auth_atom_id 
_pdbx_struct_conn_angle.ptnr3_auth_asym_id 
_pdbx_struct_conn_angle.ptnr3_auth_comp_id 
_pdbx_struct_conn_angle.ptnr3_auth_seq_id 
_pdbx_struct_conn_angle.ptnr3_PDB_ins_code 
_pdbx_struct_conn_angle.ptnr3_symmetry 
_pdbx_struct_conn_angle.value 
_pdbx_struct_conn_angle.value_esd 
1 O   ? A GLY 150 ? A GLY 147 ? 1_555 CA ? B CA . ? A CA 193 ? 1_555 OD1 ? A ASP 168 ? A ASP 165 ? 1_555 80.0  ? 
2 O   ? A GLY 150 ? A GLY 147 ? 1_555 CA ? B CA . ? A CA 193 ? 1_555 OD2 ? A ASP 168 ? A ASP 165 ? 1_555 129.5 ? 
3 OD1 ? A ASP 168 ? A ASP 165 ? 1_555 CA ? B CA . ? A CA 193 ? 1_555 OD2 ? A ASP 168 ? A ASP 165 ? 1_555 49.6  ? 
4 O   ? A GLY 150 ? A GLY 147 ? 1_555 CA ? B CA . ? A CA 193 ? 1_555 O   ? D HOH .   ? A HOH 240 ? 1_555 83.6  ? 
5 OD1 ? A ASP 168 ? A ASP 165 ? 1_555 CA ? B CA . ? A CA 193 ? 1_555 O   ? D HOH .   ? A HOH 240 ? 1_555 81.1  ? 
6 OD2 ? A ASP 168 ? A ASP 165 ? 1_555 CA ? B CA . ? A CA 193 ? 1_555 O   ? D HOH .   ? A HOH 240 ? 1_555 89.5  ? 
7 O   ? D HOH .   ? A HOH 206 ? 1_555 CA ? C CA . ? A CA 194 ? 1_555 O   ? D HOH .   ? A HOH 262 ? 1_555 124.3 ? 
# 
loop_
_pdbx_modification_feature.ordinal 
_pdbx_modification_feature.label_comp_id 
_pdbx_modification_feature.label_asym_id 
_pdbx_modification_feature.label_seq_id 
_pdbx_modification_feature.label_alt_id 
_pdbx_modification_feature.modified_residue_label_comp_id 
_pdbx_modification_feature.modified_residue_label_asym_id 
_pdbx_modification_feature.modified_residue_label_seq_id 
_pdbx_modification_feature.modified_residue_label_alt_id 
_pdbx_modification_feature.auth_comp_id 
_pdbx_modification_feature.auth_asym_id 
_pdbx_modification_feature.auth_seq_id 
_pdbx_modification_feature.PDB_ins_code 
_pdbx_modification_feature.symmetry 
_pdbx_modification_feature.modified_residue_auth_comp_id 
_pdbx_modification_feature.modified_residue_auth_asym_id 
_pdbx_modification_feature.modified_residue_auth_seq_id 
_pdbx_modification_feature.modified_residue_PDB_ins_code 
_pdbx_modification_feature.modified_residue_symmetry 
_pdbx_modification_feature.comp_id_linking_atom 
_pdbx_modification_feature.modified_residue_id_linking_atom 
_pdbx_modification_feature.modified_residue_id 
_pdbx_modification_feature.ref_pcm_id 
_pdbx_modification_feature.ref_comp_id 
_pdbx_modification_feature.type 
_pdbx_modification_feature.category 
1 MSE A 12 ? . . . . MSE A 9  ? 1_555 . . . . . . . MET 1 MSE Selenomethionine 'Named protein modification' 
2 MSE A 87 ? . . . . MSE A 84 ? 1_555 . . . . . . . MET 1 MSE Selenomethionine 'Named protein modification' 
3 MSE A 91 ? . . . . MSE A 88 ? 1_555 . . . . . . . MET 1 MSE Selenomethionine 'Named protein modification' 
# 
loop_
_struct_mon_prot_cis.pdbx_id 
_struct_mon_prot_cis.label_comp_id 
_struct_mon_prot_cis.label_seq_id 
_struct_mon_prot_cis.label_asym_id 
_struct_mon_prot_cis.label_alt_id 
_struct_mon_prot_cis.pdbx_PDB_ins_code 
_struct_mon_prot_cis.auth_comp_id 
_struct_mon_prot_cis.auth_seq_id 
_struct_mon_prot_cis.auth_asym_id 
_struct_mon_prot_cis.pdbx_label_comp_id_2 
_struct_mon_prot_cis.pdbx_label_seq_id_2 
_struct_mon_prot_cis.pdbx_label_asym_id_2 
_struct_mon_prot_cis.pdbx_PDB_ins_code_2 
_struct_mon_prot_cis.pdbx_auth_comp_id_2 
_struct_mon_prot_cis.pdbx_auth_seq_id_2 
_struct_mon_prot_cis.pdbx_auth_asym_id_2 
_struct_mon_prot_cis.pdbx_PDB_model_num 
_struct_mon_prot_cis.pdbx_omega_angle 
1 PRO 67  A . ? PRO 64  A PRO 68  A ? PRO 65  A 1 -4.38 
2 THR 178 A . ? THR 175 A PRO 179 A ? PRO 176 A 1 -7.10 
# 
loop_
_struct_sheet.id 
_struct_sheet.type 
_struct_sheet.number_strands 
_struct_sheet.details 
A ? 5 ? 
B ? 7 ? 
C ? 5 ? 
D ? 2 ? 
# 
loop_
_struct_sheet_order.sheet_id 
_struct_sheet_order.range_id_1 
_struct_sheet_order.range_id_2 
_struct_sheet_order.offset 
_struct_sheet_order.sense 
A 1 2 ? parallel      
A 2 3 ? parallel      
A 3 4 ? parallel      
A 4 5 ? parallel      
B 1 2 ? parallel      
B 2 3 ? parallel      
B 3 4 ? parallel      
B 4 5 ? parallel      
B 5 6 ? parallel      
B 6 7 ? anti-parallel 
C 1 2 ? parallel      
C 2 3 ? parallel      
C 3 4 ? parallel      
C 4 5 ? parallel      
D 1 2 ? anti-parallel 
# 
loop_
_struct_sheet_range.sheet_id 
_struct_sheet_range.id 
_struct_sheet_range.beg_label_comp_id 
_struct_sheet_range.beg_label_asym_id 
_struct_sheet_range.beg_label_seq_id 
_struct_sheet_range.pdbx_beg_PDB_ins_code 
_struct_sheet_range.end_label_comp_id 
_struct_sheet_range.end_label_asym_id 
_struct_sheet_range.end_label_seq_id 
_struct_sheet_range.pdbx_end_PDB_ins_code 
_struct_sheet_range.beg_auth_comp_id 
_struct_sheet_range.beg_auth_asym_id 
_struct_sheet_range.beg_auth_seq_id 
_struct_sheet_range.end_auth_comp_id 
_struct_sheet_range.end_auth_asym_id 
_struct_sheet_range.end_auth_seq_id 
A 1 HIS A 58  ? LEU A 59  ? HIS A 55  LEU A 56  
A 2 ILE A 77  ? ILE A 79  ? ILE A 74  ILE A 76  
A 3 ILE A 97  ? ILE A 99  ? ILE A 94  ILE A 96  
A 4 ILE A 133 ? ILE A 135 ? ILE A 130 ILE A 132 
A 5 THR A 152 ? ILE A 153 ? THR A 149 ILE A 150 
B 1 CYS A 64  ? VAL A 65  ? CYS A 61  VAL A 62  
B 2 PHE A 84  ? ILE A 85  ? PHE A 81  ILE A 82  
B 3 LEU A 104 ? ILE A 105 ? LEU A 101 ILE A 102 
B 4 TRP A 140 ? ILE A 141 ? TRP A 137 ILE A 138 
B 5 VAL A 158 ? VAL A 159 ? VAL A 155 VAL A 156 
B 6 THR A 173 ? GLY A 176 ? THR A 170 GLY A 173 
B 7 ARG A 181 ? SER A 185 ? ARG A 178 SER A 182 
C 1 PHE A 69  ? CYS A 71  ? PHE A 66  CYS A 68  
C 2 VAL A 89  ? LEU A 92  ? VAL A 86  LEU A 89  
C 3 GLN A 110 ? TYR A 112 ? GLN A 107 TYR A 109 
C 4 VAL A 146 ? ILE A 147 ? VAL A 143 ILE A 144 
C 5 VAL A 164 ? VAL A 165 ? VAL A 161 VAL A 162 
D 1 ALA A 114 ? SER A 115 ? ALA A 111 SER A 112 
D 2 ILE A 129 ? CYS A 130 ? ILE A 126 CYS A 127 
# 
loop_
_pdbx_struct_sheet_hbond.sheet_id 
_pdbx_struct_sheet_hbond.range_id_1 
_pdbx_struct_sheet_hbond.range_id_2 
_pdbx_struct_sheet_hbond.range_1_label_atom_id 
_pdbx_struct_sheet_hbond.range_1_label_comp_id 
_pdbx_struct_sheet_hbond.range_1_label_asym_id 
_pdbx_struct_sheet_hbond.range_1_label_seq_id 
_pdbx_struct_sheet_hbond.range_1_PDB_ins_code 
_pdbx_struct_sheet_hbond.range_1_auth_atom_id 
_pdbx_struct_sheet_hbond.range_1_auth_comp_id 
_pdbx_struct_sheet_hbond.range_1_auth_asym_id 
_pdbx_struct_sheet_hbond.range_1_auth_seq_id 
_pdbx_struct_sheet_hbond.range_2_label_atom_id 
_pdbx_struct_sheet_hbond.range_2_label_comp_id 
_pdbx_struct_sheet_hbond.range_2_label_asym_id 
_pdbx_struct_sheet_hbond.range_2_label_seq_id 
_pdbx_struct_sheet_hbond.range_2_PDB_ins_code 
_pdbx_struct_sheet_hbond.range_2_auth_atom_id 
_pdbx_struct_sheet_hbond.range_2_auth_comp_id 
_pdbx_struct_sheet_hbond.range_2_auth_asym_id 
_pdbx_struct_sheet_hbond.range_2_auth_seq_id 
A 1 2 N HIS A 58  ? N HIS A 55  O ILE A 79  ? O ILE A 76  
A 2 3 N ARG A 78  ? N ARG A 75  O ILE A 99  ? O ILE A 96  
A 3 4 N THR A 98  ? N THR A 95  O ILE A 135 ? O ILE A 132 
A 4 5 N VAL A 134 ? N VAL A 131 O ILE A 153 ? O ILE A 150 
B 1 2 N CYS A 64  ? N CYS A 61  O ILE A 85  ? O ILE A 82  
B 2 3 N PHE A 84  ? N PHE A 81  O ILE A 105 ? O ILE A 102 
B 3 4 N LEU A 104 ? N LEU A 101 O ILE A 141 ? O ILE A 138 
B 4 5 N TRP A 140 ? N TRP A 137 O VAL A 159 ? O VAL A 156 
B 5 6 N VAL A 158 ? N VAL A 155 O THR A 173 ? O THR A 170 
B 6 7 N LEU A 174 ? N LEU A 171 O LEU A 183 ? O LEU A 180 
C 1 2 N HIS A 70  ? N HIS A 67  O VAL A 89  ? O VAL A 86  
C 2 3 N LEU A 92  ? N LEU A 89  O PHE A 111 ? O PHE A 108 
C 3 4 N TYR A 112 ? N TYR A 109 O ILE A 147 ? O ILE A 144 
C 4 5 N VAL A 146 ? N VAL A 143 O VAL A 165 ? O VAL A 162 
D 1 2 N SER A 115 ? N SER A 112 O ILE A 129 ? O ILE A 126 
# 
loop_
_struct_site.id 
_struct_site.pdbx_evidence_code 
_struct_site.pdbx_auth_asym_id 
_struct_site.pdbx_auth_comp_id 
_struct_site.pdbx_auth_seq_id 
_struct_site.pdbx_auth_ins_code 
_struct_site.pdbx_num_residues 
_struct_site.details 
AC1 Software A CA 193 ? 3 'BINDING SITE FOR RESIDUE CA A 193' 
AC2 Software A CA 194 ? 4 'BINDING SITE FOR RESIDUE CA A 194' 
# 
loop_
_struct_site_gen.id 
_struct_site_gen.site_id 
_struct_site_gen.pdbx_num_res 
_struct_site_gen.label_comp_id 
_struct_site_gen.label_asym_id 
_struct_site_gen.label_seq_id 
_struct_site_gen.pdbx_auth_ins_code 
_struct_site_gen.auth_comp_id 
_struct_site_gen.auth_asym_id 
_struct_site_gen.auth_seq_id 
_struct_site_gen.label_atom_id 
_struct_site_gen.label_alt_id 
_struct_site_gen.symmetry 
_struct_site_gen.details 
1 AC1 3 GLY A 150 ? GLY A 147 . ? 1_555 ? 
2 AC1 3 ASP A 168 ? ASP A 165 . ? 1_555 ? 
3 AC1 3 HOH D .   ? HOH A 240 . ? 1_555 ? 
4 AC2 4 ASN A 144 ? ASN A 141 . ? 1_555 ? 
5 AC2 4 ASN A 162 ? ASN A 159 . ? 1_555 ? 
6 AC2 4 HOH D .   ? HOH A 206 . ? 1_555 ? 
7 AC2 4 HOH D .   ? HOH A 262 . ? 1_555 ? 
# 
_pdbx_entry_details.entry_id                   3ECT 
_pdbx_entry_details.compound_details           ? 
_pdbx_entry_details.source_details             ? 
_pdbx_entry_details.nonpolymer_details         ? 
_pdbx_entry_details.sequence_details           ? 
_pdbx_entry_details.has_ligand_of_interest     ? 
_pdbx_entry_details.has_protein_modification   Y 
# 
_pdbx_validate_close_contact.id               1 
_pdbx_validate_close_contact.PDB_model_num    1 
_pdbx_validate_close_contact.auth_atom_id_1   O 
_pdbx_validate_close_contact.auth_asym_id_1   A 
_pdbx_validate_close_contact.auth_comp_id_1   SER 
_pdbx_validate_close_contact.auth_seq_id_1    27 
_pdbx_validate_close_contact.PDB_ins_code_1   ? 
_pdbx_validate_close_contact.label_alt_id_1   ? 
_pdbx_validate_close_contact.auth_atom_id_2   O 
_pdbx_validate_close_contact.auth_asym_id_2   A 
_pdbx_validate_close_contact.auth_comp_id_2   HOH 
_pdbx_validate_close_contact.auth_seq_id_2    222 
_pdbx_validate_close_contact.PDB_ins_code_2   ? 
_pdbx_validate_close_contact.label_alt_id_2   ? 
_pdbx_validate_close_contact.dist             2.18 
# 
loop_
_pdbx_validate_torsion.id 
_pdbx_validate_torsion.PDB_model_num 
_pdbx_validate_torsion.auth_comp_id 
_pdbx_validate_torsion.auth_asym_id 
_pdbx_validate_torsion.auth_seq_id 
_pdbx_validate_torsion.PDB_ins_code 
_pdbx_validate_torsion.label_alt_id 
_pdbx_validate_torsion.phi 
_pdbx_validate_torsion.psi 
1 1 ASP A 90  ? ? -106.98 55.22  
2 1 ARG A 181 ? ? 178.17  152.50 
# 
_pdbx_SG_project.id                    1 
_pdbx_SG_project.project_name          ? 
_pdbx_SG_project.full_name_of_center   'Center for Structural Genomics of Infectious Diseases' 
_pdbx_SG_project.initial_of_center     CSGID 
# 
loop_
_pdbx_struct_mod_residue.id 
_pdbx_struct_mod_residue.label_asym_id 
_pdbx_struct_mod_residue.label_comp_id 
_pdbx_struct_mod_residue.label_seq_id 
_pdbx_struct_mod_residue.auth_asym_id 
_pdbx_struct_mod_residue.auth_comp_id 
_pdbx_struct_mod_residue.auth_seq_id 
_pdbx_struct_mod_residue.PDB_ins_code 
_pdbx_struct_mod_residue.parent_comp_id 
_pdbx_struct_mod_residue.details 
1 A MSE 12 A MSE 9  ? MET SELENOMETHIONINE 
2 A MSE 87 A MSE 84 ? MET SELENOMETHIONINE 
3 A MSE 91 A MSE 88 ? MET SELENOMETHIONINE 
# 
loop_
_pdbx_struct_special_symmetry.id 
_pdbx_struct_special_symmetry.PDB_model_num 
_pdbx_struct_special_symmetry.auth_asym_id 
_pdbx_struct_special_symmetry.auth_comp_id 
_pdbx_struct_special_symmetry.auth_seq_id 
_pdbx_struct_special_symmetry.PDB_ins_code 
_pdbx_struct_special_symmetry.label_asym_id 
_pdbx_struct_special_symmetry.label_comp_id 
_pdbx_struct_special_symmetry.label_seq_id 
1 1 A CA  193 ? B CA  . 
2 1 A CA  194 ? C CA  . 
3 1 A HOH 212 ? D HOH . 
4 1 A HOH 260 ? D HOH . 
5 1 A HOH 261 ? D HOH . 
# 
_pdbx_refine_tls.id               1 
_pdbx_refine_tls.details          ? 
_pdbx_refine_tls.method           refined 
_pdbx_refine_tls.origin_x         0.1889 
_pdbx_refine_tls.origin_y         0.0920 
_pdbx_refine_tls.origin_z         -0.0709 
_pdbx_refine_tls.T[1][1]          0.1795 
_pdbx_refine_tls.T[2][2]          0.1585 
_pdbx_refine_tls.T[3][3]          0.0336 
_pdbx_refine_tls.T[1][2]          -0.0768 
_pdbx_refine_tls.T[1][3]          -0.0297 
_pdbx_refine_tls.T[2][3]          -0.0164 
_pdbx_refine_tls.L[1][1]          1.4518 
_pdbx_refine_tls.L[2][2]          3.6198 
_pdbx_refine_tls.L[3][3]          2.0736 
_pdbx_refine_tls.L[1][2]          -0.2593 
_pdbx_refine_tls.L[1][3]          -0.8308 
_pdbx_refine_tls.L[2][3]          0.2666 
_pdbx_refine_tls.S[1][1]          0.0655 
_pdbx_refine_tls.S[1][2]          -0.1749 
_pdbx_refine_tls.S[1][3]          -0.0816 
_pdbx_refine_tls.S[2][1]          0.2330 
_pdbx_refine_tls.S[2][2]          -0.0918 
_pdbx_refine_tls.S[2][3]          -0.1194 
_pdbx_refine_tls.S[3][1]          -0.0366 
_pdbx_refine_tls.S[3][2]          0.3328 
_pdbx_refine_tls.S[3][3]          0.0264 
_pdbx_refine_tls.pdbx_refine_id   'X-RAY DIFFRACTION' 
# 
_pdbx_refine_tls_group.id                  1 
_pdbx_refine_tls_group.refine_tls_id       1 
_pdbx_refine_tls_group.beg_auth_asym_id    A 
_pdbx_refine_tls_group.beg_auth_seq_id     6 
_pdbx_refine_tls_group.beg_label_asym_id   A 
_pdbx_refine_tls_group.beg_label_seq_id    9 
_pdbx_refine_tls_group.end_auth_asym_id    A 
_pdbx_refine_tls_group.end_auth_seq_id     185 
_pdbx_refine_tls_group.end_label_asym_id   A 
_pdbx_refine_tls_group.end_label_seq_id    188 
_pdbx_refine_tls_group.selection           ? 
_pdbx_refine_tls_group.pdbx_refine_id      'X-RAY DIFFRACTION' 
_pdbx_refine_tls_group.selection_details   ? 
# 
loop_
_pdbx_unobs_or_zero_occ_residues.id 
_pdbx_unobs_or_zero_occ_residues.PDB_model_num 
_pdbx_unobs_or_zero_occ_residues.polymer_flag 
_pdbx_unobs_or_zero_occ_residues.occupancy_flag 
_pdbx_unobs_or_zero_occ_residues.auth_asym_id 
_pdbx_unobs_or_zero_occ_residues.auth_comp_id 
_pdbx_unobs_or_zero_occ_residues.auth_seq_id 
_pdbx_unobs_or_zero_occ_residues.PDB_ins_code 
_pdbx_unobs_or_zero_occ_residues.label_asym_id 
_pdbx_unobs_or_zero_occ_residues.label_comp_id 
_pdbx_unobs_or_zero_occ_residues.label_seq_id 
1  1 Y 1 A SER -2  ? A SER 1   
2  1 Y 1 A ASN -1  ? A ASN 2   
3  1 Y 1 A ALA 0   ? A ALA 3   
4  1 Y 1 A MSE 1   ? A MSE 4   
5  1 Y 1 A LYS 2   ? A LYS 5   
6  1 Y 1 A MSE 3   ? A MSE 6   
7  1 Y 1 A SER 4   ? A SER 7   
8  1 Y 1 A GLU 5   ? A GLU 8   
9  1 Y 1 A GLU 13  ? A GLU 16  
10 1 Y 1 A PHE 15  ? A PHE 18  
11 1 Y 1 A ASP 16  ? A ASP 19  
12 1 Y 1 A GLY 17  ? A GLY 20  
13 1 Y 1 A PRO 186 ? A PRO 189 
14 1 Y 1 A ALA 187 ? A ALA 190 
15 1 Y 1 A GLU 188 ? A GLU 191 
16 1 Y 1 A SER 189 ? A SER 192 
17 1 Y 1 A MSE 190 ? A MSE 193 
18 1 Y 1 A ALA 191 ? A ALA 194 
19 1 Y 1 A GLU 192 ? A GLU 195 
# 
loop_
_chem_comp_atom.comp_id 
_chem_comp_atom.atom_id 
_chem_comp_atom.type_symbol 
_chem_comp_atom.pdbx_aromatic_flag 
_chem_comp_atom.pdbx_stereo_config 
_chem_comp_atom.pdbx_ordinal 
ALA N    N  N N 1   
ALA CA   C  N S 2   
ALA C    C  N N 3   
ALA O    O  N N 4   
ALA CB   C  N N 5   
ALA OXT  O  N N 6   
ALA H    H  N N 7   
ALA H2   H  N N 8   
ALA HA   H  N N 9   
ALA HB1  H  N N 10  
ALA HB2  H  N N 11  
ALA HB3  H  N N 12  
ALA HXT  H  N N 13  
ARG N    N  N N 14  
ARG CA   C  N S 15  
ARG C    C  N N 16  
ARG O    O  N N 17  
ARG CB   C  N N 18  
ARG CG   C  N N 19  
ARG CD   C  N N 20  
ARG NE   N  N N 21  
ARG CZ   C  N N 22  
ARG NH1  N  N N 23  
ARG NH2  N  N N 24  
ARG OXT  O  N N 25  
ARG H    H  N N 26  
ARG H2   H  N N 27  
ARG HA   H  N N 28  
ARG HB2  H  N N 29  
ARG HB3  H  N N 30  
ARG HG2  H  N N 31  
ARG HG3  H  N N 32  
ARG HD2  H  N N 33  
ARG HD3  H  N N 34  
ARG HE   H  N N 35  
ARG HH11 H  N N 36  
ARG HH12 H  N N 37  
ARG HH21 H  N N 38  
ARG HH22 H  N N 39  
ARG HXT  H  N N 40  
ASN N    N  N N 41  
ASN CA   C  N S 42  
ASN C    C  N N 43  
ASN O    O  N N 44  
ASN CB   C  N N 45  
ASN CG   C  N N 46  
ASN OD1  O  N N 47  
ASN ND2  N  N N 48  
ASN OXT  O  N N 49  
ASN H    H  N N 50  
ASN H2   H  N N 51  
ASN HA   H  N N 52  
ASN HB2  H  N N 53  
ASN HB3  H  N N 54  
ASN HD21 H  N N 55  
ASN HD22 H  N N 56  
ASN HXT  H  N N 57  
ASP N    N  N N 58  
ASP CA   C  N S 59  
ASP C    C  N N 60  
ASP O    O  N N 61  
ASP CB   C  N N 62  
ASP CG   C  N N 63  
ASP OD1  O  N N 64  
ASP OD2  O  N N 65  
ASP OXT  O  N N 66  
ASP H    H  N N 67  
ASP H2   H  N N 68  
ASP HA   H  N N 69  
ASP HB2  H  N N 70  
ASP HB3  H  N N 71  
ASP HD2  H  N N 72  
ASP HXT  H  N N 73  
CA  CA   CA N N 74  
CYS N    N  N N 75  
CYS CA   C  N R 76  
CYS C    C  N N 77  
CYS O    O  N N 78  
CYS CB   C  N N 79  
CYS SG   S  N N 80  
CYS OXT  O  N N 81  
CYS H    H  N N 82  
CYS H2   H  N N 83  
CYS HA   H  N N 84  
CYS HB2  H  N N 85  
CYS HB3  H  N N 86  
CYS HG   H  N N 87  
CYS HXT  H  N N 88  
GLN N    N  N N 89  
GLN CA   C  N S 90  
GLN C    C  N N 91  
GLN O    O  N N 92  
GLN CB   C  N N 93  
GLN CG   C  N N 94  
GLN CD   C  N N 95  
GLN OE1  O  N N 96  
GLN NE2  N  N N 97  
GLN OXT  O  N N 98  
GLN H    H  N N 99  
GLN H2   H  N N 100 
GLN HA   H  N N 101 
GLN HB2  H  N N 102 
GLN HB3  H  N N 103 
GLN HG2  H  N N 104 
GLN HG3  H  N N 105 
GLN HE21 H  N N 106 
GLN HE22 H  N N 107 
GLN HXT  H  N N 108 
GLU N    N  N N 109 
GLU CA   C  N S 110 
GLU C    C  N N 111 
GLU O    O  N N 112 
GLU CB   C  N N 113 
GLU CG   C  N N 114 
GLU CD   C  N N 115 
GLU OE1  O  N N 116 
GLU OE2  O  N N 117 
GLU OXT  O  N N 118 
GLU H    H  N N 119 
GLU H2   H  N N 120 
GLU HA   H  N N 121 
GLU HB2  H  N N 122 
GLU HB3  H  N N 123 
GLU HG2  H  N N 124 
GLU HG3  H  N N 125 
GLU HE2  H  N N 126 
GLU HXT  H  N N 127 
GLY N    N  N N 128 
GLY CA   C  N N 129 
GLY C    C  N N 130 
GLY O    O  N N 131 
GLY OXT  O  N N 132 
GLY H    H  N N 133 
GLY H2   H  N N 134 
GLY HA2  H  N N 135 
GLY HA3  H  N N 136 
GLY HXT  H  N N 137 
HIS N    N  N N 138 
HIS CA   C  N S 139 
HIS C    C  N N 140 
HIS O    O  N N 141 
HIS CB   C  N N 142 
HIS CG   C  Y N 143 
HIS ND1  N  Y N 144 
HIS CD2  C  Y N 145 
HIS CE1  C  Y N 146 
HIS NE2  N  Y N 147 
HIS OXT  O  N N 148 
HIS H    H  N N 149 
HIS H2   H  N N 150 
HIS HA   H  N N 151 
HIS HB2  H  N N 152 
HIS HB3  H  N N 153 
HIS HD1  H  N N 154 
HIS HD2  H  N N 155 
HIS HE1  H  N N 156 
HIS HE2  H  N N 157 
HIS HXT  H  N N 158 
HOH O    O  N N 159 
HOH H1   H  N N 160 
HOH H2   H  N N 161 
ILE N    N  N N 162 
ILE CA   C  N S 163 
ILE C    C  N N 164 
ILE O    O  N N 165 
ILE CB   C  N S 166 
ILE CG1  C  N N 167 
ILE CG2  C  N N 168 
ILE CD1  C  N N 169 
ILE OXT  O  N N 170 
ILE H    H  N N 171 
ILE H2   H  N N 172 
ILE HA   H  N N 173 
ILE HB   H  N N 174 
ILE HG12 H  N N 175 
ILE HG13 H  N N 176 
ILE HG21 H  N N 177 
ILE HG22 H  N N 178 
ILE HG23 H  N N 179 
ILE HD11 H  N N 180 
ILE HD12 H  N N 181 
ILE HD13 H  N N 182 
ILE HXT  H  N N 183 
LEU N    N  N N 184 
LEU CA   C  N S 185 
LEU C    C  N N 186 
LEU O    O  N N 187 
LEU CB   C  N N 188 
LEU CG   C  N N 189 
LEU CD1  C  N N 190 
LEU CD2  C  N N 191 
LEU OXT  O  N N 192 
LEU H    H  N N 193 
LEU H2   H  N N 194 
LEU HA   H  N N 195 
LEU HB2  H  N N 196 
LEU HB3  H  N N 197 
LEU HG   H  N N 198 
LEU HD11 H  N N 199 
LEU HD12 H  N N 200 
LEU HD13 H  N N 201 
LEU HD21 H  N N 202 
LEU HD22 H  N N 203 
LEU HD23 H  N N 204 
LEU HXT  H  N N 205 
LYS N    N  N N 206 
LYS CA   C  N S 207 
LYS C    C  N N 208 
LYS O    O  N N 209 
LYS CB   C  N N 210 
LYS CG   C  N N 211 
LYS CD   C  N N 212 
LYS CE   C  N N 213 
LYS NZ   N  N N 214 
LYS OXT  O  N N 215 
LYS H    H  N N 216 
LYS H2   H  N N 217 
LYS HA   H  N N 218 
LYS HB2  H  N N 219 
LYS HB3  H  N N 220 
LYS HG2  H  N N 221 
LYS HG3  H  N N 222 
LYS HD2  H  N N 223 
LYS HD3  H  N N 224 
LYS HE2  H  N N 225 
LYS HE3  H  N N 226 
LYS HZ1  H  N N 227 
LYS HZ2  H  N N 228 
LYS HZ3  H  N N 229 
LYS HXT  H  N N 230 
MSE N    N  N N 231 
MSE CA   C  N S 232 
MSE C    C  N N 233 
MSE O    O  N N 234 
MSE OXT  O  N N 235 
MSE CB   C  N N 236 
MSE CG   C  N N 237 
MSE SE   SE N N 238 
MSE CE   C  N N 239 
MSE H    H  N N 240 
MSE H2   H  N N 241 
MSE HA   H  N N 242 
MSE HXT  H  N N 243 
MSE HB2  H  N N 244 
MSE HB3  H  N N 245 
MSE HG2  H  N N 246 
MSE HG3  H  N N 247 
MSE HE1  H  N N 248 
MSE HE2  H  N N 249 
MSE HE3  H  N N 250 
PHE N    N  N N 251 
PHE CA   C  N S 252 
PHE C    C  N N 253 
PHE O    O  N N 254 
PHE CB   C  N N 255 
PHE CG   C  Y N 256 
PHE CD1  C  Y N 257 
PHE CD2  C  Y N 258 
PHE CE1  C  Y N 259 
PHE CE2  C  Y N 260 
PHE CZ   C  Y N 261 
PHE OXT  O  N N 262 
PHE H    H  N N 263 
PHE H2   H  N N 264 
PHE HA   H  N N 265 
PHE HB2  H  N N 266 
PHE HB3  H  N N 267 
PHE HD1  H  N N 268 
PHE HD2  H  N N 269 
PHE HE1  H  N N 270 
PHE HE2  H  N N 271 
PHE HZ   H  N N 272 
PHE HXT  H  N N 273 
PRO N    N  N N 274 
PRO CA   C  N S 275 
PRO C    C  N N 276 
PRO O    O  N N 277 
PRO CB   C  N N 278 
PRO CG   C  N N 279 
PRO CD   C  N N 280 
PRO OXT  O  N N 281 
PRO H    H  N N 282 
PRO HA   H  N N 283 
PRO HB2  H  N N 284 
PRO HB3  H  N N 285 
PRO HG2  H  N N 286 
PRO HG3  H  N N 287 
PRO HD2  H  N N 288 
PRO HD3  H  N N 289 
PRO HXT  H  N N 290 
SER N    N  N N 291 
SER CA   C  N S 292 
SER C    C  N N 293 
SER O    O  N N 294 
SER CB   C  N N 295 
SER OG   O  N N 296 
SER OXT  O  N N 297 
SER H    H  N N 298 
SER H2   H  N N 299 
SER HA   H  N N 300 
SER HB2  H  N N 301 
SER HB3  H  N N 302 
SER HG   H  N N 303 
SER HXT  H  N N 304 
THR N    N  N N 305 
THR CA   C  N S 306 
THR C    C  N N 307 
THR O    O  N N 308 
THR CB   C  N R 309 
THR OG1  O  N N 310 
THR CG2  C  N N 311 
THR OXT  O  N N 312 
THR H    H  N N 313 
THR H2   H  N N 314 
THR HA   H  N N 315 
THR HB   H  N N 316 
THR HG1  H  N N 317 
THR HG21 H  N N 318 
THR HG22 H  N N 319 
THR HG23 H  N N 320 
THR HXT  H  N N 321 
TRP N    N  N N 322 
TRP CA   C  N S 323 
TRP C    C  N N 324 
TRP O    O  N N 325 
TRP CB   C  N N 326 
TRP CG   C  Y N 327 
TRP CD1  C  Y N 328 
TRP CD2  C  Y N 329 
TRP NE1  N  Y N 330 
TRP CE2  C  Y N 331 
TRP CE3  C  Y N 332 
TRP CZ2  C  Y N 333 
TRP CZ3  C  Y N 334 
TRP CH2  C  Y N 335 
TRP OXT  O  N N 336 
TRP H    H  N N 337 
TRP H2   H  N N 338 
TRP HA   H  N N 339 
TRP HB2  H  N N 340 
TRP HB3  H  N N 341 
TRP HD1  H  N N 342 
TRP HE1  H  N N 343 
TRP HE3  H  N N 344 
TRP HZ2  H  N N 345 
TRP HZ3  H  N N 346 
TRP HH2  H  N N 347 
TRP HXT  H  N N 348 
TYR N    N  N N 349 
TYR CA   C  N S 350 
TYR C    C  N N 351 
TYR O    O  N N 352 
TYR CB   C  N N 353 
TYR CG   C  Y N 354 
TYR CD1  C  Y N 355 
TYR CD2  C  Y N 356 
TYR CE1  C  Y N 357 
TYR CE2  C  Y N 358 
TYR CZ   C  Y N 359 
TYR OH   O  N N 360 
TYR OXT  O  N N 361 
TYR H    H  N N 362 
TYR H2   H  N N 363 
TYR HA   H  N N 364 
TYR HB2  H  N N 365 
TYR HB3  H  N N 366 
TYR HD1  H  N N 367 
TYR HD2  H  N N 368 
TYR HE1  H  N N 369 
TYR HE2  H  N N 370 
TYR HH   H  N N 371 
TYR HXT  H  N N 372 
VAL N    N  N N 373 
VAL CA   C  N S 374 
VAL C    C  N N 375 
VAL O    O  N N 376 
VAL CB   C  N N 377 
VAL CG1  C  N N 378 
VAL CG2  C  N N 379 
VAL OXT  O  N N 380 
VAL H    H  N N 381 
VAL H2   H  N N 382 
VAL HA   H  N N 383 
VAL HB   H  N N 384 
VAL HG11 H  N N 385 
VAL HG12 H  N N 386 
VAL HG13 H  N N 387 
VAL HG21 H  N N 388 
VAL HG22 H  N N 389 
VAL HG23 H  N N 390 
VAL HXT  H  N N 391 
# 
loop_
_chem_comp_bond.comp_id 
_chem_comp_bond.atom_id_1 
_chem_comp_bond.atom_id_2 
_chem_comp_bond.value_order 
_chem_comp_bond.pdbx_aromatic_flag 
_chem_comp_bond.pdbx_stereo_config 
_chem_comp_bond.pdbx_ordinal 
ALA N   CA   sing N N 1   
ALA N   H    sing N N 2   
ALA N   H2   sing N N 3   
ALA CA  C    sing N N 4   
ALA CA  CB   sing N N 5   
ALA CA  HA   sing N N 6   
ALA C   O    doub N N 7   
ALA C   OXT  sing N N 8   
ALA CB  HB1  sing N N 9   
ALA CB  HB2  sing N N 10  
ALA CB  HB3  sing N N 11  
ALA OXT HXT  sing N N 12  
ARG N   CA   sing N N 13  
ARG N   H    sing N N 14  
ARG N   H2   sing N N 15  
ARG CA  C    sing N N 16  
ARG CA  CB   sing N N 17  
ARG CA  HA   sing N N 18  
ARG C   O    doub N N 19  
ARG C   OXT  sing N N 20  
ARG CB  CG   sing N N 21  
ARG CB  HB2  sing N N 22  
ARG CB  HB3  sing N N 23  
ARG CG  CD   sing N N 24  
ARG CG  HG2  sing N N 25  
ARG CG  HG3  sing N N 26  
ARG CD  NE   sing N N 27  
ARG CD  HD2  sing N N 28  
ARG CD  HD3  sing N N 29  
ARG NE  CZ   sing N N 30  
ARG NE  HE   sing N N 31  
ARG CZ  NH1  sing N N 32  
ARG CZ  NH2  doub N N 33  
ARG NH1 HH11 sing N N 34  
ARG NH1 HH12 sing N N 35  
ARG NH2 HH21 sing N N 36  
ARG NH2 HH22 sing N N 37  
ARG OXT HXT  sing N N 38  
ASN N   CA   sing N N 39  
ASN N   H    sing N N 40  
ASN N   H2   sing N N 41  
ASN CA  C    sing N N 42  
ASN CA  CB   sing N N 43  
ASN CA  HA   sing N N 44  
ASN C   O    doub N N 45  
ASN C   OXT  sing N N 46  
ASN CB  CG   sing N N 47  
ASN CB  HB2  sing N N 48  
ASN CB  HB3  sing N N 49  
ASN CG  OD1  doub N N 50  
ASN CG  ND2  sing N N 51  
ASN ND2 HD21 sing N N 52  
ASN ND2 HD22 sing N N 53  
ASN OXT HXT  sing N N 54  
ASP N   CA   sing N N 55  
ASP N   H    sing N N 56  
ASP N   H2   sing N N 57  
ASP CA  C    sing N N 58  
ASP CA  CB   sing N N 59  
ASP CA  HA   sing N N 60  
ASP C   O    doub N N 61  
ASP C   OXT  sing N N 62  
ASP CB  CG   sing N N 63  
ASP CB  HB2  sing N N 64  
ASP CB  HB3  sing N N 65  
ASP CG  OD1  doub N N 66  
ASP CG  OD2  sing N N 67  
ASP OD2 HD2  sing N N 68  
ASP OXT HXT  sing N N 69  
CYS N   CA   sing N N 70  
CYS N   H    sing N N 71  
CYS N   H2   sing N N 72  
CYS CA  C    sing N N 73  
CYS CA  CB   sing N N 74  
CYS CA  HA   sing N N 75  
CYS C   O    doub N N 76  
CYS C   OXT  sing N N 77  
CYS CB  SG   sing N N 78  
CYS CB  HB2  sing N N 79  
CYS CB  HB3  sing N N 80  
CYS SG  HG   sing N N 81  
CYS OXT HXT  sing N N 82  
GLN N   CA   sing N N 83  
GLN N   H    sing N N 84  
GLN N   H2   sing N N 85  
GLN CA  C    sing N N 86  
GLN CA  CB   sing N N 87  
GLN CA  HA   sing N N 88  
GLN C   O    doub N N 89  
GLN C   OXT  sing N N 90  
GLN CB  CG   sing N N 91  
GLN CB  HB2  sing N N 92  
GLN CB  HB3  sing N N 93  
GLN CG  CD   sing N N 94  
GLN CG  HG2  sing N N 95  
GLN CG  HG3  sing N N 96  
GLN CD  OE1  doub N N 97  
GLN CD  NE2  sing N N 98  
GLN NE2 HE21 sing N N 99  
GLN NE2 HE22 sing N N 100 
GLN OXT HXT  sing N N 101 
GLU N   CA   sing N N 102 
GLU N   H    sing N N 103 
GLU N   H2   sing N N 104 
GLU CA  C    sing N N 105 
GLU CA  CB   sing N N 106 
GLU CA  HA   sing N N 107 
GLU C   O    doub N N 108 
GLU C   OXT  sing N N 109 
GLU CB  CG   sing N N 110 
GLU CB  HB2  sing N N 111 
GLU CB  HB3  sing N N 112 
GLU CG  CD   sing N N 113 
GLU CG  HG2  sing N N 114 
GLU CG  HG3  sing N N 115 
GLU CD  OE1  doub N N 116 
GLU CD  OE2  sing N N 117 
GLU OE2 HE2  sing N N 118 
GLU OXT HXT  sing N N 119 
GLY N   CA   sing N N 120 
GLY N   H    sing N N 121 
GLY N   H2   sing N N 122 
GLY CA  C    sing N N 123 
GLY CA  HA2  sing N N 124 
GLY CA  HA3  sing N N 125 
GLY C   O    doub N N 126 
GLY C   OXT  sing N N 127 
GLY OXT HXT  sing N N 128 
HIS N   CA   sing N N 129 
HIS N   H    sing N N 130 
HIS N   H2   sing N N 131 
HIS CA  C    sing N N 132 
HIS CA  CB   sing N N 133 
HIS CA  HA   sing N N 134 
HIS C   O    doub N N 135 
HIS C   OXT  sing N N 136 
HIS CB  CG   sing N N 137 
HIS CB  HB2  sing N N 138 
HIS CB  HB3  sing N N 139 
HIS CG  ND1  sing Y N 140 
HIS CG  CD2  doub Y N 141 
HIS ND1 CE1  doub Y N 142 
HIS ND1 HD1  sing N N 143 
HIS CD2 NE2  sing Y N 144 
HIS CD2 HD2  sing N N 145 
HIS CE1 NE2  sing Y N 146 
HIS CE1 HE1  sing N N 147 
HIS NE2 HE2  sing N N 148 
HIS OXT HXT  sing N N 149 
HOH O   H1   sing N N 150 
HOH O   H2   sing N N 151 
ILE N   CA   sing N N 152 
ILE N   H    sing N N 153 
ILE N   H2   sing N N 154 
ILE CA  C    sing N N 155 
ILE CA  CB   sing N N 156 
ILE CA  HA   sing N N 157 
ILE C   O    doub N N 158 
ILE C   OXT  sing N N 159 
ILE CB  CG1  sing N N 160 
ILE CB  CG2  sing N N 161 
ILE CB  HB   sing N N 162 
ILE CG1 CD1  sing N N 163 
ILE CG1 HG12 sing N N 164 
ILE CG1 HG13 sing N N 165 
ILE CG2 HG21 sing N N 166 
ILE CG2 HG22 sing N N 167 
ILE CG2 HG23 sing N N 168 
ILE CD1 HD11 sing N N 169 
ILE CD1 HD12 sing N N 170 
ILE CD1 HD13 sing N N 171 
ILE OXT HXT  sing N N 172 
LEU N   CA   sing N N 173 
LEU N   H    sing N N 174 
LEU N   H2   sing N N 175 
LEU CA  C    sing N N 176 
LEU CA  CB   sing N N 177 
LEU CA  HA   sing N N 178 
LEU C   O    doub N N 179 
LEU C   OXT  sing N N 180 
LEU CB  CG   sing N N 181 
LEU CB  HB2  sing N N 182 
LEU CB  HB3  sing N N 183 
LEU CG  CD1  sing N N 184 
LEU CG  CD2  sing N N 185 
LEU CG  HG   sing N N 186 
LEU CD1 HD11 sing N N 187 
LEU CD1 HD12 sing N N 188 
LEU CD1 HD13 sing N N 189 
LEU CD2 HD21 sing N N 190 
LEU CD2 HD22 sing N N 191 
LEU CD2 HD23 sing N N 192 
LEU OXT HXT  sing N N 193 
LYS N   CA   sing N N 194 
LYS N   H    sing N N 195 
LYS N   H2   sing N N 196 
LYS CA  C    sing N N 197 
LYS CA  CB   sing N N 198 
LYS CA  HA   sing N N 199 
LYS C   O    doub N N 200 
LYS C   OXT  sing N N 201 
LYS CB  CG   sing N N 202 
LYS CB  HB2  sing N N 203 
LYS CB  HB3  sing N N 204 
LYS CG  CD   sing N N 205 
LYS CG  HG2  sing N N 206 
LYS CG  HG3  sing N N 207 
LYS CD  CE   sing N N 208 
LYS CD  HD2  sing N N 209 
LYS CD  HD3  sing N N 210 
LYS CE  NZ   sing N N 211 
LYS CE  HE2  sing N N 212 
LYS CE  HE3  sing N N 213 
LYS NZ  HZ1  sing N N 214 
LYS NZ  HZ2  sing N N 215 
LYS NZ  HZ3  sing N N 216 
LYS OXT HXT  sing N N 217 
MSE N   CA   sing N N 218 
MSE N   H    sing N N 219 
MSE N   H2   sing N N 220 
MSE CA  C    sing N N 221 
MSE CA  CB   sing N N 222 
MSE CA  HA   sing N N 223 
MSE C   O    doub N N 224 
MSE C   OXT  sing N N 225 
MSE OXT HXT  sing N N 226 
MSE CB  CG   sing N N 227 
MSE CB  HB2  sing N N 228 
MSE CB  HB3  sing N N 229 
MSE CG  SE   sing N N 230 
MSE CG  HG2  sing N N 231 
MSE CG  HG3  sing N N 232 
MSE SE  CE   sing N N 233 
MSE CE  HE1  sing N N 234 
MSE CE  HE2  sing N N 235 
MSE CE  HE3  sing N N 236 
PHE N   CA   sing N N 237 
PHE N   H    sing N N 238 
PHE N   H2   sing N N 239 
PHE CA  C    sing N N 240 
PHE CA  CB   sing N N 241 
PHE CA  HA   sing N N 242 
PHE C   O    doub N N 243 
PHE C   OXT  sing N N 244 
PHE CB  CG   sing N N 245 
PHE CB  HB2  sing N N 246 
PHE CB  HB3  sing N N 247 
PHE CG  CD1  doub Y N 248 
PHE CG  CD2  sing Y N 249 
PHE CD1 CE1  sing Y N 250 
PHE CD1 HD1  sing N N 251 
PHE CD2 CE2  doub Y N 252 
PHE CD2 HD2  sing N N 253 
PHE CE1 CZ   doub Y N 254 
PHE CE1 HE1  sing N N 255 
PHE CE2 CZ   sing Y N 256 
PHE CE2 HE2  sing N N 257 
PHE CZ  HZ   sing N N 258 
PHE OXT HXT  sing N N 259 
PRO N   CA   sing N N 260 
PRO N   CD   sing N N 261 
PRO N   H    sing N N 262 
PRO CA  C    sing N N 263 
PRO CA  CB   sing N N 264 
PRO CA  HA   sing N N 265 
PRO C   O    doub N N 266 
PRO C   OXT  sing N N 267 
PRO CB  CG   sing N N 268 
PRO CB  HB2  sing N N 269 
PRO CB  HB3  sing N N 270 
PRO CG  CD   sing N N 271 
PRO CG  HG2  sing N N 272 
PRO CG  HG3  sing N N 273 
PRO CD  HD2  sing N N 274 
PRO CD  HD3  sing N N 275 
PRO OXT HXT  sing N N 276 
SER N   CA   sing N N 277 
SER N   H    sing N N 278 
SER N   H2   sing N N 279 
SER CA  C    sing N N 280 
SER CA  CB   sing N N 281 
SER CA  HA   sing N N 282 
SER C   O    doub N N 283 
SER C   OXT  sing N N 284 
SER CB  OG   sing N N 285 
SER CB  HB2  sing N N 286 
SER CB  HB3  sing N N 287 
SER OG  HG   sing N N 288 
SER OXT HXT  sing N N 289 
THR N   CA   sing N N 290 
THR N   H    sing N N 291 
THR N   H2   sing N N 292 
THR CA  C    sing N N 293 
THR CA  CB   sing N N 294 
THR CA  HA   sing N N 295 
THR C   O    doub N N 296 
THR C   OXT  sing N N 297 
THR CB  OG1  sing N N 298 
THR CB  CG2  sing N N 299 
THR CB  HB   sing N N 300 
THR OG1 HG1  sing N N 301 
THR CG2 HG21 sing N N 302 
THR CG2 HG22 sing N N 303 
THR CG2 HG23 sing N N 304 
THR OXT HXT  sing N N 305 
TRP N   CA   sing N N 306 
TRP N   H    sing N N 307 
TRP N   H2   sing N N 308 
TRP CA  C    sing N N 309 
TRP CA  CB   sing N N 310 
TRP CA  HA   sing N N 311 
TRP C   O    doub N N 312 
TRP C   OXT  sing N N 313 
TRP CB  CG   sing N N 314 
TRP CB  HB2  sing N N 315 
TRP CB  HB3  sing N N 316 
TRP CG  CD1  doub Y N 317 
TRP CG  CD2  sing Y N 318 
TRP CD1 NE1  sing Y N 319 
TRP CD1 HD1  sing N N 320 
TRP CD2 CE2  doub Y N 321 
TRP CD2 CE3  sing Y N 322 
TRP NE1 CE2  sing Y N 323 
TRP NE1 HE1  sing N N 324 
TRP CE2 CZ2  sing Y N 325 
TRP CE3 CZ3  doub Y N 326 
TRP CE3 HE3  sing N N 327 
TRP CZ2 CH2  doub Y N 328 
TRP CZ2 HZ2  sing N N 329 
TRP CZ3 CH2  sing Y N 330 
TRP CZ3 HZ3  sing N N 331 
TRP CH2 HH2  sing N N 332 
TRP OXT HXT  sing N N 333 
TYR N   CA   sing N N 334 
TYR N   H    sing N N 335 
TYR N   H2   sing N N 336 
TYR CA  C    sing N N 337 
TYR CA  CB   sing N N 338 
TYR CA  HA   sing N N 339 
TYR C   O    doub N N 340 
TYR C   OXT  sing N N 341 
TYR CB  CG   sing N N 342 
TYR CB  HB2  sing N N 343 
TYR CB  HB3  sing N N 344 
TYR CG  CD1  doub Y N 345 
TYR CG  CD2  sing Y N 346 
TYR CD1 CE1  sing Y N 347 
TYR CD1 HD1  sing N N 348 
TYR CD2 CE2  doub Y N 349 
TYR CD2 HD2  sing N N 350 
TYR CE1 CZ   doub Y N 351 
TYR CE1 HE1  sing N N 352 
TYR CE2 CZ   sing Y N 353 
TYR CE2 HE2  sing N N 354 
TYR CZ  OH   sing N N 355 
TYR OH  HH   sing N N 356 
TYR OXT HXT  sing N N 357 
VAL N   CA   sing N N 358 
VAL N   H    sing N N 359 
VAL N   H2   sing N N 360 
VAL CA  C    sing N N 361 
VAL CA  CB   sing N N 362 
VAL CA  HA   sing N N 363 
VAL C   O    doub N N 364 
VAL C   OXT  sing N N 365 
VAL CB  CG1  sing N N 366 
VAL CB  CG2  sing N N 367 
VAL CB  HB   sing N N 368 
VAL CG1 HG11 sing N N 369 
VAL CG1 HG12 sing N N 370 
VAL CG1 HG13 sing N N 371 
VAL CG2 HG21 sing N N 372 
VAL CG2 HG22 sing N N 373 
VAL CG2 HG23 sing N N 374 
VAL OXT HXT  sing N N 375 
# 
_atom_sites.entry_id                    3ECT 
_atom_sites.fract_transf_matrix[1][1]   0.00707032 
_atom_sites.fract_transf_matrix[1][2]   0.01365093 
_atom_sites.fract_transf_matrix[1][3]   -0.00341832 
_atom_sites.fract_transf_matrix[2][1]   0.00567056 
_atom_sites.fract_transf_matrix[2][2]   0.00252264 
_atom_sites.fract_transf_matrix[2][3]   -0.01447453 
_atom_sites.fract_transf_matrix[3][1]   -0.00492827 
_atom_sites.fract_transf_matrix[3][2]   0.00216349 
_atom_sites.fract_transf_matrix[3][3]   -0.00155365 
_atom_sites.fract_transf_vector[1]      0.023546 
_atom_sites.fract_transf_vector[2]      -0.184123 
_atom_sites.fract_transf_vector[3]      0.266335 
# 
loop_
_atom_type.symbol 
C  
CA 
N  
O  
S  
SE 
# 
loop_
_atom_site.group_PDB 
_atom_site.id 
_atom_site.type_symbol 
_atom_site.label_atom_id 
_atom_site.label_alt_id 
_atom_site.label_comp_id 
_atom_site.label_asym_id 
_atom_site.label_entity_id 
_atom_site.label_seq_id 
_atom_site.pdbx_PDB_ins_code 
_atom_site.Cartn_x 
_atom_site.Cartn_y 
_atom_site.Cartn_z 
_atom_site.occupancy 
_atom_site.B_iso_or_equiv 
_atom_site.pdbx_formal_charge 
_atom_site.auth_seq_id 
_atom_site.auth_comp_id 
_atom_site.auth_asym_id 
_atom_site.auth_atom_id 
_atom_site.pdbx_PDB_model_num 
ATOM   1    N  N   . LEU A 1 9   ? 12.955  13.933  5.584   1.00 97.94  ? 6   LEU A N   1 
ATOM   2    C  CA  . LEU A 1 9   ? 11.945  12.832  5.509   1.00 98.03  ? 6   LEU A CA  1 
ATOM   3    C  C   . LEU A 1 9   ? 10.620  13.169  6.221   1.00 98.41  ? 6   LEU A C   1 
ATOM   4    O  O   . LEU A 1 9   ? 9.629   12.431  6.096   1.00 98.75  ? 6   LEU A O   1 
ATOM   5    C  CB  . LEU A 1 9   ? 12.539  11.500  6.015   1.00 97.79  ? 6   LEU A CB  1 
ATOM   6    C  CG  . LEU A 1 9   ? 12.517  11.030  7.481   1.00 96.75  ? 6   LEU A CG  1 
ATOM   7    C  CD1 . LEU A 1 9   ? 11.163  10.471  7.912   1.00 95.89  ? 6   LEU A CD1 1 
ATOM   8    C  CD2 . LEU A 1 9   ? 13.567  9.960   7.657   1.00 95.74  ? 6   LEU A CD2 1 
ATOM   9    N  N   . GLU A 1 10  ? 10.607  14.287  6.948   1.00 98.63  ? 7   GLU A N   1 
ATOM   10   C  CA  . GLU A 1 10  ? 9.420   14.742  7.684   1.00 98.73  ? 7   GLU A CA  1 
ATOM   11   C  C   . GLU A 1 10  ? 8.472   15.662  6.894   1.00 98.87  ? 7   GLU A C   1 
ATOM   12   O  O   . GLU A 1 10  ? 7.251   15.621  7.113   1.00 98.86  ? 7   GLU A O   1 
ATOM   13   C  CB  . GLU A 1 10  ? 9.826   15.384  9.017   1.00 98.81  ? 7   GLU A CB  1 
ATOM   14   C  CG  . GLU A 1 10  ? 10.577  14.442  9.960   1.00 98.84  ? 7   GLU A CG  1 
ATOM   15   C  CD  . GLU A 1 10  ? 9.891   13.085  10.132  1.00 98.47  ? 7   GLU A CD  1 
ATOM   16   O  OE1 . GLU A 1 10  ? 10.605  12.088  10.394  1.00 98.58  ? 7   GLU A OE1 1 
ATOM   17   O  OE2 . GLU A 1 10  ? 8.648   13.004  10.007  1.00 98.02  ? 7   GLU A OE2 1 
ATOM   18   N  N   . LYS A 1 11  ? 9.032   16.483  5.984   1.00 98.95  ? 8   LYS A N   1 
ATOM   19   C  CA  . LYS A 1 11  ? 8.248   17.249  4.995   1.00 98.85  ? 8   LYS A CA  1 
ATOM   20   C  C   . LYS A 1 11  ? 7.510   16.317  4.020   1.00 99.32  ? 8   LYS A C   1 
ATOM   21   O  O   . LYS A 1 11  ? 6.537   16.723  3.372   1.00 99.45  ? 8   LYS A O   1 
ATOM   22   C  CB  . LYS A 1 11  ? 9.161   18.200  4.218   1.00 98.46  ? 8   LYS A CB  1 
ATOM   23   C  CG  . LYS A 1 11  ? 9.794   19.268  5.081   1.00 97.52  ? 8   LYS A CG  1 
ATOM   24   C  CD  . LYS A 1 11  ? 10.926  19.958  4.369   1.00 95.92  ? 8   LYS A CD  1 
ATOM   25   C  CE  . LYS A 1 11  ? 11.480  21.069  5.235   1.00 94.85  ? 8   LYS A CE  1 
ATOM   26   N  NZ  . LYS A 1 11  ? 12.499  21.856  4.508   1.00 94.12  ? 8   LYS A NZ  1 
HETATM 27   N  N   . MSE A 1 12  ? 7.981   15.065  3.954   1.00 99.68  ? 9   MSE A N   1 
HETATM 28   C  CA  . MSE A 1 12  ? 7.472   14.002  3.058   1.00 99.85  ? 9   MSE A CA  1 
HETATM 29   C  C   . MSE A 1 12  ? 6.384   13.041  3.637   1.00 99.63  ? 9   MSE A C   1 
HETATM 30   O  O   . MSE A 1 12  ? 5.390   12.736  2.935   1.00 99.43  ? 9   MSE A O   1 
HETATM 31   C  CB  . MSE A 1 12  ? 8.652   13.188  2.504   1.00 100.00 ? 9   MSE A CB  1 
HETATM 32   C  CG  . MSE A 1 12  ? 8.233   12.097  1.539   1.00 101.04 ? 9   MSE A CG  1 
HETATM 33   SE SE  . MSE A 1 12  ? 9.483   10.602  1.411   1.00 104.01 ? 9   MSE A SE  1 
HETATM 34   C  CE  . MSE A 1 12  ? 9.275   9.741   3.193   1.00 101.54 ? 9   MSE A CE  1 
ATOM   35   N  N   . LEU A 1 13  ? 6.584   12.548  4.877   1.00 99.20  ? 10  LEU A N   1 
ATOM   36   C  CA  . LEU A 1 13  ? 5.549   11.774  5.610   1.00 98.55  ? 10  LEU A CA  1 
ATOM   37   C  C   . LEU A 1 13  ? 4.313   12.653  5.890   1.00 98.52  ? 10  LEU A C   1 
ATOM   38   O  O   . LEU A 1 13  ? 3.207   12.136  6.076   1.00 98.46  ? 10  LEU A O   1 
ATOM   39   C  CB  . LEU A 1 13  ? 6.082   11.176  6.932   1.00 98.23  ? 10  LEU A CB  1 
ATOM   40   C  CG  . LEU A 1 13  ? 7.380   10.377  7.073   1.00 96.86  ? 10  LEU A CG  1 
ATOM   41   C  CD1 . LEU A 1 13  ? 7.289   9.501   8.303   1.00 95.16  ? 10  LEU A CD1 1 
ATOM   42   C  CD2 . LEU A 1 13  ? 7.676   9.540   5.853   1.00 95.23  ? 10  LEU A CD2 1 
ATOM   43   N  N   . LYS A 1 14  ? 4.530   13.975  5.927   1.00 98.36  ? 11  LYS A N   1 
ATOM   44   C  CA  . LYS A 1 14  ? 3.470   14.989  5.996   1.00 98.08  ? 11  LYS A CA  1 
ATOM   45   C  C   . LYS A 1 14  ? 2.945   15.345  4.601   1.00 98.12  ? 11  LYS A C   1 
ATOM   46   O  O   . LYS A 1 14  ? 2.347   16.395  4.412   1.00 98.02  ? 11  LYS A O   1 
ATOM   47   C  CB  . LYS A 1 14  ? 3.965   16.267  6.719   1.00 98.00  ? 11  LYS A CB  1 
ATOM   48   C  CG  . LYS A 1 14  ? 4.434   16.097  8.190   1.00 97.32  ? 11  LYS A CG  1 
ATOM   49   C  CD  . LYS A 1 14  ? 3.317   15.755  9.206   1.00 96.10  ? 11  LYS A CD  1 
ATOM   50   C  CE  . LYS A 1 14  ? 2.968   14.257  9.250   1.00 95.59  ? 11  LYS A CE  1 
ATOM   51   N  NZ  . LYS A 1 14  ? 4.152   13.370  9.488   1.00 94.87  ? 11  LYS A NZ  1 
ATOM   52   N  N   . GLY A 1 15  ? 3.164   14.462  3.629   1.00 98.40  ? 12  GLY A N   1 
ATOM   53   C  CA  . GLY A 1 15  ? 2.769   14.714  2.244   1.00 98.61  ? 12  GLY A CA  1 
ATOM   54   C  C   . GLY A 1 15  ? 3.704   15.684  1.499   1.00 98.73  ? 12  GLY A C   1 
ATOM   55   O  O   . GLY A 1 15  ? 3.323   16.839  1.219   1.00 98.68  ? 12  GLY A O   1 
ATOM   56   N  N   . HIS A 1 17  ? 7.257   17.809  1.133   1.00 111.00 ? 14  HIS A N   1 
ATOM   57   C  CA  . HIS A 1 17  ? 8.256   18.098  0.104   1.00 111.09 ? 14  HIS A CA  1 
ATOM   58   C  C   . HIS A 1 17  ? 9.684   17.997  0.652   1.00 110.83 ? 14  HIS A C   1 
ATOM   59   O  O   . HIS A 1 17  ? 10.471  17.181  0.164   1.00 110.68 ? 14  HIS A O   1 
ATOM   60   C  CB  . HIS A 1 17  ? 8.016   19.490  -0.501  1.00 111.19 ? 14  HIS A CB  1 
ATOM   61   C  CG  . HIS A 1 17  ? 8.491   19.623  -1.918  1.00 112.32 ? 14  HIS A CG  1 
ATOM   62   N  ND1 . HIS A 1 17  ? 9.262   20.684  -2.348  1.00 113.07 ? 14  HIS A ND1 1 
ATOM   63   C  CD2 . HIS A 1 17  ? 8.305   18.829  -3.002  1.00 112.74 ? 14  HIS A CD2 1 
ATOM   64   C  CE1 . HIS A 1 17  ? 9.534   20.544  -3.635  1.00 112.97 ? 14  HIS A CE1 1 
ATOM   65   N  NE2 . HIS A 1 17  ? 8.964   19.423  -4.067  1.00 113.20 ? 14  HIS A NE2 1 
ATOM   66   N  N   . ALA A 1 21  ? 15.585  13.187  -2.862  1.00 71.33  ? 18  ALA A N   1 
ATOM   67   C  CA  . ALA A 1 21  ? 17.033  13.320  -3.054  1.00 71.52  ? 18  ALA A CA  1 
ATOM   68   C  C   . ALA A 1 21  ? 17.754  13.770  -1.770  1.00 71.50  ? 18  ALA A C   1 
ATOM   69   O  O   . ALA A 1 21  ? 18.869  14.287  -1.820  1.00 71.71  ? 18  ALA A O   1 
ATOM   70   C  CB  . ALA A 1 21  ? 17.332  14.276  -4.209  1.00 71.34  ? 18  ALA A CB  1 
ATOM   71   N  N   . SER A 1 22  ? 17.106  13.557  -0.627  1.00 71.53  ? 19  SER A N   1 
ATOM   72   C  CA  . SER A 1 22  ? 17.635  13.931  0.683   1.00 71.11  ? 19  SER A CA  1 
ATOM   73   C  C   . SER A 1 22  ? 18.673  12.902  1.170   1.00 71.04  ? 19  SER A C   1 
ATOM   74   O  O   . SER A 1 22  ? 18.902  11.879  0.512   1.00 70.82  ? 19  SER A O   1 
ATOM   75   C  CB  . SER A 1 22  ? 16.468  14.059  1.668   1.00 71.10  ? 19  SER A CB  1 
ATOM   76   O  OG  . SER A 1 22  ? 16.905  14.339  2.982   1.00 70.73  ? 19  SER A OG  1 
ATOM   77   N  N   . ALA A 1 23  ? 19.318  13.199  2.312   1.00 70.94  ? 20  ALA A N   1 
ATOM   78   C  CA  . ALA A 1 23  ? 20.345  12.315  2.879   1.00 70.60  ? 20  ALA A CA  1 
ATOM   79   C  C   . ALA A 1 23  ? 19.697  11.095  3.529   1.00 70.43  ? 20  ALA A C   1 
ATOM   80   O  O   . ALA A 1 23  ? 19.928  9.958   3.081   1.00 70.65  ? 20  ALA A O   1 
ATOM   81   C  CB  . ALA A 1 23  ? 21.236  13.066  3.879   1.00 70.37  ? 20  ALA A CB  1 
ATOM   82   N  N   . GLU A 1 24  ? 18.893  11.343  4.576   1.00 69.95  ? 21  GLU A N   1 
ATOM   83   C  CA  . GLU A 1 24  ? 18.113  10.301  5.251   1.00 69.50  ? 21  GLU A CA  1 
ATOM   84   C  C   . GLU A 1 24  ? 17.477  9.408   4.211   1.00 68.68  ? 21  GLU A C   1 
ATOM   85   O  O   . GLU A 1 24  ? 17.765  8.215   4.137   1.00 68.60  ? 21  GLU A O   1 
ATOM   86   C  CB  . GLU A 1 24  ? 17.003  10.924  6.112   1.00 69.73  ? 21  GLU A CB  1 
ATOM   87   C  CG  . GLU A 1 24  ? 17.181  10.761  7.617   1.00 70.84  ? 21  GLU A CG  1 
ATOM   88   C  CD  . GLU A 1 24  ? 16.428  11.819  8.433   1.00 72.65  ? 21  GLU A CD  1 
ATOM   89   O  OE1 . GLU A 1 24  ? 15.384  12.344  7.977   1.00 73.28  ? 21  GLU A OE1 1 
ATOM   90   O  OE2 . GLU A 1 24  ? 16.902  12.140  9.541   1.00 73.95  ? 21  GLU A OE2 1 
ATOM   91   N  N   . ILE A 1 25  ? 16.638  10.036  3.397   1.00 67.78  ? 22  ILE A N   1 
ATOM   92   C  CA  . ILE A 1 25  ? 15.804  9.381   2.407   1.00 66.85  ? 22  ILE A CA  1 
ATOM   93   C  C   . ILE A 1 25  ? 16.573  8.418   1.500   1.00 66.01  ? 22  ILE A C   1 
ATOM   94   O  O   . ILE A 1 25  ? 16.134  7.283   1.284   1.00 65.97  ? 22  ILE A O   1 
ATOM   95   C  CB  . ILE A 1 25  ? 15.038  10.452  1.596   1.00 67.14  ? 22  ILE A CB  1 
ATOM   96   C  CG1 . ILE A 1 25  ? 14.147  11.265  2.552   1.00 66.79  ? 22  ILE A CG1 1 
ATOM   97   C  CG2 . ILE A 1 25  ? 14.230  9.817   0.450   1.00 67.07  ? 22  ILE A CG2 1 
ATOM   98   C  CD1 . ILE A 1 25  ? 13.813  12.663  2.069   1.00 67.94  ? 22  ILE A CD1 1 
ATOM   99   N  N   . GLU A 1 26  ? 17.725  8.855   0.997   1.00 64.75  ? 23  GLU A N   1 
ATOM   100  C  CA  . GLU A 1 26  ? 18.466  8.050   0.038   1.00 63.64  ? 23  GLU A CA  1 
ATOM   101  C  C   . GLU A 1 26  ? 19.106  6.858   0.703   1.00 62.14  ? 23  GLU A C   1 
ATOM   102  O  O   . GLU A 1 26  ? 19.368  5.847   0.056   1.00 61.99  ? 23  GLU A O   1 
ATOM   103  C  CB  . GLU A 1 26  ? 19.483  8.906   -0.691  1.00 64.00  ? 23  GLU A CB  1 
ATOM   104  C  CG  . GLU A 1 26  ? 18.768  10.004  -1.477  1.00 66.30  ? 23  GLU A CG  1 
ATOM   105  C  CD  . GLU A 1 26  ? 19.571  10.545  -2.644  1.00 69.44  ? 23  GLU A CD  1 
ATOM   106  O  OE1 . GLU A 1 26  ? 20.609  11.217  -2.402  1.00 71.19  ? 23  GLU A OE1 1 
ATOM   107  O  OE2 . GLU A 1 26  ? 19.143  10.326  -3.807  1.00 70.71  ? 23  GLU A OE2 1 
ATOM   108  N  N   . ALA A 1 27  ? 19.326  6.976   2.004   1.00 60.45  ? 24  ALA A N   1 
ATOM   109  C  CA  . ALA A 1 27  ? 19.742  5.844   2.815   1.00 59.28  ? 24  ALA A CA  1 
ATOM   110  C  C   . ALA A 1 27  ? 18.580  4.868   3.059   1.00 58.34  ? 24  ALA A C   1 
ATOM   111  O  O   . ALA A 1 27  ? 18.725  3.663   2.848   1.00 58.45  ? 24  ALA A O   1 
ATOM   112  C  CB  . ALA A 1 27  ? 20.322  6.319   4.127   1.00 59.15  ? 24  ALA A CB  1 
ATOM   113  N  N   . LEU A 1 28  ? 17.434  5.392   3.495   1.00 56.87  ? 25  LEU A N   1 
ATOM   114  C  CA  . LEU A 1 28  ? 16.240  4.576   3.755   1.00 55.70  ? 25  LEU A CA  1 
ATOM   115  C  C   . LEU A 1 28  ? 15.703  3.878   2.484   1.00 55.10  ? 25  LEU A C   1 
ATOM   116  O  O   . LEU A 1 28  ? 15.263  2.726   2.525   1.00 54.71  ? 25  LEU A O   1 
ATOM   117  C  CB  . LEU A 1 28  ? 15.142  5.417   4.417   1.00 55.21  ? 25  LEU A CB  1 
ATOM   118  C  CG  . LEU A 1 28  ? 13.816  4.678   4.600   1.00 54.82  ? 25  LEU A CG  1 
ATOM   119  C  CD1 . LEU A 1 28  ? 13.876  3.746   5.805   1.00 53.93  ? 25  LEU A CD1 1 
ATOM   120  C  CD2 . LEU A 1 28  ? 12.683  5.671   4.727   1.00 53.98  ? 25  LEU A CD2 1 
ATOM   121  N  N   . ARG A 1 29  ? 15.755  4.592   1.367   1.00 54.30  ? 26  ARG A N   1 
ATOM   122  C  CA  . ARG A 1 29  ? 15.422  4.040   0.077   1.00 54.16  ? 26  ARG A CA  1 
ATOM   123  C  C   . ARG A 1 29  ? 16.425  2.964   -0.319  1.00 53.46  ? 26  ARG A C   1 
ATOM   124  O  O   . ARG A 1 29  ? 16.055  1.978   -0.945  1.00 54.05  ? 26  ARG A O   1 
ATOM   125  C  CB  . ARG A 1 29  ? 15.325  5.155   -0.974  1.00 54.33  ? 26  ARG A CB  1 
ATOM   126  C  CG  . ARG A 1 29  ? 15.483  4.719   -2.424  1.00 56.17  ? 26  ARG A CG  1 
ATOM   127  C  CD  . ARG A 1 29  ? 14.842  5.708   -3.436  1.00 60.43  ? 26  ARG A CD  1 
ATOM   128  N  NE  . ARG A 1 29  ? 14.869  7.119   -3.017  1.00 64.12  ? 26  ARG A NE  1 
ATOM   129  C  CZ  . ARG A 1 29  ? 15.964  7.896   -2.949  1.00 66.65  ? 26  ARG A CZ  1 
ATOM   130  N  NH1 . ARG A 1 29  ? 17.183  7.430   -3.258  1.00 66.78  ? 26  ARG A NH1 1 
ATOM   131  N  NH2 . ARG A 1 29  ? 15.842  9.160   -2.549  1.00 67.91  ? 26  ARG A NH2 1 
ATOM   132  N  N   . SER A 1 30  ? 17.686  3.131   0.067   1.00 52.71  ? 27  SER A N   1 
ATOM   133  C  CA  . SER A 1 30  ? 18.719  2.182   -0.321  1.00 51.69  ? 27  SER A CA  1 
ATOM   134  C  C   . SER A 1 30  ? 18.746  0.941   0.569   1.00 50.91  ? 27  SER A C   1 
ATOM   135  O  O   . SER A 1 30  ? 19.040  -0.172  0.121   1.00 50.72  ? 27  SER A O   1 
ATOM   136  C  CB  . SER A 1 30  ? 20.069  2.866   -0.306  1.00 52.06  ? 27  SER A CB  1 
ATOM   137  O  OG  . SER A 1 30  ? 20.654  2.723   -1.582  1.00 52.71  ? 27  SER A OG  1 
ATOM   138  N  N   . GLN A 1 31  ? 18.418  1.137   1.833   1.00 50.01  ? 28  GLN A N   1 
ATOM   139  C  CA  . GLN A 1 31  ? 18.136  0.023   2.728   1.00 50.12  ? 28  GLN A CA  1 
ATOM   140  C  C   . GLN A 1 31  ? 16.975  -0.863  2.237   1.00 49.55  ? 28  GLN A C   1 
ATOM   141  O  O   . GLN A 1 31  ? 17.057  -2.090  2.324   1.00 48.94  ? 28  GLN A O   1 
ATOM   142  C  CB  . GLN A 1 31  ? 17.816  0.562   4.127   1.00 50.72  ? 28  GLN A CB  1 
ATOM   143  C  CG  . GLN A 1 31  ? 17.338  -0.491  5.139   1.00 52.87  ? 28  GLN A CG  1 
ATOM   144  C  CD  . GLN A 1 31  ? 16.537  0.101   6.301   1.00 55.30  ? 28  GLN A CD  1 
ATOM   145  O  OE1 . GLN A 1 31  ? 17.106  0.462   7.344   1.00 56.50  ? 28  GLN A OE1 1 
ATOM   146  N  NE2 . GLN A 1 31  ? 15.213  0.204   6.127   1.00 56.00  ? 28  GLN A NE2 1 
ATOM   147  N  N   . ALA A 1 32  ? 15.901  -0.235  1.737   1.00 48.98  ? 29  ALA A N   1 
ATOM   148  C  CA  . ALA A 1 32  ? 14.717  -0.965  1.273   1.00 48.59  ? 29  ALA A CA  1 
ATOM   149  C  C   . ALA A 1 32  ? 15.039  -1.766  0.024   1.00 48.27  ? 29  ALA A C   1 
ATOM   150  O  O   . ALA A 1 32  ? 14.583  -2.901  -0.124  1.00 48.02  ? 29  ALA A O   1 
ATOM   151  C  CB  . ALA A 1 32  ? 13.545  -0.020  1.036   1.00 48.44  ? 29  ALA A CB  1 
ATOM   152  N  N   . GLY A 1 33  ? 15.840  -1.179  -0.862  1.00 47.96  ? 30  GLY A N   1 
ATOM   153  C  CA  . GLY A 1 33  ? 16.314  -1.881  -2.053  1.00 48.39  ? 30  GLY A CA  1 
ATOM   154  C  C   . GLY A 1 33  ? 17.019  -3.177  -1.694  1.00 48.55  ? 30  GLY A C   1 
ATOM   155  O  O   . GLY A 1 33  ? 16.745  -4.220  -2.308  1.00 49.09  ? 30  GLY A O   1 
ATOM   156  N  N   . ARG A 1 34  ? 17.912  -3.096  -0.696  1.00 48.18  ? 31  ARG A N   1 
ATOM   157  C  CA  . ARG A 1 34  ? 18.618  -4.236  -0.098  1.00 47.94  ? 31  ARG A CA  1 
ATOM   158  C  C   . ARG A 1 34  ? 17.680  -5.339  0.409   1.00 47.37  ? 31  ARG A C   1 
ATOM   159  O  O   . ARG A 1 34  ? 17.791  -6.502  -0.010  1.00 47.42  ? 31  ARG A O   1 
ATOM   160  C  CB  . ARG A 1 34  ? 19.422  -3.764  1.109   1.00 48.20  ? 31  ARG A CB  1 
ATOM   161  C  CG  . ARG A 1 34  ? 20.817  -3.244  0.868   1.00 50.41  ? 31  ARG A CG  1 
ATOM   162  C  CD  . ARG A 1 34  ? 21.774  -3.504  2.099   1.00 53.04  ? 31  ARG A CD  1 
ATOM   163  N  NE  . ARG A 1 34  ? 21.122  -3.439  3.431   1.00 55.00  ? 31  ARG A NE  1 
ATOM   164  C  CZ  . ARG A 1 34  ? 20.626  -4.489  4.113   1.00 55.64  ? 31  ARG A CZ  1 
ATOM   165  N  NH1 . ARG A 1 34  ? 20.678  -5.721  3.603   1.00 56.30  ? 31  ARG A NH1 1 
ATOM   166  N  NH2 . ARG A 1 34  ? 20.057  -4.308  5.310   1.00 54.18  ? 31  ARG A NH2 1 
ATOM   167  N  N   . LEU A 1 35  ? 16.786  -4.961  1.330   1.00 46.36  ? 32  LEU A N   1 
ATOM   168  C  CA  . LEU A 1 35  ? 15.852  -5.873  2.009   1.00 45.69  ? 32  LEU A CA  1 
ATOM   169  C  C   . LEU A 1 35  ? 14.778  -6.501  1.113   1.00 45.87  ? 32  LEU A C   1 
ATOM   170  O  O   . LEU A 1 35  ? 14.415  -7.668  1.267   1.00 45.82  ? 32  LEU A O   1 
ATOM   171  C  CB  . LEU A 1 35  ? 15.179  -5.132  3.167   1.00 45.39  ? 32  LEU A CB  1 
ATOM   172  C  CG  . LEU A 1 35  ? 16.062  -4.868  4.394   1.00 43.79  ? 32  LEU A CG  1 
ATOM   173  C  CD1 . LEU A 1 35  ? 15.422  -3.857  5.333   1.00 42.72  ? 32  LEU A CD1 1 
ATOM   174  C  CD2 . LEU A 1 35  ? 16.358  -6.170  5.110   1.00 40.88  ? 32  LEU A CD2 1 
ATOM   175  N  N   . LYS A 1 36  ? 14.269  -5.702  0.182   1.00 46.04  ? 33  LYS A N   1 
ATOM   176  C  CA  . LYS A 1 36  ? 13.296  -6.142  -0.808  1.00 45.87  ? 33  LYS A CA  1 
ATOM   177  C  C   . LYS A 1 36  ? 13.898  -7.303  -1.558  1.00 46.22  ? 33  LYS A C   1 
ATOM   178  O  O   . LYS A 1 36  ? 13.353  -8.396  -1.593  1.00 45.74  ? 33  LYS A O   1 
ATOM   179  C  CB  . LYS A 1 36  ? 13.077  -4.997  -1.780  1.00 45.78  ? 33  LYS A CB  1 
ATOM   180  C  CG  . LYS A 1 36  ? 11.666  -4.602  -2.017  1.00 44.77  ? 33  LYS A CG  1 
ATOM   181  C  CD  . LYS A 1 36  ? 11.601  -3.178  -2.500  1.00 44.85  ? 33  LYS A CD  1 
ATOM   182  C  CE  . LYS A 1 36  ? 12.811  -2.798  -3.349  1.00 43.90  ? 33  LYS A CE  1 
ATOM   183  N  NZ  . LYS A 1 36  ? 12.560  -1.617  -4.194  1.00 41.43  ? 33  LYS A NZ  1 
ATOM   184  N  N   . LEU A 1 37  ? 15.067  -7.041  -2.136  1.00 46.98  ? 34  LEU A N   1 
ATOM   185  C  CA  . LEU A 1 37  ? 15.809  -8.009  -2.919  1.00 47.57  ? 34  LEU A CA  1 
ATOM   186  C  C   . LEU A 1 37  ? 16.075  -9.283  -2.122  1.00 47.71  ? 34  LEU A C   1 
ATOM   187  O  O   . LEU A 1 37  ? 16.077  -10.395 -2.665  1.00 47.87  ? 34  LEU A O   1 
ATOM   188  C  CB  . LEU A 1 37  ? 17.120  -7.380  -3.367  1.00 47.71  ? 34  LEU A CB  1 
ATOM   189  C  CG  . LEU A 1 37  ? 17.859  -8.075  -4.506  1.00 49.55  ? 34  LEU A CG  1 
ATOM   190  C  CD1 . LEU A 1 37  ? 18.367  -7.035  -5.467  1.00 50.77  ? 34  LEU A CD1 1 
ATOM   191  C  CD2 . LEU A 1 37  ? 19.020  -8.907  -3.974  1.00 51.79  ? 34  LEU A CD2 1 
ATOM   192  N  N   . GLU A 1 38  ? 16.290  -9.108  -0.827  1.00 47.61  ? 35  GLU A N   1 
ATOM   193  C  CA  . GLU A 1 38  ? 16.609  -10.217 0.019   1.00 47.55  ? 35  GLU A CA  1 
ATOM   194  C  C   . GLU A 1 38  ? 15.337  -10.995 0.273   1.00 47.08  ? 35  GLU A C   1 
ATOM   195  O  O   . GLU A 1 38  ? 15.347  -12.230 0.253   1.00 47.07  ? 35  GLU A O   1 
ATOM   196  C  CB  . GLU A 1 38  ? 17.218  -9.714  1.316   1.00 47.97  ? 35  GLU A CB  1 
ATOM   197  C  CG  . GLU A 1 38  ? 18.363  -10.575 1.788   1.00 50.47  ? 35  GLU A CG  1 
ATOM   198  C  CD  . GLU A 1 38  ? 19.336  -9.829  2.691   1.00 54.68  ? 35  GLU A CD  1 
ATOM   199  O  OE1 . GLU A 1 38  ? 19.654  -8.647  2.396   1.00 56.09  ? 35  GLU A OE1 1 
ATOM   200  O  OE2 . GLU A 1 38  ? 19.806  -10.435 3.689   1.00 56.18  ? 35  GLU A OE2 1 
ATOM   201  N  N   . ILE A 1 39  ? 14.236  -10.272 0.481   1.00 46.15  ? 36  ILE A N   1 
ATOM   202  C  CA  . ILE A 1 39  ? 12.966  -10.912 0.759   1.00 45.72  ? 36  ILE A CA  1 
ATOM   203  C  C   . ILE A 1 39  ? 12.488  -11.686 -0.461  1.00 46.11  ? 36  ILE A C   1 
ATOM   204  O  O   . ILE A 1 39  ? 12.174  -12.876 -0.373  1.00 46.52  ? 36  ILE A O   1 
ATOM   205  C  CB  . ILE A 1 39  ? 11.897  -9.907  1.193   1.00 45.45  ? 36  ILE A CB  1 
ATOM   206  C  CG1 . ILE A 1 39  ? 12.294  -9.244  2.512   1.00 43.59  ? 36  ILE A CG1 1 
ATOM   207  C  CG2 . ILE A 1 39  ? 10.589  -10.619 1.386   1.00 45.46  ? 36  ILE A CG2 1 
ATOM   208  C  CD1 . ILE A 1 39  ? 11.620  -7.929  2.785   1.00 41.27  ? 36  ILE A CD1 1 
ATOM   209  N  N   . ASN A 1 40  ? 12.464  -11.006 -1.602  1.00 46.22  ? 37  ASN A N   1 
ATOM   210  C  CA  . ASN A 1 40  ? 11.993  -11.590 -2.857  1.00 46.06  ? 37  ASN A CA  1 
ATOM   211  C  C   . ASN A 1 40  ? 12.855  -12.767 -3.277  1.00 46.19  ? 37  ASN A C   1 
ATOM   212  O  O   . ASN A 1 40  ? 12.412  -13.606 -4.036  1.00 45.61  ? 37  ASN A O   1 
ATOM   213  C  CB  . ASN A 1 40  ? 11.922  -10.540 -3.984  1.00 45.37  ? 37  ASN A CB  1 
ATOM   214  C  CG  . ASN A 1 40  ? 11.007  -9.343  -3.643  1.00 44.75  ? 37  ASN A CG  1 
ATOM   215  O  OD1 . ASN A 1 40  ? 10.112  -9.430  -2.800  1.00 42.76  ? 37  ASN A OD1 1 
ATOM   216  N  ND2 . ASN A 1 40  ? 11.239  -8.221  -4.319  1.00 42.20  ? 37  ASN A ND2 1 
ATOM   217  N  N   . GLN A 1 41  ? 14.078  -12.836 -2.768  1.00 47.01  ? 38  GLN A N   1 
ATOM   218  C  CA  . GLN A 1 41  ? 14.932  -14.000 -3.036  1.00 48.20  ? 38  GLN A CA  1 
ATOM   219  C  C   . GLN A 1 41  ? 14.864  -15.110 -1.983  1.00 48.59  ? 38  GLN A C   1 
ATOM   220  O  O   . GLN A 1 41  ? 15.292  -16.229 -2.232  1.00 48.44  ? 38  GLN A O   1 
ATOM   221  C  CB  . GLN A 1 41  ? 16.378  -13.571 -3.287  1.00 48.16  ? 38  GLN A CB  1 
ATOM   222  C  CG  . GLN A 1 41  ? 16.642  -13.267 -4.754  1.00 49.93  ? 38  GLN A CG  1 
ATOM   223  C  CD  . GLN A 1 41  ? 17.892  -12.427 -4.999  1.00 52.30  ? 38  GLN A CD  1 
ATOM   224  O  OE1 . GLN A 1 41  ? 17.983  -11.691 -5.995  1.00 51.60  ? 38  GLN A OE1 1 
ATOM   225  N  NE2 . GLN A 1 41  ? 18.868  -12.541 -4.099  1.00 53.76  ? 38  GLN A NE2 1 
ATOM   226  N  N   . SER A 1 42  ? 14.302  -14.805 -0.821  1.00 49.57  ? 39  SER A N   1 
ATOM   227  C  CA  . SER A 1 42  ? 14.202  -15.782 0.253   1.00 50.76  ? 39  SER A CA  1 
ATOM   228  C  C   . SER A 1 42  ? 13.248  -16.968 -0.038  1.00 51.21  ? 39  SER A C   1 
ATOM   229  O  O   . SER A 1 42  ? 12.049  -16.788 -0.323  1.00 51.61  ? 39  SER A O   1 
ATOM   230  C  CB  . SER A 1 42  ? 13.812  -15.072 1.556   1.00 50.92  ? 39  SER A CB  1 
ATOM   231  O  OG  . SER A 1 42  ? 13.569  -16.013 2.594   1.00 52.65  ? 39  SER A OG  1 
ATOM   232  N  N   . LEU A 1 43  ? 13.783  -18.181 0.065   1.00 51.52  ? 40  LEU A N   1 
ATOM   233  C  CA  . LEU A 1 43  ? 12.982  -19.391 -0.091  1.00 51.97  ? 40  LEU A CA  1 
ATOM   234  C  C   . LEU A 1 43  ? 12.434  -19.884 1.245   1.00 52.90  ? 40  LEU A C   1 
ATOM   235  O  O   . LEU A 1 43  ? 11.820  -20.939 1.318   1.00 53.32  ? 40  LEU A O   1 
ATOM   236  C  CB  . LEU A 1 43  ? 13.787  -20.491 -0.800  1.00 51.40  ? 40  LEU A CB  1 
ATOM   237  C  CG  . LEU A 1 43  ? 14.124  -20.206 -2.265  1.00 50.30  ? 40  LEU A CG  1 
ATOM   238  C  CD1 . LEU A 1 43  ? 14.971  -21.287 -2.858  1.00 49.17  ? 40  LEU A CD1 1 
ATOM   239  C  CD2 . LEU A 1 43  ? 12.852  -20.045 -3.057  1.00 49.64  ? 40  LEU A CD2 1 
ATOM   240  N  N   . ASP A 1 44  ? 12.628  -19.102 2.299   1.00 54.12  ? 41  ASP A N   1 
ATOM   241  C  CA  . ASP A 1 44  ? 12.298  -19.550 3.640   1.00 55.35  ? 41  ASP A CA  1 
ATOM   242  C  C   . ASP A 1 44  ? 11.224  -18.671 4.266   1.00 55.74  ? 41  ASP A C   1 
ATOM   243  O  O   . ASP A 1 44  ? 11.486  -17.500 4.549   1.00 55.66  ? 41  ASP A O   1 
ATOM   244  C  CB  . ASP A 1 44  ? 13.569  -19.509 4.492   1.00 55.79  ? 41  ASP A CB  1 
ATOM   245  C  CG  . ASP A 1 44  ? 13.571  -20.555 5.588   1.00 57.22  ? 41  ASP A CG  1 
ATOM   246  O  OD1 . ASP A 1 44  ? 12.513  -20.729 6.237   1.00 58.76  ? 41  ASP A OD1 1 
ATOM   247  O  OD2 . ASP A 1 44  ? 14.630  -21.205 5.797   1.00 59.05  ? 41  ASP A OD2 1 
ATOM   248  N  N   . GLU A 1 45  ? 10.034  -19.231 4.502   1.00 56.38  ? 42  GLU A N   1 
ATOM   249  C  CA  . GLU A 1 45  ? 8.910   -18.448 5.053   1.00 57.31  ? 42  GLU A CA  1 
ATOM   250  C  C   . GLU A 1 45  ? 9.291   -17.584 6.269   1.00 57.21  ? 42  GLU A C   1 
ATOM   251  O  O   . GLU A 1 45  ? 8.928   -16.408 6.334   1.00 57.79  ? 42  GLU A O   1 
ATOM   252  C  CB  . GLU A 1 45  ? 7.713   -19.348 5.409   1.00 57.85  ? 42  GLU A CB  1 
ATOM   253  C  CG  . GLU A 1 45  ? 6.820   -19.796 4.223   1.00 60.87  ? 42  GLU A CG  1 
ATOM   254  C  CD  . GLU A 1 45  ? 5.450   -19.048 4.112   1.00 65.30  ? 42  GLU A CD  1 
ATOM   255  O  OE1 . GLU A 1 45  ? 4.787   -18.762 5.151   1.00 65.40  ? 42  GLU A OE1 1 
ATOM   256  O  OE2 . GLU A 1 45  ? 5.027   -18.769 2.955   1.00 66.93  ? 42  GLU A OE2 1 
ATOM   257  N  N   . ALA A 1 46  ? 10.030  -18.171 7.212   1.00 56.95  ? 43  ALA A N   1 
ATOM   258  C  CA  . ALA A 1 46  ? 10.388  -17.532 8.489   1.00 56.20  ? 43  ALA A CA  1 
ATOM   259  C  C   . ALA A 1 46  ? 11.362  -16.392 8.296   1.00 55.78  ? 43  ALA A C   1 
ATOM   260  O  O   . ALA A 1 46  ? 11.279  -15.363 8.960   1.00 55.87  ? 43  ALA A O   1 
ATOM   261  C  CB  . ALA A 1 46  ? 10.981  -18.559 9.435   1.00 56.21  ? 43  ALA A CB  1 
ATOM   262  N  N   . GLU A 1 47  ? 12.292  -16.590 7.374   1.00 55.33  ? 44  GLU A N   1 
ATOM   263  C  CA  . GLU A 1 47  ? 13.346  -15.630 7.122   1.00 54.91  ? 44  GLU A CA  1 
ATOM   264  C  C   . GLU A 1 47  ? 12.811  -14.408 6.364   1.00 54.01  ? 44  GLU A C   1 
ATOM   265  O  O   . GLU A 1 47  ? 13.302  -13.287 6.559   1.00 53.79  ? 44  GLU A O   1 
ATOM   266  C  CB  . GLU A 1 47  ? 14.462  -16.321 6.352   1.00 55.32  ? 44  GLU A CB  1 
ATOM   267  C  CG  . GLU A 1 47  ? 15.783  -15.601 6.368   1.00 57.38  ? 44  GLU A CG  1 
ATOM   268  C  CD  . GLU A 1 47  ? 16.516  -15.759 5.045   1.00 60.78  ? 44  GLU A CD  1 
ATOM   269  O  OE1 . GLU A 1 47  ? 15.946  -16.394 4.109   1.00 62.04  ? 44  GLU A OE1 1 
ATOM   270  O  OE2 . GLU A 1 47  ? 17.658  -15.244 4.940   1.00 61.72  ? 44  GLU A OE2 1 
ATOM   271  N  N   . ARG A 1 48  ? 11.806  -14.636 5.515   1.00 52.85  ? 45  ARG A N   1 
ATOM   272  C  CA  . ARG A 1 48  ? 11.107  -13.565 4.800   1.00 51.93  ? 45  ARG A CA  1 
ATOM   273  C  C   . ARG A 1 48  ? 10.343  -12.712 5.775   1.00 51.04  ? 45  ARG A C   1 
ATOM   274  O  O   . ARG A 1 48  ? 10.500  -11.494 5.782   1.00 50.11  ? 45  ARG A O   1 
ATOM   275  C  CB  . ARG A 1 48  ? 10.114  -14.124 3.787   1.00 52.00  ? 45  ARG A CB  1 
ATOM   276  C  CG  . ARG A 1 48  ? 10.730  -14.505 2.480   1.00 52.65  ? 45  ARG A CG  1 
ATOM   277  C  CD  . ARG A 1 48  ? 9.733   -14.337 1.347   1.00 54.93  ? 45  ARG A CD  1 
ATOM   278  N  NE  . ARG A 1 48  ? 8.498   -15.086 1.580   1.00 55.41  ? 45  ARG A NE  1 
ATOM   279  C  CZ  . ARG A 1 48  ? 8.325   -16.363 1.251   1.00 54.90  ? 45  ARG A CZ  1 
ATOM   280  N  NH1 . ARG A 1 48  ? 9.309   -17.048 0.672   1.00 53.91  ? 45  ARG A NH1 1 
ATOM   281  N  NH2 . ARG A 1 48  ? 7.165   -16.952 1.503   1.00 54.98  ? 45  ARG A NH2 1 
ATOM   282  N  N   . TYR A 1 49  ? 9.514   -13.374 6.589   1.00 50.35  ? 46  TYR A N   1 
ATOM   283  C  CA  . TYR A 1 49  ? 8.748   -12.714 7.640   1.00 50.23  ? 46  TYR A CA  1 
ATOM   284  C  C   . TYR A 1 49  ? 9.690   -11.890 8.518   1.00 49.76  ? 46  TYR A C   1 
ATOM   285  O  O   . TYR A 1 49  ? 9.395   -10.728 8.825   1.00 50.02  ? 46  TYR A O   1 
ATOM   286  C  CB  . TYR A 1 49  ? 7.942   -13.723 8.483   1.00 50.15  ? 46  TYR A CB  1 
ATOM   287  C  CG  . TYR A 1 49  ? 7.001   -13.057 9.496   1.00 52.12  ? 46  TYR A CG  1 
ATOM   288  C  CD1 . TYR A 1 49  ? 5.643   -12.819 9.194   1.00 52.04  ? 46  TYR A CD1 1 
ATOM   289  C  CD2 . TYR A 1 49  ? 7.475   -12.646 10.760  1.00 52.23  ? 46  TYR A CD2 1 
ATOM   290  C  CE1 . TYR A 1 49  ? 4.783   -12.203 10.137  1.00 52.03  ? 46  TYR A CE1 1 
ATOM   291  C  CE2 . TYR A 1 49  ? 6.636   -12.020 11.692  1.00 51.74  ? 46  TYR A CE2 1 
ATOM   292  C  CZ  . TYR A 1 49  ? 5.297   -11.803 11.386  1.00 52.94  ? 46  TYR A CZ  1 
ATOM   293  O  OH  . TYR A 1 49  ? 4.489   -11.192 12.338  1.00 52.04  ? 46  TYR A OH  1 
ATOM   294  N  N   . ALA A 1 50  ? 10.821  -12.489 8.897   1.00 48.75  ? 47  ALA A N   1 
ATOM   295  C  CA  . ALA A 1 50  ? 11.877  -11.785 9.617   1.00 48.24  ? 47  ALA A CA  1 
ATOM   296  C  C   . ALA A 1 50  ? 12.399  -10.537 8.866   1.00 47.73  ? 47  ALA A C   1 
ATOM   297  O  O   . ALA A 1 50  ? 12.339  -9.417  9.386   1.00 47.84  ? 47  ALA A O   1 
ATOM   298  C  CB  . ALA A 1 50  ? 13.017  -12.744 9.943   1.00 47.94  ? 47  ALA A CB  1 
ATOM   299  N  N   . LEU A 1 51  ? 12.905  -10.735 7.648   1.00 47.21  ? 48  LEU A N   1 
ATOM   300  C  CA  . LEU A 1 51  ? 13.381  -9.630  6.803   1.00 46.72  ? 48  LEU A CA  1 
ATOM   301  C  C   . LEU A 1 51  ? 12.320  -8.544  6.563   1.00 46.60  ? 48  LEU A C   1 
ATOM   302  O  O   . LEU A 1 51  ? 12.639  -7.342  6.572   1.00 46.08  ? 48  LEU A O   1 
ATOM   303  C  CB  . LEU A 1 51  ? 13.864  -10.166 5.463   1.00 46.43  ? 48  LEU A CB  1 
ATOM   304  C  CG  . LEU A 1 51  ? 15.206  -10.884 5.420   1.00 46.09  ? 48  LEU A CG  1 
ATOM   305  C  CD1 . LEU A 1 51  ? 15.226  -11.824 4.231   1.00 44.88  ? 48  LEU A CD1 1 
ATOM   306  C  CD2 . LEU A 1 51  ? 16.365  -9.894  5.359   1.00 45.16  ? 48  LEU A CD2 1 
ATOM   307  N  N   . GLN A 1 52  ? 11.072  -8.983  6.361   1.00 46.57  ? 49  GLN A N   1 
ATOM   308  C  CA  . GLN A 1 52  ? 9.929   -8.091  6.134   1.00 46.88  ? 49  GLN A CA  1 
ATOM   309  C  C   . GLN A 1 52  ? 9.655   -7.241  7.360   1.00 47.24  ? 49  GLN A C   1 
ATOM   310  O  O   . GLN A 1 52  ? 9.351   -6.063  7.233   1.00 47.70  ? 49  GLN A O   1 
ATOM   311  C  CB  . GLN A 1 52  ? 8.665   -8.867  5.733   1.00 46.63  ? 49  GLN A CB  1 
ATOM   312  C  CG  . GLN A 1 52  ? 8.782   -9.614  4.420   1.00 44.61  ? 49  GLN A CG  1 
ATOM   313  C  CD  . GLN A 1 52  ? 7.570   -10.464 4.105   1.00 44.25  ? 49  GLN A CD  1 
ATOM   314  O  OE1 . GLN A 1 52  ? 7.010   -11.135 4.966   1.00 44.85  ? 49  GLN A OE1 1 
ATOM   315  N  NE2 . GLN A 1 52  ? 7.165   -10.452 2.852   1.00 45.12  ? 49  GLN A NE2 1 
ATOM   316  N  N   . ARG A 1 53  ? 9.816   -7.816  8.547   1.00 47.77  ? 50  ARG A N   1 
ATOM   317  C  CA  . ARG A 1 53  ? 9.644   -7.034  9.777   1.00 48.09  ? 50  ARG A CA  1 
ATOM   318  C  C   . ARG A 1 53  ? 10.707  -5.950  9.925   1.00 47.49  ? 50  ARG A C   1 
ATOM   319  O  O   . ARG A 1 53  ? 10.552  -5.027  10.717  1.00 47.53  ? 50  ARG A O   1 
ATOM   320  C  CB  . ARG A 1 53  ? 9.692   -7.933  10.986  1.00 48.41  ? 50  ARG A CB  1 
ATOM   321  C  CG  . ARG A 1 53  ? 8.637   -7.610  11.990  1.00 51.11  ? 50  ARG A CG  1 
ATOM   322  C  CD  . ARG A 1 53  ? 7.698   -8.774  12.072  1.00 55.53  ? 50  ARG A CD  1 
ATOM   323  N  NE  . ARG A 1 53  ? 6.717   -8.625  13.138  1.00 59.45  ? 50  ARG A NE  1 
ATOM   324  C  CZ  . ARG A 1 53  ? 6.977   -8.712  14.445  1.00 62.96  ? 50  ARG A CZ  1 
ATOM   325  N  NH1 . ARG A 1 53  ? 8.211   -8.935  14.899  1.00 64.63  ? 50  ARG A NH1 1 
ATOM   326  N  NH2 . ARG A 1 53  ? 5.985   -8.570  15.313  1.00 65.34  ? 50  ARG A NH2 1 
ATOM   327  N  N   . GLU A 1 54  ? 11.786  -6.088  9.161   1.00 47.00  ? 51  GLU A N   1 
ATOM   328  C  CA  . GLU A 1 54  ? 12.893  -5.138  9.159   1.00 46.64  ? 51  GLU A CA  1 
ATOM   329  C  C   . GLU A 1 54  ? 12.704  -4.117  8.055   1.00 45.91  ? 51  GLU A C   1 
ATOM   330  O  O   . GLU A 1 54  ? 13.248  -3.023  8.107   1.00 45.97  ? 51  GLU A O   1 
ATOM   331  C  CB  . GLU A 1 54  ? 14.198  -5.889  8.915   1.00 46.97  ? 51  GLU A CB  1 
ATOM   332  C  CG  . GLU A 1 54  ? 15.428  -5.226  9.491   1.00 48.36  ? 51  GLU A CG  1 
ATOM   333  C  CD  . GLU A 1 54  ? 16.702  -6.020  9.206   1.00 50.50  ? 51  GLU A CD  1 
ATOM   334  O  OE1 . GLU A 1 54  ? 16.646  -7.283  9.232   1.00 51.39  ? 51  GLU A OE1 1 
ATOM   335  O  OE2 . GLU A 1 54  ? 17.756  -5.375  8.952   1.00 49.82  ? 51  GLU A OE2 1 
ATOM   336  N  N   . LEU A 1 55  ? 11.943  -4.504  7.036   1.00 45.12  ? 52  LEU A N   1 
ATOM   337  C  CA  . LEU A 1 55  ? 11.597  -3.611  5.945   1.00 43.63  ? 52  LEU A CA  1 
ATOM   338  C  C   . LEU A 1 55  ? 10.449  -2.703  6.341   1.00 43.37  ? 52  LEU A C   1 
ATOM   339  O  O   . LEU A 1 55  ? 10.513  -1.483  6.164   1.00 43.89  ? 52  LEU A O   1 
ATOM   340  C  CB  . LEU A 1 55  ? 11.206  -4.417  4.711   1.00 43.10  ? 52  LEU A CB  1 
ATOM   341  C  CG  . LEU A 1 55  ? 10.669  -3.633  3.519   1.00 40.64  ? 52  LEU A CG  1 
ATOM   342  C  CD1 . LEU A 1 55  ? 11.725  -2.708  2.920   1.00 39.33  ? 52  LEU A CD1 1 
ATOM   343  C  CD2 . LEU A 1 55  ? 10.153  -4.622  2.496   1.00 38.50  ? 52  LEU A CD2 1 
ATOM   344  N  N   . PHE A 1 56  ? 9.405   -3.305  6.881   1.00 42.30  ? 53  PHE A N   1 
ATOM   345  C  CA  . PHE A 1 56  ? 8.172   -2.592  7.139   1.00 42.12  ? 53  PHE A CA  1 
ATOM   346  C  C   . PHE A 1 56  ? 8.191   -1.775  8.399   1.00 41.79  ? 53  PHE A C   1 
ATOM   347  O  O   . PHE A 1 56  ? 8.964   -2.063  9.304   1.00 42.16  ? 53  PHE A O   1 
ATOM   348  C  CB  . PHE A 1 56  ? 7.025   -3.591  7.261   1.00 42.39  ? 53  PHE A CB  1 
ATOM   349  C  CG  . PHE A 1 56  ? 6.682   -4.273  5.980   1.00 42.67  ? 53  PHE A CG  1 
ATOM   350  C  CD1 . PHE A 1 56  ? 6.719   -3.573  4.777   1.00 42.12  ? 53  PHE A CD1 1 
ATOM   351  C  CD2 . PHE A 1 56  ? 6.289   -5.616  5.980   1.00 43.06  ? 53  PHE A CD2 1 
ATOM   352  C  CE1 . PHE A 1 56  ? 6.381   -4.200  3.587   1.00 43.54  ? 53  PHE A CE1 1 
ATOM   353  C  CE2 . PHE A 1 56  ? 5.954   -6.251  4.796   1.00 44.17  ? 53  PHE A CE2 1 
ATOM   354  C  CZ  . PHE A 1 56  ? 5.991   -5.536  3.585   1.00 43.26  ? 53  PHE A CZ  1 
ATOM   355  N  N   . GLY A 1 57  ? 7.306   -0.781  8.466   1.00 41.40  ? 54  GLY A N   1 
ATOM   356  C  CA  . GLY A 1 57  ? 7.047   -0.063  9.702   1.00 40.83  ? 54  GLY A CA  1 
ATOM   357  C  C   . GLY A 1 57  ? 6.602   -1.063  10.743  1.00 40.85  ? 54  GLY A C   1 
ATOM   358  O  O   . GLY A 1 57  ? 7.152   -1.103  11.811  1.00 41.66  ? 54  GLY A O   1 
ATOM   359  N  N   . HIS A 1 58  ? 5.649   -1.922  10.404  1.00 40.88  ? 55  HIS A N   1 
ATOM   360  C  CA  . HIS A 1 58  ? 5.091   -2.916  11.343  1.00 40.92  ? 55  HIS A CA  1 
ATOM   361  C  C   . HIS A 1 58  ? 4.448   -4.020  10.505  1.00 40.75  ? 55  HIS A C   1 
ATOM   362  O  O   . HIS A 1 58  ? 3.831   -3.741  9.466   1.00 40.78  ? 55  HIS A O   1 
ATOM   363  C  CB  . HIS A 1 58  ? 4.110   -2.245  12.347  1.00 40.46  ? 55  HIS A CB  1 
ATOM   364  C  CG  . HIS A 1 58  ? 3.269   -3.190  13.170  1.00 41.15  ? 55  HIS A CG  1 
ATOM   365  N  ND1 . HIS A 1 58  ? 3.699   -3.737  14.364  1.00 40.58  ? 55  HIS A ND1 1 
ATOM   366  C  CD2 . HIS A 1 58  ? 1.988   -3.614  13.012  1.00 42.09  ? 55  HIS A CD2 1 
ATOM   367  C  CE1 . HIS A 1 58  ? 2.736   -4.474  14.893  1.00 39.15  ? 55  HIS A CE1 1 
ATOM   368  N  NE2 . HIS A 1 58  ? 1.683   -4.409  14.097  1.00 42.28  ? 55  HIS A NE2 1 
ATOM   369  N  N   . LEU A 1 59  ? 4.648   -5.266  10.927  1.00 40.68  ? 56  LEU A N   1 
ATOM   370  C  CA  . LEU A 1 59  ? 4.054   -6.404  10.266  1.00 41.05  ? 56  LEU A CA  1 
ATOM   371  C  C   . LEU A 1 59  ? 3.481   -7.294  11.330  1.00 42.26  ? 56  LEU A C   1 
ATOM   372  O  O   . LEU A 1 59  ? 4.212   -7.910  12.091  1.00 42.80  ? 56  LEU A O   1 
ATOM   373  C  CB  . LEU A 1 59  ? 5.082   -7.159  9.399   1.00 40.36  ? 56  LEU A CB  1 
ATOM   374  C  CG  . LEU A 1 59  ? 4.570   -8.448  8.723   1.00 38.49  ? 56  LEU A CG  1 
ATOM   375  C  CD1 . LEU A 1 59  ? 3.246   -8.228  7.977   1.00 37.13  ? 56  LEU A CD1 1 
ATOM   376  C  CD2 . LEU A 1 59  ? 5.613   -9.077  7.810   1.00 36.14  ? 56  LEU A CD2 1 
ATOM   377  N  N   . GLY A 1 60  ? 2.165   -7.373  11.386  1.00 43.72  ? 57  GLY A N   1 
ATOM   378  C  CA  . GLY A 1 60  ? 1.513   -8.065  12.485  1.00 44.98  ? 57  GLY A CA  1 
ATOM   379  C  C   . GLY A 1 60  ? 1.652   -9.579  12.563  1.00 46.07  ? 57  GLY A C   1 
ATOM   380  O  O   . GLY A 1 60  ? 2.281   -10.234 11.737  1.00 46.03  ? 57  GLY A O   1 
ATOM   381  N  N   . HIS A 1 61  ? 1.027   -10.120 13.596  1.00 46.92  ? 58  HIS A N   1 
ATOM   382  C  CA  . HIS A 1 61  ? 1.075   -11.518 13.932  1.00 47.59  ? 58  HIS A CA  1 
ATOM   383  C  C   . HIS A 1 61  ? 0.139   -12.371 13.051  1.00 46.81  ? 58  HIS A C   1 
ATOM   384  O  O   . HIS A 1 61  ? -1.008  -11.999 12.787  1.00 46.11  ? 58  HIS A O   1 
ATOM   385  C  CB  . HIS A 1 61  ? 0.730   -11.593 15.415  1.00 48.59  ? 58  HIS A CB  1 
ATOM   386  C  CG  . HIS A 1 61  ? 0.196   -12.910 15.868  1.00 52.20  ? 58  HIS A CG  1 
ATOM   387  N  ND1 . HIS A 1 61  ? -1.127  -13.095 16.211  1.00 55.69  ? 58  HIS A ND1 1 
ATOM   388  C  CD2 . HIS A 1 61  ? 0.809   -14.101 16.067  1.00 55.94  ? 58  HIS A CD2 1 
ATOM   389  C  CE1 . HIS A 1 61  ? -1.306  -14.346 16.607  1.00 57.55  ? 58  HIS A CE1 1 
ATOM   390  N  NE2 . HIS A 1 61  ? -0.146  -14.978 16.529  1.00 57.06  ? 58  HIS A NE2 1 
ATOM   391  N  N   . LYS A 1 62  ? 0.649   -13.522 12.615  1.00 46.34  ? 59  LYS A N   1 
ATOM   392  C  CA  . LYS A 1 62  ? -0.035  -14.395 11.646  1.00 46.14  ? 59  LYS A CA  1 
ATOM   393  C  C   . LYS A 1 62  ? -0.310  -13.726 10.293  1.00 45.62  ? 59  LYS A C   1 
ATOM   394  O  O   . LYS A 1 62  ? -1.180  -14.168 9.526   1.00 45.40  ? 59  LYS A O   1 
ATOM   395  C  CB  . LYS A 1 62  ? -1.336  -14.992 12.216  1.00 46.38  ? 59  LYS A CB  1 
ATOM   396  C  CG  . LYS A 1 62  ? -1.226  -16.434 12.725  1.00 47.71  ? 59  LYS A CG  1 
ATOM   397  C  CD  . LYS A 1 62  ? -1.182  -16.447 14.218  1.00 49.93  ? 59  LYS A CD  1 
ATOM   398  C  CE  . LYS A 1 62  ? -1.114  -17.868 14.798  1.00 52.02  ? 59  LYS A CE  1 
ATOM   399  N  NZ  . LYS A 1 62  ? -2.200  -18.036 15.894  1.00 52.96  ? 59  LYS A NZ  1 
ATOM   400  N  N   . SER A 1 63  ? 0.430   -12.657 10.009  1.00 44.89  ? 60  SER A N   1 
ATOM   401  C  CA  . SER A 1 63  ? 0.233   -11.910 8.795   1.00 43.53  ? 60  SER A CA  1 
ATOM   402  C  C   . SER A 1 63  ? 1.223   -12.363 7.758   1.00 43.68  ? 60  SER A C   1 
ATOM   403  O  O   . SER A 1 63  ? 2.276   -12.897 8.076   1.00 43.84  ? 60  SER A O   1 
ATOM   404  C  CB  . SER A 1 63  ? 0.363   -10.435 9.066   1.00 43.44  ? 60  SER A CB  1 
ATOM   405  O  OG  . SER A 1 63  ? -0.917  -9.881  9.211   1.00 42.10  ? 60  SER A OG  1 
ATOM   406  N  N   . CYS A 1 64  ? 0.892   -12.165 6.496   1.00 43.50  ? 61  CYS A N   1 
ATOM   407  C  CA  . CYS A 1 64  ? 1.707   -12.770 5.459   1.00 43.51  ? 61  CYS A CA  1 
ATOM   408  C  C   . CYS A 1 64  ? 1.805   -11.961 4.144   1.00 41.87  ? 61  CYS A C   1 
ATOM   409  O  O   . CYS A 1 64  ? 0.797   -11.576 3.563   1.00 42.14  ? 61  CYS A O   1 
ATOM   410  C  CB  . CYS A 1 64  ? 1.181   -14.192 5.249   1.00 43.99  ? 61  CYS A CB  1 
ATOM   411  S  SG  . CYS A 1 64  ? 1.803   -14.983 3.797   1.00 50.91  ? 61  CYS A SG  1 
ATOM   412  N  N   . VAL A 1 65  ? 3.021   -11.668 3.703   1.00 40.29  ? 62  VAL A N   1 
ATOM   413  C  CA  . VAL A 1 65  ? 3.210   -10.932 2.469   1.00 39.07  ? 62  VAL A CA  1 
ATOM   414  C  C   . VAL A 1 65  ? 3.993   -11.797 1.492   1.00 39.18  ? 62  VAL A C   1 
ATOM   415  O  O   . VAL A 1 65  ? 5.147   -12.163 1.772   1.00 40.22  ? 62  VAL A O   1 
ATOM   416  C  CB  . VAL A 1 65  ? 3.942   -9.625  2.706   1.00 39.00  ? 62  VAL A CB  1 
ATOM   417  C  CG1 . VAL A 1 65  ? 4.119   -8.893  1.391   1.00 38.01  ? 62  VAL A CG1 1 
ATOM   418  C  CG2 . VAL A 1 65  ? 3.175   -8.766  3.664   1.00 37.78  ? 62  VAL A CG2 1 
ATOM   419  N  N   . GLN A 1 66  ? 3.367   -12.157 0.375   1.00 37.68  ? 63  GLN A N   1 
ATOM   420  C  CA  . GLN A 1 66  ? 3.958   -13.060 -0.626  1.00 37.04  ? 63  GLN A CA  1 
ATOM   421  C  C   . GLN A 1 66  ? 4.918   -12.391 -1.599  1.00 37.02  ? 63  GLN A C   1 
ATOM   422  O  O   . GLN A 1 66  ? 4.602   -11.373 -2.200  1.00 37.33  ? 63  GLN A O   1 
ATOM   423  C  CB  . GLN A 1 66  ? 2.862   -13.682 -1.471  1.00 37.32  ? 63  GLN A CB  1 
ATOM   424  C  CG  . GLN A 1 66  ? 1.887   -14.523 -0.722  1.00 39.18  ? 63  GLN A CG  1 
ATOM   425  C  CD  . GLN A 1 66  ? 2.549   -15.741 -0.112  1.00 43.82  ? 63  GLN A CD  1 
ATOM   426  O  OE1 . GLN A 1 66  ? 3.748   -15.956 -0.252  1.00 46.91  ? 63  GLN A OE1 1 
ATOM   427  N  NE2 . GLN A 1 66  ? 1.772   -16.541 0.576   1.00 47.29  ? 63  GLN A NE2 1 
ATOM   428  N  N   . PRO A 1 67  ? 6.090   -12.979 -1.815  1.00 36.77  ? 64  PRO A N   1 
ATOM   429  C  CA  . PRO A 1 67  ? 6.970   -12.341 -2.793  1.00 36.67  ? 64  PRO A CA  1 
ATOM   430  C  C   . PRO A 1 67  ? 6.570   -12.622 -4.268  1.00 36.42  ? 64  PRO A C   1 
ATOM   431  O  O   . PRO A 1 67  ? 5.841   -13.583 -4.517  1.00 37.09  ? 64  PRO A O   1 
ATOM   432  C  CB  . PRO A 1 67  ? 8.323   -12.953 -2.457  1.00 36.44  ? 64  PRO A CB  1 
ATOM   433  C  CG  . PRO A 1 67  ? 7.956   -14.323 -1.971  1.00 36.56  ? 64  PRO A CG  1 
ATOM   434  C  CD  . PRO A 1 67  ? 6.710   -14.158 -1.190  1.00 36.38  ? 64  PRO A CD  1 
ATOM   435  N  N   . PRO A 1 68  ? 7.042   -11.795 -5.240  1.00 36.34  ? 65  PRO A N   1 
ATOM   436  C  CA  . PRO A 1 68  ? 7.843   -10.574 -5.034  1.00 36.59  ? 65  PRO A CA  1 
ATOM   437  C  C   . PRO A 1 68  ? 6.949   -9.461  -4.567  1.00 37.26  ? 65  PRO A C   1 
ATOM   438  O  O   . PRO A 1 68  ? 5.803   -9.353  -5.014  1.00 38.71  ? 65  PRO A O   1 
ATOM   439  C  CB  . PRO A 1 68  ? 8.377   -10.244 -6.438  1.00 35.65  ? 65  PRO A CB  1 
ATOM   440  C  CG  . PRO A 1 68  ? 7.406   -10.861 -7.339  1.00 35.68  ? 65  PRO A CG  1 
ATOM   441  C  CD  . PRO A 1 68  ? 6.913   -12.111 -6.675  1.00 35.20  ? 65  PRO A CD  1 
ATOM   442  N  N   . PHE A 1 69  ? 7.458   -8.633  -3.669  1.00 37.61  ? 66  PHE A N   1 
ATOM   443  C  CA  . PHE A 1 69  ? 6.724   -7.465  -3.222  1.00 37.20  ? 66  PHE A CA  1 
ATOM   444  C  C   . PHE A 1 69  ? 7.607   -6.231  -3.468  1.00 36.96  ? 66  PHE A C   1 
ATOM   445  O  O   . PHE A 1 69  ? 8.811   -6.272  -3.229  1.00 35.82  ? 66  PHE A O   1 
ATOM   446  C  CB  . PHE A 1 69  ? 6.353   -7.652  -1.754  1.00 37.12  ? 66  PHE A CB  1 
ATOM   447  C  CG  . PHE A 1 69  ? 5.896   -6.416  -1.093  1.00 37.98  ? 66  PHE A CG  1 
ATOM   448  C  CD1 . PHE A 1 69  ? 6.819   -5.545  -0.536  1.00 37.62  ? 66  PHE A CD1 1 
ATOM   449  C  CD2 . PHE A 1 69  ? 4.526   -6.109  -1.021  1.00 39.81  ? 66  PHE A CD2 1 
ATOM   450  C  CE1 . PHE A 1 69  ? 6.391   -4.388  0.086   1.00 39.32  ? 66  PHE A CE1 1 
ATOM   451  C  CE2 . PHE A 1 69  ? 4.074   -4.942  -0.404  1.00 36.06  ? 66  PHE A CE2 1 
ATOM   452  C  CZ  . PHE A 1 69  ? 5.011   -4.087  0.145   1.00 39.55  ? 66  PHE A CZ  1 
ATOM   453  N  N   . HIS A 1 70  ? 7.000   -5.146  -3.957  1.00 37.70  ? 67  HIS A N   1 
ATOM   454  C  CA  . HIS A 1 70  ? 7.734   -3.906  -4.285  1.00 37.69  ? 67  HIS A CA  1 
ATOM   455  C  C   . HIS A 1 70  ? 7.266   -2.640  -3.580  1.00 38.62  ? 67  HIS A C   1 
ATOM   456  O  O   . HIS A 1 70  ? 6.062   -2.309  -3.550  1.00 39.63  ? 67  HIS A O   1 
ATOM   457  C  CB  . HIS A 1 70  ? 7.737   -3.683  -5.777  1.00 37.24  ? 67  HIS A CB  1 
ATOM   458  C  CG  . HIS A 1 70  ? 8.276   -4.849  -6.531  1.00 37.36  ? 67  HIS A CG  1 
ATOM   459  N  ND1 . HIS A 1 70  ? 9.617   -5.191  -6.514  1.00 37.94  ? 67  HIS A ND1 1 
ATOM   460  C  CD2 . HIS A 1 70  ? 7.647   -5.795  -7.268  1.00 35.12  ? 67  HIS A CD2 1 
ATOM   461  C  CE1 . HIS A 1 70  ? 9.793   -6.282  -7.241  1.00 38.24  ? 67  HIS A CE1 1 
ATOM   462  N  NE2 . HIS A 1 70  ? 8.615   -6.663  -7.714  1.00 38.50  ? 67  HIS A NE2 1 
ATOM   463  N  N   . CYS A 1 71  ? 8.225   -1.930  -3.012  1.00 39.00  ? 68  CYS A N   1 
ATOM   464  C  CA  . CYS A 1 71  ? 7.963   -0.612  -2.475  1.00 40.18  ? 68  CYS A CA  1 
ATOM   465  C  C   . CYS A 1 71  ? 9.237   0.183   -2.485  1.00 40.40  ? 68  CYS A C   1 
ATOM   466  O  O   . CYS A 1 71  ? 10.308  -0.333  -2.840  1.00 39.17  ? 68  CYS A O   1 
ATOM   467  C  CB  . CYS A 1 71  ? 7.443   -0.706  -1.057  1.00 39.87  ? 68  CYS A CB  1 
ATOM   468  S  SG  . CYS A 1 71  ? 8.623   -1.535  0.073   1.00 44.54  ? 68  CYS A SG  1 
ATOM   469  N  N   . GLU A 1 72  ? 9.114   1.447   -2.093  1.00 41.48  ? 69  GLU A N   1 
ATOM   470  C  CA  . GLU A 1 72  ? 10.249  2.328   -2.126  1.00 42.97  ? 69  GLU A CA  1 
ATOM   471  C  C   . GLU A 1 72  ? 10.884  2.445   -0.753  1.00 42.70  ? 69  GLU A C   1 
ATOM   472  O  O   . GLU A 1 72  ? 12.092  2.249   -0.633  1.00 43.12  ? 69  GLU A O   1 
ATOM   473  C  CB  . GLU A 1 72  ? 9.888   3.700   -2.711  1.00 44.13  ? 69  GLU A CB  1 
ATOM   474  C  CG  . GLU A 1 72  ? 11.139  4.421   -3.284  1.00 48.81  ? 69  GLU A CG  1 
ATOM   475  C  CD  . GLU A 1 72  ? 10.889  5.863   -3.795  1.00 55.77  ? 69  GLU A CD  1 
ATOM   476  O  OE1 . GLU A 1 72  ? 11.877  6.685   -3.807  1.00 54.72  ? 69  GLU A OE1 1 
ATOM   477  O  OE2 . GLU A 1 72  ? 9.718   6.149   -4.199  1.00 59.17  ? 69  GLU A OE2 1 
ATOM   478  N  N   . PHE A 1 73  ? 10.088  2.722   0.283   1.00 42.37  ? 70  PHE A N   1 
ATOM   479  C  CA  . PHE A 1 73  ? 10.668  3.037   1.594   1.00 42.25  ? 70  PHE A CA  1 
ATOM   480  C  C   . PHE A 1 73  ? 10.525  1.949   2.651   1.00 42.07  ? 70  PHE A C   1 
ATOM   481  O  O   . PHE A 1 73  ? 11.439  1.739   3.434   1.00 42.97  ? 70  PHE A O   1 
ATOM   482  C  CB  . PHE A 1 73  ? 10.221  4.417   2.105   1.00 41.89  ? 70  PHE A CB  1 
ATOM   483  C  CG  . PHE A 1 73  ? 10.563  5.518   1.169   1.00 42.13  ? 70  PHE A CG  1 
ATOM   484  C  CD1 . PHE A 1 73  ? 11.846  6.042   1.140   1.00 42.20  ? 70  PHE A CD1 1 
ATOM   485  C  CD2 . PHE A 1 73  ? 9.622   5.988   0.253   1.00 43.41  ? 70  PHE A CD2 1 
ATOM   486  C  CE1 . PHE A 1 73  ? 12.184  7.040   0.226   1.00 42.44  ? 70  PHE A CE1 1 
ATOM   487  C  CE2 . PHE A 1 73  ? 9.945   6.995   -0.662  1.00 42.20  ? 70  PHE A CE2 1 
ATOM   488  C  CZ  . PHE A 1 73  ? 11.235  7.526   -0.668  1.00 42.12  ? 70  PHE A CZ  1 
ATOM   489  N  N   . GLY A 1 74  ? 9.407   1.249   2.671   1.00 41.48  ? 71  GLY A N   1 
ATOM   490  C  CA  . GLY A 1 74  ? 9.238   0.161   3.613   1.00 40.65  ? 71  GLY A CA  1 
ATOM   491  C  C   . GLY A 1 74  ? 8.775   0.643   4.964   1.00 39.98  ? 71  GLY A C   1 
ATOM   492  O  O   . GLY A 1 74  ? 7.767   0.174   5.478   1.00 40.27  ? 71  GLY A O   1 
ATOM   493  N  N   . LYS A 1 75  ? 9.506   1.580   5.557   1.00 39.43  ? 72  LYS A N   1 
ATOM   494  C  CA  . LYS A 1 75  ? 9.219   1.967   6.954   1.00 38.56  ? 72  LYS A CA  1 
ATOM   495  C  C   . LYS A 1 75  ? 7.904   2.743   7.145   1.00 37.81  ? 72  LYS A C   1 
ATOM   496  O  O   . LYS A 1 75  ? 7.451   2.925   8.288   1.00 38.07  ? 72  LYS A O   1 
ATOM   497  C  CB  . LYS A 1 75  ? 10.404  2.735   7.592   1.00 39.08  ? 72  LYS A CB  1 
ATOM   498  C  CG  . LYS A 1 75  ? 11.609  1.887   8.092   1.00 39.09  ? 72  LYS A CG  1 
ATOM   499  C  CD  . LYS A 1 75  ? 11.108  0.704   8.940   1.00 40.56  ? 72  LYS A CD  1 
ATOM   500  C  CE  . LYS A 1 75  ? 12.215  -0.213  9.466   1.00 38.37  ? 72  LYS A CE  1 
ATOM   501  N  NZ  . LYS A 1 75  ? 11.545  -1.346  10.193  1.00 35.76  ? 72  LYS A NZ  1 
ATOM   502  N  N   . THR A 1 76  ? 7.313   3.219   6.044   1.00 36.54  ? 73  THR A N   1 
ATOM   503  C  CA  . THR A 1 76  ? 6.048   3.915   6.095   1.00 35.49  ? 73  THR A CA  1 
ATOM   504  C  C   . THR A 1 76  ? 4.877   2.942   6.032   1.00 35.73  ? 73  THR A C   1 
ATOM   505  O  O   . THR A 1 76  ? 3.714   3.366   6.112   1.00 37.33  ? 73  THR A O   1 
ATOM   506  C  CB  . THR A 1 76  ? 5.895   4.933   4.963   1.00 35.96  ? 73  THR A CB  1 
ATOM   507  O  OG1 . THR A 1 76  ? 6.403   4.371   3.753   1.00 36.74  ? 73  THR A OG1 1 
ATOM   508  C  CG2 . THR A 1 76  ? 6.662   6.243   5.260   1.00 34.72  ? 73  THR A CG2 1 
ATOM   509  N  N   . ILE A 1 77  ? 5.156   1.649   5.910   1.00 34.30  ? 74  ILE A N   1 
ATOM   510  C  CA  . ILE A 1 77  ? 4.095   0.668   5.762   1.00 33.72  ? 74  ILE A CA  1 
ATOM   511  C  C   . ILE A 1 77  ? 3.819   -0.065  7.070   1.00 33.78  ? 74  ILE A C   1 
ATOM   512  O  O   . ILE A 1 77  ? 4.712   -0.705  7.633   1.00 33.54  ? 74  ILE A O   1 
ATOM   513  C  CB  . ILE A 1 77  ? 4.425   -0.352  4.638   1.00 33.54  ? 74  ILE A CB  1 
ATOM   514  C  CG1 . ILE A 1 77  ? 4.430   0.371   3.289   1.00 32.74  ? 74  ILE A CG1 1 
ATOM   515  C  CG2 . ILE A 1 77  ? 3.427   -1.529  4.663   1.00 32.73  ? 74  ILE A CG2 1 
ATOM   516  C  CD1 . ILE A 1 77  ? 5.397   -0.211  2.299   1.00 32.37  ? 74  ILE A CD1 1 
ATOM   517  N  N   . ARG A 1 78  ? 2.591   0.038   7.558   1.00 33.19  ? 75  ARG A N   1 
ATOM   518  C  CA  . ARG A 1 78  ? 2.216   -0.691  8.736   1.00 33.85  ? 75  ARG A CA  1 
ATOM   519  C  C   . ARG A 1 78  ? 1.095   -1.649  8.393   1.00 34.24  ? 75  ARG A C   1 
ATOM   520  O  O   . ARG A 1 78  ? 0.027   -1.235  7.890   1.00 34.10  ? 75  ARG A O   1 
ATOM   521  C  CB  . ARG A 1 78  ? 1.817   0.256   9.857   1.00 33.72  ? 75  ARG A CB  1 
ATOM   522  C  CG  . ARG A 1 78  ? 2.994   1.061   10.341  1.00 35.58  ? 75  ARG A CG  1 
ATOM   523  C  CD  . ARG A 1 78  ? 2.584   2.134   11.337  1.00 40.61  ? 75  ARG A CD  1 
ATOM   524  N  NE  . ARG A 1 78  ? 2.076   1.556   12.584  1.00 46.24  ? 75  ARG A NE  1 
ATOM   525  C  CZ  . ARG A 1 78  ? 2.828   1.171   13.632  1.00 48.66  ? 75  ARG A CZ  1 
ATOM   526  N  NH1 . ARG A 1 78  ? 4.159   1.280   13.618  1.00 47.33  ? 75  ARG A NH1 1 
ATOM   527  N  NH2 . ARG A 1 78  ? 2.237   0.655   14.707  1.00 49.63  ? 75  ARG A NH2 1 
ATOM   528  N  N   . ILE A 1 79  ? 1.348   -2.928  8.664   1.00 34.01  ? 76  ILE A N   1 
ATOM   529  C  CA  . ILE A 1 79  ? 0.399   -3.995  8.367   1.00 33.65  ? 76  ILE A CA  1 
ATOM   530  C  C   . ILE A 1 79  ? -0.045  -4.684  9.635   1.00 33.94  ? 76  ILE A C   1 
ATOM   531  O  O   . ILE A 1 79  ? 0.797   -5.134  10.412  1.00 34.90  ? 76  ILE A O   1 
ATOM   532  C  CB  . ILE A 1 79  ? 1.020   -5.050  7.390   1.00 33.66  ? 76  ILE A CB  1 
ATOM   533  C  CG1 . ILE A 1 79  ? 1.433   -4.380  6.071   1.00 32.03  ? 76  ILE A CG1 1 
ATOM   534  C  CG2 . ILE A 1 79  ? 0.049   -6.222  7.168   1.00 30.55  ? 76  ILE A CG2 1 
ATOM   535  C  CD1 . ILE A 1 79  ? 2.363   -5.224  5.190   1.00 31.94  ? 76  ILE A CD1 1 
ATOM   536  N  N   . GLY A 1 80  ? -1.359  -4.798  9.832   1.00 34.33  ? 77  GLY A N   1 
ATOM   537  C  CA  . GLY A 1 80  ? -1.945  -5.438  11.022  1.00 33.84  ? 77  GLY A CA  1 
ATOM   538  C  C   . GLY A 1 80  ? -1.860  -6.964  11.118  1.00 34.47  ? 77  GLY A C   1 
ATOM   539  O  O   . GLY A 1 80  ? -0.939  -7.590  10.563  1.00 33.99  ? 77  GLY A O   1 
ATOM   540  N  N   . ASP A 1 81  ? -2.831  -7.568  11.813  1.00 34.66  ? 78  ASP A N   1 
ATOM   541  C  CA  . ASP A 1 81  ? -2.760  -8.995  12.177  1.00 35.21  ? 78  ASP A CA  1 
ATOM   542  C  C   . ASP A 1 81  ? -3.663  -9.856  11.304  1.00 34.77  ? 78  ASP A C   1 
ATOM   543  O  O   . ASP A 1 81  ? -4.755  -9.429  10.921  1.00 34.73  ? 78  ASP A O   1 
ATOM   544  C  CB  . ASP A 1 81  ? -3.171  -9.206  13.639  1.00 35.82  ? 78  ASP A CB  1 
ATOM   545  C  CG  . ASP A 1 81  ? -2.241  -8.515  14.640  1.00 38.38  ? 78  ASP A CG  1 
ATOM   546  O  OD1 . ASP A 1 81  ? -1.004  -8.510  14.422  1.00 41.95  ? 78  ASP A OD1 1 
ATOM   547  O  OD2 . ASP A 1 81  ? -2.762  -7.999  15.668  1.00 40.88  ? 78  ASP A OD2 1 
ATOM   548  N  N   . HIS A 1 82  ? -3.219  -11.076 11.013  1.00 34.02  ? 79  HIS A N   1 
ATOM   549  C  CA  . HIS A 1 82  ? -3.948  -11.980 10.120  1.00 33.75  ? 79  HIS A CA  1 
ATOM   550  C  C   . HIS A 1 82  ? -4.325  -11.321 8.807   1.00 33.54  ? 79  HIS A C   1 
ATOM   551  O  O   . HIS A 1 82  ? -5.424  -11.528 8.283   1.00 33.38  ? 79  HIS A O   1 
ATOM   552  C  CB  . HIS A 1 82  ? -5.232  -12.510 10.763  1.00 33.27  ? 79  HIS A CB  1 
ATOM   553  C  CG  . HIS A 1 82  ? -5.063  -12.982 12.171  1.00 34.91  ? 79  HIS A CG  1 
ATOM   554  N  ND1 . HIS A 1 82  ? -4.690  -14.274 12.486  1.00 34.67  ? 79  HIS A ND1 1 
ATOM   555  C  CD2 . HIS A 1 82  ? -5.253  -12.343 13.352  1.00 35.17  ? 79  HIS A CD2 1 
ATOM   556  C  CE1 . HIS A 1 82  ? -4.638  -14.404 13.802  1.00 35.88  ? 79  HIS A CE1 1 
ATOM   557  N  NE2 . HIS A 1 82  ? -4.981  -13.249 14.348  1.00 36.76  ? 79  HIS A NE2 1 
ATOM   558  N  N   . THR A 1 83  ? -3.440  -10.512 8.256   1.00 33.40  ? 80  THR A N   1 
ATOM   559  C  CA  . THR A 1 83  ? -3.749  -10.027 6.942   1.00 33.37  ? 80  THR A CA  1 
ATOM   560  C  C   . THR A 1 83  ? -2.846  -10.714 5.941   1.00 33.50  ? 80  THR A C   1 
ATOM   561  O  O   . THR A 1 83  ? -1.696  -11.113 6.247   1.00 33.72  ? 80  THR A O   1 
ATOM   562  C  CB  . THR A 1 83  ? -3.802  -8.493  6.837   1.00 33.52  ? 80  THR A CB  1 
ATOM   563  O  OG1 . THR A 1 83  ? -2.506  -7.944  6.634   1.00 36.06  ? 80  THR A OG1 1 
ATOM   564  C  CG2 . THR A 1 83  ? -4.364  -7.916  8.030   1.00 31.48  ? 80  THR A CG2 1 
ATOM   565  N  N   . PHE A 1 84  ? -3.384  -10.935 4.756   1.00 33.25  ? 81  PHE A N   1 
ATOM   566  C  CA  . PHE A 1 84  ? -2.614  -11.633 3.758   1.00 33.20  ? 81  PHE A CA  1 
ATOM   567  C  C   . PHE A 1 84  ? -2.460  -10.731 2.541   1.00 33.00  ? 81  PHE A C   1 
ATOM   568  O  O   . PHE A 1 84  ? -3.441  -10.201 2.028   1.00 34.03  ? 81  PHE A O   1 
ATOM   569  C  CB  . PHE A 1 84  ? -3.312  -12.937 3.423   1.00 33.05  ? 81  PHE A CB  1 
ATOM   570  C  CG  . PHE A 1 84  ? -2.747  -13.621 2.218   1.00 36.49  ? 81  PHE A CG  1 
ATOM   571  C  CD1 . PHE A 1 84  ? -3.293  -13.399 0.951   1.00 37.41  ? 81  PHE A CD1 1 
ATOM   572  C  CD2 . PHE A 1 84  ? -1.658  -14.480 2.346   1.00 39.85  ? 81  PHE A CD2 1 
ATOM   573  C  CE1 . PHE A 1 84  ? -2.780  -14.040 -0.195  1.00 41.43  ? 81  PHE A CE1 1 
ATOM   574  C  CE2 . PHE A 1 84  ? -1.114  -15.124 1.214   1.00 42.56  ? 81  PHE A CE2 1 
ATOM   575  C  CZ  . PHE A 1 84  ? -1.689  -14.909 -0.070  1.00 42.80  ? 81  PHE A CZ  1 
ATOM   576  N  N   . ILE A 1 85  ? -1.241  -10.547 2.076   1.00 32.80  ? 82  ILE A N   1 
ATOM   577  C  CA  . ILE A 1 85  ? -1.008  -9.791  0.852   1.00 33.16  ? 82  ILE A CA  1 
ATOM   578  C  C   . ILE A 1 85  ? -0.429  -10.724 -0.196  1.00 33.81  ? 82  ILE A C   1 
ATOM   579  O  O   . ILE A 1 85  ? 0.643   -11.282 0.009   1.00 33.64  ? 82  ILE A O   1 
ATOM   580  C  CB  . ILE A 1 85  ? -0.044  -8.609  1.069   1.00 32.62  ? 82  ILE A CB  1 
ATOM   581  C  CG1 . ILE A 1 85  ? -0.610  -7.662  2.133   1.00 32.71  ? 82  ILE A CG1 1 
ATOM   582  C  CG2 . ILE A 1 85  ? 0.158   -7.847  -0.249  1.00 33.43  ? 82  ILE A CG2 1 
ATOM   583  C  CD1 . ILE A 1 85  ? 0.275   -6.508  2.504   1.00 30.92  ? 82  ILE A CD1 1 
ATOM   584  N  N   . ASN A 1 86  ? -1.133  -10.893 -1.311  1.00 34.29  ? 83  ASN A N   1 
ATOM   585  C  CA  . ASN A 1 86  ? -0.669  -11.789 -2.352  1.00 35.16  ? 83  ASN A CA  1 
ATOM   586  C  C   . ASN A 1 86  ? 0.505   -11.232 -3.160  1.00 35.68  ? 83  ASN A C   1 
ATOM   587  O  O   . ASN A 1 86  ? 0.939   -10.113 -2.930  1.00 35.70  ? 83  ASN A O   1 
ATOM   588  C  CB  . ASN A 1 86  ? -1.811  -12.137 -3.263  1.00 35.29  ? 83  ASN A CB  1 
ATOM   589  C  CG  . ASN A 1 86  ? -1.830  -13.620 -3.646  1.00 37.44  ? 83  ASN A CG  1 
ATOM   590  O  OD1 . ASN A 1 86  ? -2.914  -14.195 -3.813  1.00 37.71  ? 83  ASN A OD1 1 
ATOM   591  N  ND2 . ASN A 1 86  ? -0.648  -14.237 -3.812  1.00 37.94  ? 83  ASN A ND2 1 
HETATM 592  N  N   . MSE A 1 87  ? 1.026   -12.014 -4.104  1.00 36.33  ? 84  MSE A N   1 
HETATM 593  C  CA  . MSE A 1 87  ? 2.297   -11.673 -4.755  1.00 36.70  ? 84  MSE A CA  1 
HETATM 594  C  C   . MSE A 1 87  ? 2.205   -10.512 -5.706  1.00 36.62  ? 84  MSE A C   1 
HETATM 595  O  O   . MSE A 1 87  ? 1.116   -10.129 -6.157  1.00 36.50  ? 84  MSE A O   1 
HETATM 596  C  CB  . MSE A 1 87  ? 2.913   -12.878 -5.461  1.00 36.79  ? 84  MSE A CB  1 
HETATM 597  C  CG  . MSE A 1 87  ? 1.902   -13.757 -6.143  1.00 38.96  ? 84  MSE A CG  1 
HETATM 598  SE SE  . MSE A 1 87  ? 2.600   -15.532 -6.679  0.90 41.05  ? 84  MSE A SE  1 
HETATM 599  C  CE  . MSE A 1 87  ? 0.894   -16.214 -7.367  1.00 42.38  ? 84  MSE A CE  1 
ATOM   600  N  N   . ASN A 1 88  ? 3.377   -9.940  -5.996  1.00 36.51  ? 85  ASN A N   1 
ATOM   601  C  CA  . ASN A 1 88  ? 3.528   -8.918  -7.041  1.00 35.90  ? 85  ASN A CA  1 
ATOM   602  C  C   . ASN A 1 88  ? 2.813   -7.572  -6.761  1.00 35.08  ? 85  ASN A C   1 
ATOM   603  O  O   . ASN A 1 88  ? 2.467   -6.816  -7.667  1.00 34.46  ? 85  ASN A O   1 
ATOM   604  C  CB  . ASN A 1 88  ? 3.174   -9.520  -8.407  1.00 36.74  ? 85  ASN A CB  1 
ATOM   605  C  CG  . ASN A 1 88  ? 3.859   -8.803  -9.549  1.00 39.88  ? 85  ASN A CG  1 
ATOM   606  O  OD1 . ASN A 1 88  ? 4.945   -8.227  -9.379  1.00 45.09  ? 85  ASN A OD1 1 
ATOM   607  N  ND2 . ASN A 1 88  ? 3.219   -8.798  -10.714 1.00 42.38  ? 85  ASN A ND2 1 
ATOM   608  N  N   . VAL A 1 89  ? 2.615   -7.273  -5.479  1.00 34.33  ? 86  VAL A N   1 
ATOM   609  C  CA  . VAL A 1 89  ? 2.069   -5.992  -5.089  1.00 33.75  ? 86  VAL A CA  1 
ATOM   610  C  C   . VAL A 1 89  ? 3.134   -4.864  -5.093  1.00 34.51  ? 86  VAL A C   1 
ATOM   611  O  O   . VAL A 1 89  ? 4.306   -5.047  -4.669  1.00 34.16  ? 86  VAL A O   1 
ATOM   612  C  CB  . VAL A 1 89  ? 1.282   -6.106  -3.746  1.00 34.05  ? 86  VAL A CB  1 
ATOM   613  C  CG1 . VAL A 1 89  ? 1.022   -4.734  -3.120  1.00 29.23  ? 86  VAL A CG1 1 
ATOM   614  C  CG2 . VAL A 1 89  ? -0.031  -6.917  -3.984  1.00 31.21  ? 86  VAL A CG2 1 
ATOM   615  N  N   . VAL A 1 90  ? 2.709   -3.711  -5.604  1.00 34.25  ? 87  VAL A N   1 
ATOM   616  C  CA  . VAL A 1 90  ? 3.541   -2.524  -5.677  1.00 34.80  ? 87  VAL A CA  1 
ATOM   617  C  C   . VAL A 1 90  ? 2.978   -1.442  -4.753  1.00 35.10  ? 87  VAL A C   1 
ATOM   618  O  O   . VAL A 1 90  ? 1.792   -1.138  -4.829  1.00 34.65  ? 87  VAL A O   1 
ATOM   619  C  CB  . VAL A 1 90  ? 3.680   -1.989  -7.139  1.00 34.72  ? 87  VAL A CB  1 
ATOM   620  C  CG1 . VAL A 1 90  ? 4.282   -0.572  -7.155  1.00 33.45  ? 87  VAL A CG1 1 
ATOM   621  C  CG2 . VAL A 1 90  ? 4.528   -2.960  -7.998  1.00 35.43  ? 87  VAL A CG2 1 
HETATM 622  N  N   . MSE A 1 91  ? 3.830   -0.875  -3.887  1.00 34.93  ? 88  MSE A N   1 
HETATM 623  C  CA  . MSE A 1 91  ? 3.408   0.238   -3.022  1.00 35.10  ? 88  MSE A CA  1 
HETATM 624  C  C   . MSE A 1 91  ? 4.334   1.454   -3.103  1.00 35.35  ? 88  MSE A C   1 
HETATM 625  O  O   . MSE A 1 91  ? 5.474   1.414   -2.622  1.00 34.50  ? 88  MSE A O   1 
HETATM 626  C  CB  . MSE A 1 91  ? 3.252   -0.206  -1.559  1.00 34.51  ? 88  MSE A CB  1 
HETATM 627  C  CG  . MSE A 1 91  ? 2.354   -1.400  -1.340  1.00 36.68  ? 88  MSE A CG  1 
HETATM 628  SE SE  . MSE A 1 91  ? 1.687   -1.615  0.512   0.90 40.87  ? 88  MSE A SE  1 
HETATM 629  C  CE  . MSE A 1 91  ? 3.308   -2.037  1.453   1.00 41.54  ? 88  MSE A CE  1 
ATOM   630  N  N   . LEU A 1 92  ? 3.850   2.536   -3.712  1.00 35.63  ? 89  LEU A N   1 
ATOM   631  C  CA  . LEU A 1 92  ? 4.570   3.803   -3.628  1.00 36.10  ? 89  LEU A CA  1 
ATOM   632  C  C   . LEU A 1 92  ? 4.285   4.409   -2.265  1.00 36.17  ? 89  LEU A C   1 
ATOM   633  O  O   . LEU A 1 92  ? 3.237   5.045   -2.048  1.00 35.89  ? 89  LEU A O   1 
ATOM   634  C  CB  . LEU A 1 92  ? 4.177   4.768   -4.741  1.00 36.00  ? 89  LEU A CB  1 
ATOM   635  C  CG  . LEU A 1 92  ? 4.471   4.257   -6.140  1.00 37.94  ? 89  LEU A CG  1 
ATOM   636  C  CD1 . LEU A 1 92  ? 4.189   5.414   -7.140  1.00 39.51  ? 89  LEU A CD1 1 
ATOM   637  C  CD2 . LEU A 1 92  ? 5.909   3.729   -6.216  1.00 37.04  ? 89  LEU A CD2 1 
ATOM   638  N  N   . ASP A 1 93  ? 5.238   4.201   -1.357  1.00 35.98  ? 90  ASP A N   1 
ATOM   639  C  CA  . ASP A 1 93  ? 5.060   4.487   0.059   1.00 36.19  ? 90  ASP A CA  1 
ATOM   640  C  C   . ASP A 1 93  ? 5.836   5.739   0.523   1.00 36.60  ? 90  ASP A C   1 
ATOM   641  O  O   . ASP A 1 93  ? 6.625   5.666   1.456   1.00 37.15  ? 90  ASP A O   1 
ATOM   642  C  CB  . ASP A 1 93  ? 5.485   3.255   0.875   1.00 35.76  ? 90  ASP A CB  1 
ATOM   643  C  CG  . ASP A 1 93  ? 6.933   2.774   0.541   1.00 36.61  ? 90  ASP A CG  1 
ATOM   644  O  OD1 . ASP A 1 93  ? 7.538   3.217   -0.460  1.00 39.17  ? 90  ASP A OD1 1 
ATOM   645  O  OD2 . ASP A 1 93  ? 7.482   1.940   1.274   1.00 35.67  ? 90  ASP A OD2 1 
ATOM   646  N  N   . GLY A 1 94  ? 5.623   6.884   -0.113  1.00 37.01  ? 91  GLY A N   1 
ATOM   647  C  CA  . GLY A 1 94  ? 6.210   8.149   0.391   1.00 36.88  ? 91  GLY A CA  1 
ATOM   648  C  C   . GLY A 1 94  ? 5.418   8.731   1.549   1.00 37.52  ? 91  GLY A C   1 
ATOM   649  O  O   . GLY A 1 94  ? 5.951   9.467   2.379   1.00 38.77  ? 91  GLY A O   1 
ATOM   650  N  N   . ALA A 1 95  ? 4.134   8.398   1.627   1.00 37.16  ? 92  ALA A N   1 
ATOM   651  C  CA  . ALA A 1 95  ? 3.296   8.809   2.745   1.00 36.60  ? 92  ALA A CA  1 
ATOM   652  C  C   . ALA A 1 95  ? 2.890   7.502   3.401   1.00 35.79  ? 92  ALA A C   1 
ATOM   653  O  O   . ALA A 1 95  ? 2.921   6.465   2.738   1.00 36.66  ? 92  ALA A O   1 
ATOM   654  C  CB  . ALA A 1 95  ? 2.063   9.581   2.239   1.00 36.08  ? 92  ALA A CB  1 
ATOM   655  N  N   . PRO A 1 96  ? 2.516   7.536   4.691   1.00 34.14  ? 93  PRO A N   1 
ATOM   656  C  CA  . PRO A 1 96  ? 2.107   6.293   5.374   1.00 32.82  ? 93  PRO A CA  1 
ATOM   657  C  C   . PRO A 1 96  ? 1.057   5.487   4.624   1.00 32.62  ? 93  PRO A C   1 
ATOM   658  O  O   . PRO A 1 96  ? 0.119   6.063   4.031   1.00 33.64  ? 93  PRO A O   1 
ATOM   659  C  CB  . PRO A 1 96  ? 1.500   6.782   6.695   1.00 32.79  ? 93  PRO A CB  1 
ATOM   660  C  CG  . PRO A 1 96  ? 2.173   8.150   6.980   1.00 32.78  ? 93  PRO A CG  1 
ATOM   661  C  CD  . PRO A 1 96  ? 2.664   8.688   5.612   1.00 33.78  ? 93  PRO A CD  1 
ATOM   662  N  N   . ILE A 1 97  ? 1.219   4.166   4.629   1.00 30.36  ? 94  ILE A N   1 
ATOM   663  C  CA  . ILE A 1 97  ? 0.195   3.281   4.137   1.00 29.40  ? 94  ILE A CA  1 
ATOM   664  C  C   . ILE A 1 97  ? -0.159  2.434   5.341   1.00 29.61  ? 94  ILE A C   1 
ATOM   665  O  O   . ILE A 1 97  ? 0.677   1.679   5.853   1.00 29.12  ? 94  ILE A O   1 
ATOM   666  C  CB  . ILE A 1 97  ? 0.681   2.351   2.970   1.00 28.74  ? 94  ILE A CB  1 
ATOM   667  C  CG1 . ILE A 1 97  ? 0.938   3.173   1.718   1.00 29.18  ? 94  ILE A CG1 1 
ATOM   668  C  CG2 . ILE A 1 97  ? -0.358  1.237   2.716   1.00 27.17  ? 94  ILE A CG2 1 
ATOM   669  C  CD1 . ILE A 1 97  ? 1.636   2.451   0.586   1.00 27.33  ? 94  ILE A CD1 1 
ATOM   670  N  N   . THR A 1 98  ? -1.385  2.563   5.811   1.00 29.51  ? 95  THR A N   1 
ATOM   671  C  CA  . THR A 1 98  ? -1.775  1.822   6.999   1.00 30.80  ? 95  THR A CA  1 
ATOM   672  C  C   . THR A 1 98  ? -2.829  0.782   6.649   1.00 31.79  ? 95  THR A C   1 
ATOM   673  O  O   . THR A 1 98  ? -3.907  1.147   6.164   1.00 32.09  ? 95  THR A O   1 
ATOM   674  C  CB  . THR A 1 98  ? -2.304  2.763   8.074   1.00 30.96  ? 95  THR A CB  1 
ATOM   675  O  OG1 . THR A 1 98  ? -1.339  3.811   8.286   1.00 31.45  ? 95  THR A OG1 1 
ATOM   676  C  CG2 . THR A 1 98  ? -2.536  2.019   9.361   1.00 29.84  ? 95  THR A CG2 1 
ATOM   677  N  N   . ILE A 1 99  ? -2.490  -0.493  6.883   1.00 32.00  ? 96  ILE A N   1 
ATOM   678  C  CA  . ILE A 1 99  ? -3.356  -1.657  6.611   1.00 32.34  ? 96  ILE A CA  1 
ATOM   679  C  C   . ILE A 1 99  ? -3.718  -2.422  7.898   1.00 33.01  ? 96  ILE A C   1 
ATOM   680  O  O   . ILE A 1 99  ? -2.830  -2.881  8.635   1.00 32.56  ? 96  ILE A O   1 
ATOM   681  C  CB  . ILE A 1 99  ? -2.670  -2.606  5.621   1.00 32.43  ? 96  ILE A CB  1 
ATOM   682  C  CG1 . ILE A 1 99  ? -2.237  -1.820  4.357   1.00 32.92  ? 96  ILE A CG1 1 
ATOM   683  C  CG2 . ILE A 1 99  ? -3.579  -3.816  5.312   1.00 31.99  ? 96  ILE A CG2 1 
ATOM   684  C  CD1 . ILE A 1 99  ? -1.205  -2.525  3.493   1.00 33.83  ? 96  ILE A CD1 1 
ATOM   685  N  N   . GLY A 1 100 ? -5.020  -2.535  8.175   1.00 33.81  ? 97  GLY A N   1 
ATOM   686  C  CA  . GLY A 1 100 ? -5.526  -3.141  9.424   1.00 34.46  ? 97  GLY A CA  1 
ATOM   687  C  C   . GLY A 1 100 ? -5.452  -4.671  9.510   1.00 35.16  ? 97  GLY A C   1 
ATOM   688  O  O   . GLY A 1 100 ? -4.588  -5.298  8.879   1.00 35.47  ? 97  GLY A O   1 
ATOM   689  N  N   . ASP A 1 101 ? -6.356  -5.258  10.298  1.00 34.96  ? 98  ASP A N   1 
ATOM   690  C  CA  . ASP A 1 101 ? -6.368  -6.701  10.591  1.00 35.61  ? 98  ASP A CA  1 
ATOM   691  C  C   . ASP A 1 101 ? -7.342  -7.439  9.699   1.00 34.92  ? 98  ASP A C   1 
ATOM   692  O  O   . ASP A 1 101 ? -8.327  -6.867  9.236   1.00 34.79  ? 98  ASP A O   1 
ATOM   693  C  CB  . ASP A 1 101 ? -6.746  -7.003  12.069  1.00 35.73  ? 98  ASP A CB  1 
ATOM   694  C  CG  . ASP A 1 101 ? -6.038  -6.108  13.063  1.00 37.40  ? 98  ASP A CG  1 
ATOM   695  O  OD1 . ASP A 1 101 ? -4.836  -5.829  12.843  1.00 40.98  ? 98  ASP A OD1 1 
ATOM   696  O  OD2 . ASP A 1 101 ? -6.677  -5.694  14.070  1.00 38.81  ? 98  ASP A OD2 1 
ATOM   697  N  N   . HIS A 1 102 ? -7.080  -8.724  9.491   1.00 35.09  ? 99  HIS A N   1 
ATOM   698  C  CA  . HIS A 1 102 ? -7.907  -9.544  8.598   1.00 35.41  ? 99  HIS A CA  1 
ATOM   699  C  C   . HIS A 1 102 ? -8.127  -8.959  7.183   1.00 35.37  ? 99  HIS A C   1 
ATOM   700  O  O   . HIS A 1 102 ? -9.192  -9.136  6.571   1.00 35.65  ? 99  HIS A O   1 
ATOM   701  C  CB  . HIS A 1 102 ? -9.245  -9.849  9.253   1.00 35.73  ? 99  HIS A CB  1 
ATOM   702  C  CG  . HIS A 1 102 ? -9.138  -10.723 10.456  1.00 36.31  ? 99  HIS A CG  1 
ATOM   703  N  ND1 . HIS A 1 102 ? -9.286  -10.237 11.741  1.00 38.02  ? 99  HIS A ND1 1 
ATOM   704  C  CD2 . HIS A 1 102 ? -8.921  -12.053 10.573  1.00 36.86  ? 99  HIS A CD2 1 
ATOM   705  C  CE1 . HIS A 1 102 ? -9.164  -11.231 12.602  1.00 38.16  ? 99  HIS A CE1 1 
ATOM   706  N  NE2 . HIS A 1 102 ? -8.940  -12.344 11.920  1.00 39.68  ? 99  HIS A NE2 1 
ATOM   707  N  N   . VAL A 1 103 ? -7.116  -8.272  6.662   1.00 34.80  ? 100 VAL A N   1 
ATOM   708  C  CA  . VAL A 1 103 ? -7.217  -7.712  5.339   1.00 34.33  ? 100 VAL A CA  1 
ATOM   709  C  C   . VAL A 1 103 ? -6.696  -8.733  4.300   1.00 34.42  ? 100 VAL A C   1 
ATOM   710  O  O   . VAL A 1 103 ? -5.690  -9.429  4.522   1.00 34.73  ? 100 VAL A O   1 
ATOM   711  C  CB  . VAL A 1 103 ? -6.473  -6.378  5.271   1.00 34.04  ? 100 VAL A CB  1 
ATOM   712  C  CG1 . VAL A 1 103 ? -6.398  -5.869  3.844   1.00 32.38  ? 100 VAL A CG1 1 
ATOM   713  C  CG2 . VAL A 1 103 ? -7.138  -5.369  6.196   1.00 33.51  ? 100 VAL A CG2 1 
ATOM   714  N  N   . LEU A 1 104 ? -7.384  -8.840  3.175   1.00 33.47  ? 101 LEU A N   1 
ATOM   715  C  CA  . LEU A 1 104 ? -6.865  -9.658  2.085   1.00 32.99  ? 101 LEU A CA  1 
ATOM   716  C  C   . LEU A 1 104 ? -6.602  -8.774  0.902   1.00 31.85  ? 101 LEU A C   1 
ATOM   717  O  O   . LEU A 1 104 ? -7.511  -8.094  0.446   1.00 30.60  ? 101 LEU A O   1 
ATOM   718  C  CB  . LEU A 1 104 ? -7.890  -10.733 1.655   1.00 33.24  ? 101 LEU A CB  1 
ATOM   719  C  CG  . LEU A 1 104 ? -8.145  -11.876 2.613   1.00 34.64  ? 101 LEU A CG  1 
ATOM   720  C  CD1 . LEU A 1 104 ? -9.408  -12.639 2.256   1.00 35.87  ? 101 LEU A CD1 1 
ATOM   721  C  CD2 . LEU A 1 104 ? -6.940  -12.784 2.593   1.00 37.52  ? 101 LEU A CD2 1 
ATOM   722  N  N   . ILE A 1 105 ? -5.381  -8.831  0.379   1.00 31.56  ? 102 ILE A N   1 
ATOM   723  C  CA  . ILE A 1 105 ? -5.016  -8.043  -0.799  1.00 31.72  ? 102 ILE A CA  1 
ATOM   724  C  C   . ILE A 1 105 ? -4.586  -8.967  -1.936  1.00 32.07  ? 102 ILE A C   1 
ATOM   725  O  O   . ILE A 1 105 ? -3.633  -9.742  -1.783  1.00 33.40  ? 102 ILE A O   1 
ATOM   726  C  CB  . ILE A 1 105 ? -3.929  -6.992  -0.461  1.00 30.96  ? 102 ILE A CB  1 
ATOM   727  C  CG1 . ILE A 1 105 ? -4.543  -5.901  0.395   1.00 33.23  ? 102 ILE A CG1 1 
ATOM   728  C  CG2 . ILE A 1 105 ? -3.416  -6.331  -1.710  1.00 29.80  ? 102 ILE A CG2 1 
ATOM   729  C  CD1 . ILE A 1 105 ? -3.601  -5.265  1.386   1.00 36.52  ? 102 ILE A CD1 1 
ATOM   730  N  N   . GLY A 1 106 ? -5.277  -8.882  -3.072  1.00 31.93  ? 103 GLY A N   1 
ATOM   731  C  CA  . GLY A 1 106 ? -5.013  -9.771  -4.192  1.00 32.32  ? 103 GLY A CA  1 
ATOM   732  C  C   . GLY A 1 106 ? -3.755  -9.370  -4.940  1.00 33.38  ? 103 GLY A C   1 
ATOM   733  O  O   . GLY A 1 106 ? -3.240  -8.264  -4.767  1.00 32.69  ? 103 GLY A O   1 
ATOM   734  N  N   . PRO A 1 107 ? -3.275  -10.250 -5.831  1.00 33.44  ? 104 PRO A N   1 
ATOM   735  C  CA  . PRO A 1 107 ? -1.952  -10.022 -6.456  1.00 33.75  ? 104 PRO A CA  1 
ATOM   736  C  C   . PRO A 1 107 ? -1.952  -8.820  -7.370  1.00 33.69  ? 104 PRO A C   1 
ATOM   737  O  O   . PRO A 1 107 ? -3.027  -8.421  -7.829  1.00 33.81  ? 104 PRO A O   1 
ATOM   738  C  CB  . PRO A 1 107 ? -1.731  -11.287 -7.308  1.00 33.56  ? 104 PRO A CB  1 
ATOM   739  C  CG  . PRO A 1 107 ? -2.946  -12.164 -7.047  1.00 33.73  ? 104 PRO A CG  1 
ATOM   740  C  CD  . PRO A 1 107 ? -4.021  -11.334 -6.474  1.00 32.38  ? 104 PRO A CD  1 
ATOM   741  N  N   . SER A 1 108 ? -0.762  -8.275  -7.650  1.00 33.07  ? 105 SER A N   1 
ATOM   742  C  CA  . SER A 1 108 ? -0.582  -7.141  -8.592  1.00 32.49  ? 105 SER A CA  1 
ATOM   743  C  C   . SER A 1 108 ? -1.372  -5.905  -8.244  1.00 32.14  ? 105 SER A C   1 
ATOM   744  O  O   . SER A 1 108 ? -1.596  -5.060  -9.117  1.00 31.89  ? 105 SER A O   1 
ATOM   745  C  CB  . SER A 1 108 ? -0.901  -7.542  -10.047 1.00 32.61  ? 105 SER A CB  1 
ATOM   746  O  OG  . SER A 1 108 ? -0.473  -8.883  -10.274 1.00 35.02  ? 105 SER A OG  1 
ATOM   747  N  N   . THR A 1 109 ? -1.800  -5.778  -6.983  1.00 31.54  ? 106 THR A N   1 
ATOM   748  C  CA  . THR A 1 109 ? -2.489  -4.569  -6.572  1.00 31.13  ? 106 THR A CA  1 
ATOM   749  C  C   . THR A 1 109 ? -1.484  -3.418  -6.427  1.00 31.15  ? 106 THR A C   1 
ATOM   750  O  O   . THR A 1 109 ? -0.275  -3.651  -6.177  1.00 30.42  ? 106 THR A O   1 
ATOM   751  C  CB  . THR A 1 109 ? -3.380  -4.911  -5.376  1.00 32.21  ? 106 THR A CB  1 
ATOM   752  O  OG1 . THR A 1 109 ? -4.447  -5.729  -5.895  1.00 33.27  ? 106 THR A OG1 1 
ATOM   753  C  CG2 . THR A 1 109 ? -4.004  -3.690  -4.682  1.00 30.68  ? 106 THR A CG2 1 
ATOM   754  N  N   . GLN A 1 110 ? -1.950  -2.192  -6.656  1.00 30.46  ? 107 GLN A N   1 
ATOM   755  C  CA  . GLN A 1 110 ? -1.057  -1.026  -6.643  1.00 30.28  ? 107 GLN A CA  1 
ATOM   756  C  C   . GLN A 1 110 ? -1.543  0.006   -5.654  1.00 30.34  ? 107 GLN A C   1 
ATOM   757  O  O   . GLN A 1 110 ? -2.700  0.403   -5.714  1.00 29.23  ? 107 GLN A O   1 
ATOM   758  C  CB  . GLN A 1 110 ? -1.120  -0.321  -7.995  1.00 30.85  ? 107 GLN A CB  1 
ATOM   759  C  CG  . GLN A 1 110 ? -1.010  -1.231  -9.206  1.00 31.70  ? 107 GLN A CG  1 
ATOM   760  C  CD  . GLN A 1 110 ? 0.422   -1.606  -9.479  1.00 34.25  ? 107 GLN A CD  1 
ATOM   761  O  OE1 . GLN A 1 110 ? 0.777   -2.771  -9.338  1.00 35.25  ? 107 GLN A OE1 1 
ATOM   762  N  NE2 . GLN A 1 110 ? 1.276   -0.609  -9.826  1.00 28.89  ? 107 GLN A NE2 1 
ATOM   763  N  N   . PHE A 1 111 ? -0.658  0.484   -4.780  1.00 31.22  ? 108 PHE A N   1 
ATOM   764  C  CA  . PHE A 1 111 ? -0.956  1.614   -3.873  1.00 32.22  ? 108 PHE A CA  1 
ATOM   765  C  C   . PHE A 1 111 ? -0.120  2.816   -4.245  1.00 32.47  ? 108 PHE A C   1 
ATOM   766  O  O   . PHE A 1 111 ? 1.110   2.736   -4.224  1.00 33.48  ? 108 PHE A O   1 
ATOM   767  C  CB  . PHE A 1 111 ? -0.680  1.244   -2.431  1.00 32.65  ? 108 PHE A CB  1 
ATOM   768  C  CG  . PHE A 1 111 ? -1.635  0.214   -1.865  1.00 32.75  ? 108 PHE A CG  1 
ATOM   769  C  CD1 . PHE A 1 111 ? -2.372  0.495   -0.757  1.00 34.20  ? 108 PHE A CD1 1 
ATOM   770  C  CD2 . PHE A 1 111 ? -1.741  -1.058  -2.418  1.00 37.69  ? 108 PHE A CD2 1 
ATOM   771  C  CE1 . PHE A 1 111 ? -3.222  -0.462  -0.188  1.00 37.11  ? 108 PHE A CE1 1 
ATOM   772  C  CE2 . PHE A 1 111 ? -2.594  -2.047  -1.862  1.00 38.81  ? 108 PHE A CE2 1 
ATOM   773  C  CZ  . PHE A 1 111 ? -3.353  -1.730  -0.753  1.00 38.25  ? 108 PHE A CZ  1 
ATOM   774  N  N   . TYR A 1 112 ? -0.763  3.905   -4.665  1.00 31.88  ? 109 TYR A N   1 
ATOM   775  C  CA  . TYR A 1 112 ? -0.002  5.065   -5.081  1.00 32.08  ? 109 TYR A CA  1 
ATOM   776  C  C   . TYR A 1 112 ? -0.229  6.187   -4.122  1.00 33.68  ? 109 TYR A C   1 
ATOM   777  O  O   . TYR A 1 112 ? -1.222  6.928   -4.169  1.00 35.21  ? 109 TYR A O   1 
ATOM   778  C  CB  . TYR A 1 112 ? -0.258  5.516   -6.515  1.00 31.51  ? 109 TYR A CB  1 
ATOM   779  C  CG  . TYR A 1 112 ? -0.060  4.460   -7.554  1.00 28.60  ? 109 TYR A CG  1 
ATOM   780  C  CD1 . TYR A 1 112 ? 0.919   3.456   -7.424  1.00 29.66  ? 109 TYR A CD1 1 
ATOM   781  C  CD2 . TYR A 1 112 ? -0.868  4.446   -8.682  1.00 28.77  ? 109 TYR A CD2 1 
ATOM   782  C  CE1 . TYR A 1 112 ? 1.078   2.445   -8.448  1.00 27.40  ? 109 TYR A CE1 1 
ATOM   783  C  CE2 . TYR A 1 112 ? -0.703  3.482   -9.701  1.00 24.69  ? 109 TYR A CE2 1 
ATOM   784  C  CZ  . TYR A 1 112 ? 0.247   2.487   -9.572  1.00 24.59  ? 109 TYR A CZ  1 
ATOM   785  O  OH  . TYR A 1 112 ? 0.325   1.539   -10.593 1.00 27.05  ? 109 TYR A OH  1 
ATOM   786  N  N   . THR A 1 113 ? 0.716   6.287   -3.225  1.00 33.70  ? 110 THR A N   1 
ATOM   787  C  CA  . THR A 1 113 ? 0.799   7.406   -2.320  1.00 35.72  ? 110 THR A CA  1 
ATOM   788  C  C   . THR A 1 113 ? 1.217   8.707   -3.026  1.00 35.83  ? 110 THR A C   1 
ATOM   789  O  O   . THR A 1 113 ? 0.807   9.816   -2.633  1.00 36.11  ? 110 THR A O   1 
ATOM   790  C  CB  . THR A 1 113 ? 1.772   6.981   -1.213  1.00 35.40  ? 110 THR A CB  1 
ATOM   791  O  OG1 . THR A 1 113 ? 0.997   6.546   -0.100  1.00 37.80  ? 110 THR A OG1 1 
ATOM   792  C  CG2 . THR A 1 113 ? 2.655   8.021   -0.843  1.00 32.92  ? 110 THR A CG2 1 
ATOM   793  N  N   . ALA A 1 114 ? 2.006   8.543   -4.085  1.00 35.92  ? 111 ALA A N   1 
ATOM   794  C  CA  . ALA A 1 114 ? 2.636   9.645   -4.775  1.00 36.78  ? 111 ALA A CA  1 
ATOM   795  C  C   . ALA A 1 114 ? 1.772   10.190  -5.896  1.00 36.91  ? 111 ALA A C   1 
ATOM   796  O  O   . ALA A 1 114 ? 0.967   9.481   -6.473  1.00 38.12  ? 111 ALA A O   1 
ATOM   797  C  CB  . ALA A 1 114 ? 3.969   9.194   -5.334  1.00 36.77  ? 111 ALA A CB  1 
ATOM   798  N  N   . SER A 1 115 ? 1.911   11.463  -6.193  1.00 36.57  ? 112 SER A N   1 
ATOM   799  C  CA  . SER A 1 115 ? 1.485   11.904  -7.481  1.00 36.89  ? 112 SER A CA  1 
ATOM   800  C  C   . SER A 1 115 ? 2.085   13.272  -7.728  1.00 36.39  ? 112 SER A C   1 
ATOM   801  O  O   . SER A 1 115 ? 2.911   13.734  -6.942  1.00 35.94  ? 112 SER A O   1 
ATOM   802  C  CB  . SER A 1 115 ? -0.038  11.811  -7.674  1.00 37.16  ? 112 SER A CB  1 
ATOM   803  O  OG  . SER A 1 115 ? -0.654  13.059  -7.507  1.00 39.86  ? 112 SER A OG  1 
ATOM   804  N  N   . HIS A 1 116 ? 1.720   13.868  -8.860  1.00 36.63  ? 113 HIS A N   1 
ATOM   805  C  CA  . HIS A 1 116 ? 2.368   15.075  -9.340  1.00 36.99  ? 113 HIS A CA  1 
ATOM   806  C  C   . HIS A 1 116 ? 1.331   16.090  -9.775  1.00 37.21  ? 113 HIS A C   1 
ATOM   807  O  O   . HIS A 1 116 ? 0.114   15.783  -9.834  1.00 36.46  ? 113 HIS A O   1 
ATOM   808  C  CB  . HIS A 1 116 ? 3.308   14.745  -10.495 1.00 36.76  ? 113 HIS A CB  1 
ATOM   809  C  CG  . HIS A 1 116 ? 4.342   13.719  -10.153 1.00 38.23  ? 113 HIS A CG  1 
ATOM   810  N  ND1 . HIS A 1 116 ? 4.194   12.374  -10.439 1.00 40.87  ? 113 HIS A ND1 1 
ATOM   811  C  CD2 . HIS A 1 116 ? 5.547   13.840  -9.547  1.00 38.69  ? 113 HIS A CD2 1 
ATOM   812  C  CE1 . HIS A 1 116 ? 5.255   11.712  -10.014 1.00 39.27  ? 113 HIS A CE1 1 
ATOM   813  N  NE2 . HIS A 1 116 ? 6.091   12.581  -9.469  1.00 39.20  ? 113 HIS A NE2 1 
ATOM   814  N  N   . SER A 1 117 ? 1.826   17.302  -10.036 1.00 37.56  ? 114 SER A N   1 
ATOM   815  C  CA  . SER A 1 117 ? 1.039   18.405  -10.573 1.00 38.74  ? 114 SER A CA  1 
ATOM   816  C  C   . SER A 1 117 ? 0.791   18.220  -12.073 1.00 39.63  ? 114 SER A C   1 
ATOM   817  O  O   . SER A 1 117 ? 1.674   17.746  -12.818 1.00 39.17  ? 114 SER A O   1 
ATOM   818  C  CB  . SER A 1 117 ? 1.802   19.723  -10.367 1.00 39.38  ? 114 SER A CB  1 
ATOM   819  O  OG  . SER A 1 117 ? 1.106   20.848  -10.905 1.00 40.57  ? 114 SER A OG  1 
ATOM   820  N  N   . LEU A 1 118 ? -0.401  18.623  -12.515 1.00 40.14  ? 115 LEU A N   1 
ATOM   821  C  CA  . LEU A 1 118 ? -0.728  18.649  -13.945 1.00 40.33  ? 115 LEU A CA  1 
ATOM   822  C  C   . LEU A 1 118 ? 0.255   19.439  -14.745 1.00 40.23  ? 115 LEU A C   1 
ATOM   823  O  O   . LEU A 1 118 ? 0.609   19.019  -15.864 1.00 41.15  ? 115 LEU A O   1 
ATOM   824  C  CB  . LEU A 1 118 ? -2.045  19.342  -14.204 1.00 40.60  ? 115 LEU A CB  1 
ATOM   825  C  CG  . LEU A 1 118 ? -3.341  18.787  -13.675 1.00 41.92  ? 115 LEU A CG  1 
ATOM   826  C  CD1 . LEU A 1 118 ? -4.382  19.639  -14.432 1.00 42.68  ? 115 LEU A CD1 1 
ATOM   827  C  CD2 . LEU A 1 118 ? -3.470  17.274  -13.927 1.00 42.71  ? 115 LEU A CD2 1 
ATOM   828  N  N   . ASP A 1 119 ? 0.647   20.604  -14.215 1.00 38.99  ? 116 ASP A N   1 
ATOM   829  C  CA  . ASP A 1 119 ? 1.503   21.484  -14.950 1.00 38.29  ? 116 ASP A CA  1 
ATOM   830  C  C   . ASP A 1 119 ? 2.924   20.953  -15.050 1.00 37.62  ? 116 ASP A C   1 
ATOM   831  O  O   . ASP A 1 119 ? 3.538   20.589  -14.044 1.00 38.06  ? 116 ASP A O   1 
ATOM   832  C  CB  . ASP A 1 119 ? 1.504   22.883  -14.411 1.00 38.54  ? 116 ASP A CB  1 
ATOM   833  C  CG  . ASP A 1 119 ? 2.490   23.745  -15.156 1.00 41.87  ? 116 ASP A CG  1 
ATOM   834  O  OD1 . ASP A 1 119 ? 2.166   24.244  -16.283 1.00 42.59  ? 116 ASP A OD1 1 
ATOM   835  O  OD2 . ASP A 1 119 ? 3.633   23.849  -14.639 1.00 45.15  ? 116 ASP A OD2 1 
ATOM   836  N  N   . TYR A 1 120 ? 3.441   20.944  -16.279 1.00 36.17  ? 117 TYR A N   1 
ATOM   837  C  CA  . TYR A 1 120 ? 4.668   20.246  -16.614 1.00 34.85  ? 117 TYR A CA  1 
ATOM   838  C  C   . TYR A 1 120 ? 5.873   20.988  -16.027 1.00 35.82  ? 117 TYR A C   1 
ATOM   839  O  O   . TYR A 1 120 ? 6.923   20.376  -15.788 1.00 35.61  ? 117 TYR A O   1 
ATOM   840  C  CB  . TYR A 1 120 ? 4.778   20.039  -18.149 1.00 33.10  ? 117 TYR A CB  1 
ATOM   841  C  CG  . TYR A 1 120 ? 5.182   21.300  -18.915 1.00 29.27  ? 117 TYR A CG  1 
ATOM   842  C  CD1 . TYR A 1 120 ? 4.233   22.271  -19.273 1.00 25.78  ? 117 TYR A CD1 1 
ATOM   843  C  CD2 . TYR A 1 120 ? 6.507   21.527  -19.257 1.00 23.65  ? 117 TYR A CD2 1 
ATOM   844  C  CE1 . TYR A 1 120 ? 4.587   23.429  -19.923 1.00 21.93  ? 117 TYR A CE1 1 
ATOM   845  C  CE2 . TYR A 1 120 ? 6.880   22.675  -19.932 1.00 24.74  ? 117 TYR A CE2 1 
ATOM   846  C  CZ  . TYR A 1 120 ? 5.915   23.631  -20.256 1.00 23.74  ? 117 TYR A CZ  1 
ATOM   847  O  OH  . TYR A 1 120 ? 6.299   24.755  -20.957 1.00 20.28  ? 117 TYR A OH  1 
ATOM   848  N  N   . ARG A 1 121 ? 5.722   22.300  -15.803 1.00 36.74  ? 118 ARG A N   1 
ATOM   849  C  CA  . ARG A 1 121 ? 6.811   23.093  -15.178 1.00 38.24  ? 118 ARG A CA  1 
ATOM   850  C  C   . ARG A 1 121 ? 6.901   22.807  -13.693 1.00 38.52  ? 118 ARG A C   1 
ATOM   851  O  O   . ARG A 1 121 ? 7.970   22.928  -13.081 1.00 38.92  ? 118 ARG A O   1 
ATOM   852  C  CB  . ARG A 1 121 ? 6.644   24.592  -15.347 1.00 38.31  ? 118 ARG A CB  1 
ATOM   853  C  CG  . ARG A 1 121 ? 6.434   25.065  -16.753 1.00 39.60  ? 118 ARG A CG  1 
ATOM   854  C  CD  . ARG A 1 121 ? 5.020   25.592  -16.852 1.00 39.30  ? 118 ARG A CD  1 
ATOM   855  N  NE  . ARG A 1 121 ? 4.937   26.597  -17.900 1.00 38.56  ? 118 ARG A NE  1 
ATOM   856  C  CZ  . ARG A 1 121 ? 3.805   26.942  -18.493 1.00 37.31  ? 118 ARG A CZ  1 
ATOM   857  N  NH1 . ARG A 1 121 ? 2.657   26.350  -18.128 1.00 36.03  ? 118 ARG A NH1 1 
ATOM   858  N  NH2 . ARG A 1 121 ? 3.833   27.869  -19.449 1.00 34.69  ? 118 ARG A NH2 1 
ATOM   859  N  N   . ARG A 1 122 ? 5.770   22.420  -13.130 1.00 38.20  ? 119 ARG A N   1 
ATOM   860  C  CA  . ARG A 1 122 ? 5.699   22.034  -11.749 1.00 38.48  ? 119 ARG A CA  1 
ATOM   861  C  C   . ARG A 1 122 ? 6.188   20.582  -11.616 1.00 38.36  ? 119 ARG A C   1 
ATOM   862  O  O   . ARG A 1 122 ? 5.963   19.972  -10.578 1.00 38.94  ? 119 ARG A O   1 
ATOM   863  C  CB  . ARG A 1 122 ? 4.237   22.177  -11.269 1.00 38.41  ? 119 ARG A CB  1 
ATOM   864  C  CG  . ARG A 1 122 ? 3.989   22.961  -9.960  1.00 39.92  ? 119 ARG A CG  1 
ATOM   865  C  CD  . ARG A 1 122 ? 4.021   24.480  -10.105 1.00 41.18  ? 119 ARG A CD  1 
ATOM   866  N  NE  . ARG A 1 122 ? 5.413   24.953  -10.134 1.00 43.57  ? 119 ARG A NE  1 
ATOM   867  C  CZ  . ARG A 1 122 ? 5.958   25.718  -11.084 1.00 44.69  ? 119 ARG A CZ  1 
ATOM   868  N  NH1 . ARG A 1 122 ? 7.239   26.045  -11.004 1.00 44.72  ? 119 ARG A NH1 1 
ATOM   869  N  NH2 . ARG A 1 122 ? 5.234   26.181  -12.106 1.00 46.26  ? 119 ARG A NH2 1 
ATOM   870  N  N   . ARG A 1 123 ? 6.820   20.013  -12.655 1.00 37.72  ? 120 ARG A N   1 
ATOM   871  C  CA  . ARG A 1 123 ? 7.214   18.582  -12.626 1.00 37.16  ? 120 ARG A CA  1 
ATOM   872  C  C   . ARG A 1 123 ? 8.674   18.292  -13.005 1.00 37.31  ? 120 ARG A C   1 
ATOM   873  O  O   . ARG A 1 123 ? 9.149   17.146  -12.880 1.00 36.23  ? 120 ARG A O   1 
ATOM   874  C  CB  . ARG A 1 123 ? 6.292   17.722  -13.495 1.00 36.75  ? 120 ARG A CB  1 
ATOM   875  C  CG  . ARG A 1 123 ? 4.883   17.470  -12.943 1.00 35.10  ? 120 ARG A CG  1 
ATOM   876  C  CD  . ARG A 1 123 ? 4.220   16.265  -13.668 1.00 32.39  ? 120 ARG A CD  1 
ATOM   877  N  NE  . ARG A 1 123 ? 4.409   16.310  -15.129 1.00 31.62  ? 120 ARG A NE  1 
ATOM   878  C  CZ  . ARG A 1 123 ? 3.523   16.800  -15.998 1.00 29.89  ? 120 ARG A CZ  1 
ATOM   879  N  NH1 . ARG A 1 123 ? 3.795   16.818  -17.275 1.00 26.82  ? 120 ARG A NH1 1 
ATOM   880  N  NH2 . ARG A 1 123 ? 2.356   17.272  -15.593 1.00 31.10  ? 120 ARG A NH2 1 
ATOM   881  N  N   . GLN A 1 124 ? 9.378   19.343  -13.429 1.00 37.65  ? 121 GLN A N   1 
ATOM   882  C  CA  . GLN A 1 124 ? 10.726  19.231  -13.982 1.00 38.84  ? 121 GLN A CA  1 
ATOM   883  C  C   . GLN A 1 124 ? 11.782  18.780  -12.985 1.00 38.99  ? 121 GLN A C   1 
ATOM   884  O  O   . GLN A 1 124 ? 12.812  18.173  -13.372 1.00 39.01  ? 121 GLN A O   1 
ATOM   885  C  CB  . GLN A 1 124 ? 11.104  20.542  -14.591 1.00 39.15  ? 121 GLN A CB  1 
ATOM   886  C  CG  . GLN A 1 124 ? 10.059  21.033  -15.556 1.00 41.72  ? 121 GLN A CG  1 
ATOM   887  C  CD  . GLN A 1 124 ? 10.574  21.165  -16.956 1.00 44.30  ? 121 GLN A CD  1 
ATOM   888  O  OE1 . GLN A 1 124 ? 11.780  21.273  -17.186 1.00 47.60  ? 121 GLN A OE1 1 
ATOM   889  N  NE2 . GLN A 1 124 ? 9.663   21.202  -17.909 1.00 46.05  ? 121 GLN A NE2 1 
ATOM   890  N  N   . ALA A 1 125 ? 11.492  19.038  -11.707 1.00 38.77  ? 122 ALA A N   1 
ATOM   891  C  CA  . ALA A 1 125 ? 12.323  18.589  -10.602 1.00 39.15  ? 122 ALA A CA  1 
ATOM   892  C  C   . ALA A 1 125 ? 11.799  17.289  -9.963  1.00 39.49  ? 122 ALA A C   1 
ATOM   893  O  O   . ALA A 1 125 ? 12.335  16.830  -8.950  1.00 39.26  ? 122 ALA A O   1 
ATOM   894  C  CB  . ALA A 1 125 ? 12.460  19.709  -9.555  1.00 39.26  ? 122 ALA A CB  1 
ATOM   895  N  N   . TRP A 1 126 ? 10.780  16.689  -10.585 1.00 39.82  ? 123 TRP A N   1 
ATOM   896  C  CA  . TRP A 1 126 ? 10.158  15.452  -10.126 1.00 39.82  ? 123 TRP A CA  1 
ATOM   897  C  C   . TRP A 1 126 ? 9.520   15.643  -8.757  1.00 41.03  ? 123 TRP A C   1 
ATOM   898  O  O   . TRP A 1 126 ? 9.518   14.732  -7.918  1.00 41.45  ? 123 TRP A O   1 
ATOM   899  C  CB  . TRP A 1 126 ? 11.158  14.290  -10.092 1.00 39.55  ? 123 TRP A CB  1 
ATOM   900  C  CG  . TRP A 1 126 ? 11.937  14.084  -11.358 1.00 38.16  ? 123 TRP A CG  1 
ATOM   901  C  CD1 . TRP A 1 126 ? 11.726  14.693  -12.565 1.00 36.56  ? 123 TRP A CD1 1 
ATOM   902  C  CD2 . TRP A 1 126 ? 13.024  13.169  -11.560 1.00 37.30  ? 123 TRP A CD2 1 
ATOM   903  N  NE1 . TRP A 1 126 ? 12.622  14.228  -13.505 1.00 36.87  ? 123 TRP A NE1 1 
ATOM   904  C  CE2 . TRP A 1 126 ? 13.435  13.295  -12.919 1.00 36.62  ? 123 TRP A CE2 1 
ATOM   905  C  CE3 . TRP A 1 126 ? 13.698  12.261  -10.729 1.00 35.89  ? 123 TRP A CE3 1 
ATOM   906  C  CZ2 . TRP A 1 126 ? 14.487  12.543  -13.467 1.00 33.49  ? 123 TRP A CZ2 1 
ATOM   907  C  CZ3 . TRP A 1 126 ? 14.757  11.504  -11.285 1.00 33.46  ? 123 TRP A CZ3 1 
ATOM   908  C  CH2 . TRP A 1 126 ? 15.137  11.664  -12.634 1.00 33.36  ? 123 TRP A CH2 1 
ATOM   909  N  N   . GLU A 1 127 ? 8.979   16.827  -8.515  1.00 41.88  ? 124 GLU A N   1 
ATOM   910  C  CA  . GLU A 1 127 ? 8.332   17.057  -7.239  1.00 43.36  ? 124 GLU A CA  1 
ATOM   911  C  C   . GLU A 1 127 ? 7.119   16.151  -7.147  1.00 43.05  ? 124 GLU A C   1 
ATOM   912  O  O   . GLU A 1 127 ? 6.300   16.102  -8.061  1.00 42.22  ? 124 GLU A O   1 
ATOM   913  C  CB  . GLU A 1 127 ? 7.988   18.537  -7.000  1.00 44.36  ? 124 GLU A CB  1 
ATOM   914  C  CG  . GLU A 1 127 ? 7.653   19.364  -8.244  1.00 47.90  ? 124 GLU A CG  1 
ATOM   915  C  CD  . GLU A 1 127 ? 8.880   19.849  -9.056  1.00 51.88  ? 124 GLU A CD  1 
ATOM   916  O  OE1 . GLU A 1 127 ? 9.472   20.895  -8.683  1.00 54.05  ? 124 GLU A OE1 1 
ATOM   917  O  OE2 . GLU A 1 127 ? 9.210   19.218  -10.094 1.00 50.59  ? 124 GLU A OE2 1 
ATOM   918  N  N   . THR A 1 128 ? 7.078   15.394  -6.049  1.00 43.39  ? 125 THR A N   1 
ATOM   919  C  CA  . THR A 1 128 ? 6.035   14.409  -5.736  1.00 43.10  ? 125 THR A CA  1 
ATOM   920  C  C   . THR A 1 128 ? 5.198   14.987  -4.614  1.00 42.61  ? 125 THR A C   1 
ATOM   921  O  O   . THR A 1 128 ? 5.741   15.531  -3.667  1.00 42.24  ? 125 THR A O   1 
ATOM   922  C  CB  . THR A 1 128 ? 6.689   13.105  -5.207  1.00 42.78  ? 125 THR A CB  1 
ATOM   923  O  OG1 . THR A 1 128 ? 7.735   12.713  -6.094  1.00 44.91  ? 125 THR A OG1 1 
ATOM   924  C  CG2 . THR A 1 128 ? 5.730   12.008  -5.154  1.00 42.88  ? 125 THR A CG2 1 
ATOM   925  N  N   . ILE A 1 129 ? 3.883   14.902  -4.707  1.00 42.44  ? 126 ILE A N   1 
ATOM   926  C  CA  . ILE A 1 129 ? 3.159   15.020  -3.460  1.00 43.00  ? 126 ILE A CA  1 
ATOM   927  C  C   . ILE A 1 129 ? 2.550   13.695  -3.030  1.00 42.01  ? 126 ILE A C   1 
ATOM   928  O  O   . ILE A 1 129 ? 2.128   12.893  -3.856  1.00 41.97  ? 126 ILE A O   1 
ATOM   929  C  CB  . ILE A 1 129 ? 2.185   16.198  -3.400  1.00 43.61  ? 126 ILE A CB  1 
ATOM   930  C  CG1 . ILE A 1 129 ? 2.407   16.951  -2.087  1.00 45.10  ? 126 ILE A CG1 1 
ATOM   931  C  CG2 . ILE A 1 129 ? 0.709   15.752  -3.573  1.00 45.37  ? 126 ILE A CG2 1 
ATOM   932  C  CD1 . ILE A 1 129 ? 2.553   18.501  -2.280  1.00 45.89  ? 126 ILE A CD1 1 
ATOM   933  N  N   . CYS A 1 130 ? 2.542   13.496  -1.724  1.00 40.89  ? 127 CYS A N   1 
ATOM   934  C  CA  . CYS A 1 130 ? 2.175   12.259  -1.120  1.00 40.81  ? 127 CYS A CA  1 
ATOM   935  C  C   . CYS A 1 130 ? 1.061   12.468  -0.111  1.00 40.27  ? 127 CYS A C   1 
ATOM   936  O  O   . CYS A 1 130 ? 1.094   13.409  0.703   1.00 39.97  ? 127 CYS A O   1 
ATOM   937  C  CB  . CYS A 1 130 ? 3.386   11.650  -0.435  1.00 40.76  ? 127 CYS A CB  1 
ATOM   938  S  SG  . CYS A 1 130 ? 4.605   11.138  -1.642  1.00 45.37  ? 127 CYS A SG  1 
ATOM   939  N  N   . LYS A 1 131 ? 0.081   11.570  -0.190  1.00 39.01  ? 128 LYS A N   1 
ATOM   940  C  CA  . LYS A 1 131 ? -1.034  11.505  0.725   1.00 38.01  ? 128 LYS A CA  1 
ATOM   941  C  C   . LYS A 1 131 ? -1.250  10.064  1.092   1.00 36.88  ? 128 LYS A C   1 
ATOM   942  O  O   . LYS A 1 131 ? -1.210  9.162   0.236   1.00 37.25  ? 128 LYS A O   1 
ATOM   943  C  CB  . LYS A 1 131 ? -2.312  12.090  0.108   1.00 38.62  ? 128 LYS A CB  1 
ATOM   944  C  CG  . LYS A 1 131 ? -2.342  13.609  0.152   1.00 39.25  ? 128 LYS A CG  1 
ATOM   945  C  CD  . LYS A 1 131 ? -3.323  14.219  -0.867  1.00 44.47  ? 128 LYS A CD  1 
ATOM   946  C  CE  . LYS A 1 131 ? -4.648  14.742  -0.226  1.00 47.56  ? 128 LYS A CE  1 
ATOM   947  N  NZ  . LYS A 1 131 ? -5.892  13.919  -0.501  1.00 51.29  ? 128 LYS A NZ  1 
ATOM   948  N  N   . PRO A 1 132 ? -1.462  9.836   2.380   1.00 36.21  ? 129 PRO A N   1 
ATOM   949  C  CA  . PRO A 1 132 ? -1.528  8.465   2.878   1.00 35.45  ? 129 PRO A CA  1 
ATOM   950  C  C   . PRO A 1 132 ? -2.760  7.699   2.430   1.00 34.66  ? 129 PRO A C   1 
ATOM   951  O  O   . PRO A 1 132 ? -3.791  8.277   2.059   1.00 34.52  ? 129 PRO A O   1 
ATOM   952  C  CB  . PRO A 1 132 ? -1.534  8.640   4.406   1.00 35.00  ? 129 PRO A CB  1 
ATOM   953  C  CG  . PRO A 1 132 ? -2.025  9.991   4.629   1.00 34.31  ? 129 PRO A CG  1 
ATOM   954  C  CD  . PRO A 1 132 ? -1.687  10.836  3.448   1.00 35.63  ? 129 PRO A CD  1 
ATOM   955  N  N   . ILE A 1 133 ? -2.614  6.384   2.504   1.00 33.83  ? 130 ILE A N   1 
ATOM   956  C  CA  . ILE A 1 133 ? -3.648  5.424   2.185   1.00 32.40  ? 130 ILE A CA  1 
ATOM   957  C  C   . ILE A 1 133 ? -3.909  4.602   3.440   1.00 32.20  ? 130 ILE A C   1 
ATOM   958  O  O   . ILE A 1 133 ? -2.966  4.221   4.147   1.00 33.38  ? 130 ILE A O   1 
ATOM   959  C  CB  . ILE A 1 133 ? -3.205  4.512   1.014   1.00 31.72  ? 130 ILE A CB  1 
ATOM   960  C  CG1 . ILE A 1 133 ? -3.086  5.333   -0.279  1.00 27.75  ? 130 ILE A CG1 1 
ATOM   961  C  CG2 . ILE A 1 133 ? -4.188  3.343   0.869   1.00 31.12  ? 130 ILE A CG2 1 
ATOM   962  C  CD1 . ILE A 1 133 ? -2.602  4.533   -1.465  1.00 26.61  ? 130 ILE A CD1 1 
ATOM   963  N  N   . VAL A 1 134 ? -5.182  4.353   3.738   1.00 31.20  ? 131 VAL A N   1 
ATOM   964  C  CA  . VAL A 1 134 ? -5.561  3.589   4.910   1.00 29.60  ? 131 VAL A CA  1 
ATOM   965  C  C   . VAL A 1 134 ? -6.513  2.473   4.493   1.00 29.35  ? 131 VAL A C   1 
ATOM   966  O  O   . VAL A 1 134 ? -7.530  2.733   3.854   1.00 29.93  ? 131 VAL A O   1 
ATOM   967  C  CB  . VAL A 1 134 ? -6.276  4.472   5.936   1.00 29.74  ? 131 VAL A CB  1 
ATOM   968  C  CG1 . VAL A 1 134 ? -6.599  3.671   7.246   1.00 28.46  ? 131 VAL A CG1 1 
ATOM   969  C  CG2 . VAL A 1 134 ? -5.450  5.680   6.236   1.00 29.38  ? 131 VAL A CG2 1 
ATOM   970  N  N   . ILE A 1 135 ? -6.200  1.238   4.840   1.00 28.59  ? 132 ILE A N   1 
ATOM   971  C  CA  . ILE A 1 135 ? -7.138  0.156   4.622   1.00 28.81  ? 132 ILE A CA  1 
ATOM   972  C  C   . ILE A 1 135 ? -7.553  -0.383  5.969   1.00 30.22  ? 132 ILE A C   1 
ATOM   973  O  O   . ILE A 1 135 ? -6.731  -0.919  6.741   1.00 30.10  ? 132 ILE A O   1 
ATOM   974  C  CB  . ILE A 1 135 ? -6.561  -0.913  3.658   1.00 29.81  ? 132 ILE A CB  1 
ATOM   975  C  CG1 . ILE A 1 135 ? -6.421  -0.319  2.261   1.00 28.44  ? 132 ILE A CG1 1 
ATOM   976  C  CG2 . ILE A 1 135 ? -7.458  -2.186  3.539   1.00 27.55  ? 132 ILE A CG2 1 
ATOM   977  C  CD1 . ILE A 1 135 ? -5.180  -0.762  1.728   1.00 35.06  ? 132 ILE A CD1 1 
ATOM   978  N  N   . GLU A 1 136 ? -8.820  -0.168  6.301   1.00 31.02  ? 133 GLU A N   1 
ATOM   979  C  CA  . GLU A 1 136 ? -9.312  -0.599  7.595   1.00 32.66  ? 133 GLU A CA  1 
ATOM   980  C  C   . GLU A 1 136 ? -9.487  -2.133  7.684   1.00 33.28  ? 133 GLU A C   1 
ATOM   981  O  O   . GLU A 1 136 ? -9.160  -2.890  6.747   1.00 33.01  ? 133 GLU A O   1 
ATOM   982  C  CB  . GLU A 1 136 ? -10.580 0.177   7.979   1.00 33.30  ? 133 GLU A CB  1 
ATOM   983  C  CG  . GLU A 1 136 ? -10.279 1.666   8.337   1.00 34.32  ? 133 GLU A CG  1 
ATOM   984  C  CD  . GLU A 1 136 ? -11.541 2.494   8.566   1.00 39.44  ? 133 GLU A CD  1 
ATOM   985  O  OE1 . GLU A 1 136 ? -11.438 3.717   8.874   1.00 40.34  ? 133 GLU A OE1 1 
ATOM   986  O  OE2 . GLU A 1 136 ? -12.661 1.922   8.447   1.00 44.06  ? 133 GLU A OE2 1 
ATOM   987  N  N   . ASP A 1 137 ? -9.936  -2.582  8.850   1.00 34.35  ? 134 ASP A N   1 
ATOM   988  C  CA  . ASP A 1 137 ? -10.041 -4.021  9.173   1.00 34.75  ? 134 ASP A CA  1 
ATOM   989  C  C   . ASP A 1 137 ? -10.998 -4.766  8.278   1.00 34.72  ? 134 ASP A C   1 
ATOM   990  O  O   . ASP A 1 137 ? -12.027 -4.219  7.868   1.00 34.66  ? 134 ASP A O   1 
ATOM   991  C  CB  . ASP A 1 137 ? -10.591 -4.186  10.591  1.00 35.51  ? 134 ASP A CB  1 
ATOM   992  C  CG  . ASP A 1 137 ? -9.622  -3.758  11.657  1.00 36.79  ? 134 ASP A CG  1 
ATOM   993  O  OD1 . ASP A 1 137 ? -10.095 -3.581  12.791  1.00 41.55  ? 134 ASP A OD1 1 
ATOM   994  O  OD2 . ASP A 1 137 ? -8.402  -3.617  11.393  1.00 38.90  ? 134 ASP A OD2 1 
ATOM   995  N  N   . ASP A 1 138 ? -10.677 -6.024  8.005   1.00 34.73  ? 135 ASP A N   1 
ATOM   996  C  CA  . ASP A 1 138 ? -11.637 -6.944  7.398   1.00 35.65  ? 135 ASP A CA  1 
ATOM   997  C  C   . ASP A 1 138 ? -12.029 -6.578  5.980   1.00 35.06  ? 135 ASP A C   1 
ATOM   998  O  O   . ASP A 1 138 ? -13.125 -6.908  5.493   1.00 34.85  ? 135 ASP A O   1 
ATOM   999  C  CB  . ASP A 1 138 ? -12.889 -7.065  8.274   1.00 36.22  ? 135 ASP A CB  1 
ATOM   1000 C  CG  . ASP A 1 138 ? -12.634 -7.875  9.529   1.00 39.84  ? 135 ASP A CG  1 
ATOM   1001 O  OD1 . ASP A 1 138 ? -12.266 -9.075  9.372   1.00 39.94  ? 135 ASP A OD1 1 
ATOM   1002 O  OD2 . ASP A 1 138 ? -12.794 -7.300  10.657  1.00 42.61  ? 135 ASP A OD2 1 
ATOM   1003 N  N   . VAL A 1 139 ? -11.112 -5.903  5.314   1.00 34.81  ? 136 VAL A N   1 
ATOM   1004 C  CA  . VAL A 1 139 ? -11.334 -5.453  3.963   1.00 33.92  ? 136 VAL A CA  1 
ATOM   1005 C  C   . VAL A 1 139 ? -10.786 -6.493  3.009   1.00 34.47  ? 136 VAL A C   1 
ATOM   1006 O  O   . VAL A 1 139 ? -9.713  -7.083  3.238   1.00 35.45  ? 136 VAL A O   1 
ATOM   1007 C  CB  . VAL A 1 139 ? -10.670 -4.069  3.747   1.00 33.70  ? 136 VAL A CB  1 
ATOM   1008 C  CG1 . VAL A 1 139 ? -10.430 -3.793  2.251   1.00 32.35  ? 136 VAL A CG1 1 
ATOM   1009 C  CG2 . VAL A 1 139 ? -11.523 -3.008  4.372   1.00 31.41  ? 136 VAL A CG2 1 
ATOM   1010 N  N   . TRP A 1 140 ? -11.497 -6.726  1.921   1.00 33.91  ? 137 TRP A N   1 
ATOM   1011 C  CA  . TRP A 1 140 ? -10.936 -7.561  0.873   1.00 33.24  ? 137 TRP A CA  1 
ATOM   1012 C  C   . TRP A 1 140 ? -10.689 -6.763  -0.393  1.00 33.08  ? 137 TRP A C   1 
ATOM   1013 O  O   . TRP A 1 140 ? -11.626 -6.271  -1.027  1.00 33.45  ? 137 TRP A O   1 
ATOM   1014 C  CB  . TRP A 1 140 ? -11.879 -8.710  0.563   1.00 32.82  ? 137 TRP A CB  1 
ATOM   1015 C  CG  . TRP A 1 140 ? -11.543 -9.440  -0.687  1.00 31.26  ? 137 TRP A CG  1 
ATOM   1016 C  CD1 . TRP A 1 140 ? -10.314 -9.527  -1.306  1.00 31.05  ? 137 TRP A CD1 1 
ATOM   1017 C  CD2 . TRP A 1 140 ? -12.450 -10.250 -1.472  1.00 30.72  ? 137 TRP A CD2 1 
ATOM   1018 N  NE1 . TRP A 1 140 ? -10.416 -10.330 -2.446  1.00 29.97  ? 137 TRP A NE1 1 
ATOM   1019 C  CE2 . TRP A 1 140 ? -11.703 -10.796 -2.557  1.00 26.74  ? 137 TRP A CE2 1 
ATOM   1020 C  CE3 . TRP A 1 140 ? -13.824 -10.563 -1.360  1.00 28.83  ? 137 TRP A CE3 1 
ATOM   1021 C  CZ2 . TRP A 1 140 ? -12.283 -11.615 -3.530  1.00 25.85  ? 137 TRP A CZ2 1 
ATOM   1022 C  CZ3 . TRP A 1 140 ? -14.408 -11.409 -2.348  1.00 26.46  ? 137 TRP A CZ3 1 
ATOM   1023 C  CH2 . TRP A 1 140 ? -13.631 -11.898 -3.422  1.00 25.72  ? 137 TRP A CH2 1 
ATOM   1024 N  N   . ILE A 1 141 ? -9.424  -6.642  -0.754  1.00 32.64  ? 138 ILE A N   1 
ATOM   1025 C  CA  . ILE A 1 141 ? -9.062  -5.981  -1.978  1.00 32.68  ? 138 ILE A CA  1 
ATOM   1026 C  C   . ILE A 1 141 ? -8.711  -6.960  -3.103  1.00 33.66  ? 138 ILE A C   1 
ATOM   1027 O  O   . ILE A 1 141 ? -7.872  -7.866  -2.927  1.00 33.64  ? 138 ILE A O   1 
ATOM   1028 C  CB  . ILE A 1 141 ? -7.981  -4.995  -1.733  1.00 32.81  ? 138 ILE A CB  1 
ATOM   1029 C  CG1 . ILE A 1 141 ? -8.617  -3.791  -1.052  1.00 32.91  ? 138 ILE A CG1 1 
ATOM   1030 C  CG2 . ILE A 1 141 ? -7.440  -4.480  -3.067  1.00 33.65  ? 138 ILE A CG2 1 
ATOM   1031 C  CD1 . ILE A 1 141 ? -7.644  -2.966  -0.356  1.00 33.16  ? 138 ILE A CD1 1 
ATOM   1032 N  N   . GLY A 1 142 ? -9.400  -6.815  -4.241  1.00 33.86  ? 139 GLY A N   1 
ATOM   1033 C  CA  . GLY A 1 142 ? -9.316  -7.821  -5.333  1.00 34.76  ? 139 GLY A CA  1 
ATOM   1034 C  C   . GLY A 1 142 ? -7.979  -7.704  -6.010  1.00 35.42  ? 139 GLY A C   1 
ATOM   1035 O  O   . GLY A 1 142 ? -7.254  -6.717  -5.770  1.00 36.87  ? 139 GLY A O   1 
ATOM   1036 N  N   . GLY A 1 143 ? -7.625  -8.669  -6.844  1.00 35.24  ? 140 GLY A N   1 
ATOM   1037 C  CA  . GLY A 1 143 ? -6.346  -8.597  -7.572  1.00 34.78  ? 140 GLY A CA  1 
ATOM   1038 C  C   . GLY A 1 143 ? -6.362  -7.447  -8.555  1.00 35.01  ? 140 GLY A C   1 
ATOM   1039 O  O   . GLY A 1 143 ? -7.421  -7.011  -8.967  1.00 35.89  ? 140 GLY A O   1 
ATOM   1040 N  N   . ASN A 1 144 ? -5.200  -6.932  -8.922  1.00 34.88  ? 141 ASN A N   1 
ATOM   1041 C  CA  . ASN A 1 144 ? -5.117  -5.894  -9.951  1.00 35.88  ? 141 ASN A CA  1 
ATOM   1042 C  C   . ASN A 1 144 ? -5.771  -4.519  -9.716  1.00 35.29  ? 141 ASN A C   1 
ATOM   1043 O  O   . ASN A 1 144 ? -5.955  -3.729  -10.673 1.00 36.08  ? 141 ASN A O   1 
ATOM   1044 C  CB  . ASN A 1 144 ? -5.639  -6.423  -11.279 1.00 36.47  ? 141 ASN A CB  1 
ATOM   1045 C  CG  . ASN A 1 144 ? -4.808  -5.942  -12.437 1.00 38.59  ? 141 ASN A CG  1 
ATOM   1046 O  OD1 . ASN A 1 144 ? -5.342  -5.575  -13.472 1.00 42.90  ? 141 ASN A OD1 1 
ATOM   1047 N  ND2 . ASN A 1 144 ? -3.491  -5.975  -12.284 1.00 41.66  ? 141 ASN A ND2 1 
ATOM   1048 N  N   . VAL A 1 145 ? -6.108  -4.234  -8.465  1.00 32.98  ? 142 VAL A N   1 
ATOM   1049 C  CA  . VAL A 1 145 ? -6.751  -2.985  -8.115  1.00 30.79  ? 142 VAL A CA  1 
ATOM   1050 C  C   . VAL A 1 145 ? -5.690  -1.843  -8.018  1.00 30.44  ? 142 VAL A C   1 
ATOM   1051 O  O   . VAL A 1 145 ? -4.540  -2.066  -7.615  1.00 31.16  ? 142 VAL A O   1 
ATOM   1052 C  CB  . VAL A 1 145 ? -7.559  -3.197  -6.809  1.00 30.83  ? 142 VAL A CB  1 
ATOM   1053 C  CG1 . VAL A 1 145 ? -8.077  -1.895  -6.234  1.00 28.93  ? 142 VAL A CG1 1 
ATOM   1054 C  CG2 . VAL A 1 145 ? -8.682  -4.253  -7.017  1.00 28.44  ? 142 VAL A CG2 1 
ATOM   1055 N  N   . VAL A 1 146 ? -6.048  -0.635  -8.421  1.00 28.64  ? 143 VAL A N   1 
ATOM   1056 C  CA  . VAL A 1 146 ? -5.224  0.527   -8.069  1.00 29.04  ? 143 VAL A CA  1 
ATOM   1057 C  C   . VAL A 1 146 ? -5.896  1.366   -6.968  1.00 27.89  ? 143 VAL A C   1 
ATOM   1058 O  O   . VAL A 1 146 ? -7.100  1.633   -7.018  1.00 28.31  ? 143 VAL A O   1 
ATOM   1059 C  CB  . VAL A 1 146 ? -4.954  1.430   -9.297  1.00 28.51  ? 143 VAL A CB  1 
ATOM   1060 C  CG1 . VAL A 1 146 ? -4.311  2.735   -8.893  1.00 26.84  ? 143 VAL A CG1 1 
ATOM   1061 C  CG2 . VAL A 1 146 ? -4.120  0.695   -10.244 1.00 30.12  ? 143 VAL A CG2 1 
ATOM   1062 N  N   . ILE A 1 147 ? -5.132  1.778   -5.981  1.00 27.77  ? 144 ILE A N   1 
ATOM   1063 C  CA  . ILE A 1 147 ? -5.663  2.680   -4.933  1.00 27.45  ? 144 ILE A CA  1 
ATOM   1064 C  C   . ILE A 1 147 ? -4.799  3.917   -4.999  1.00 27.40  ? 144 ILE A C   1 
ATOM   1065 O  O   . ILE A 1 147 ? -3.603  3.812   -4.849  1.00 28.29  ? 144 ILE A O   1 
ATOM   1066 C  CB  . ILE A 1 147 ? -5.601  1.975   -3.556  1.00 27.00  ? 144 ILE A CB  1 
ATOM   1067 C  CG1 . ILE A 1 147 ? -6.621  0.845   -3.569  1.00 27.74  ? 144 ILE A CG1 1 
ATOM   1068 C  CG2 . ILE A 1 147 ? -5.883  2.949   -2.357  1.00 25.51  ? 144 ILE A CG2 1 
ATOM   1069 C  CD1 . ILE A 1 147 ? -6.084  -0.341  -2.956  1.00 30.50  ? 144 ILE A CD1 1 
ATOM   1070 N  N   . ASN A 1 148 ? -5.376  5.065   -5.283  1.00 27.87  ? 145 ASN A N   1 
ATOM   1071 C  CA  . ASN A 1 148 ? -4.587  6.302   -5.363  1.00 30.11  ? 145 ASN A CA  1 
ATOM   1072 C  C   . ASN A 1 148 ? -4.483  6.998   -3.986  1.00 30.27  ? 145 ASN A C   1 
ATOM   1073 O  O   . ASN A 1 148 ? -5.032  6.492   -3.003  1.00 31.47  ? 145 ASN A O   1 
ATOM   1074 C  CB  . ASN A 1 148 ? -5.157  7.226   -6.450  1.00 29.96  ? 145 ASN A CB  1 
ATOM   1075 C  CG  . ASN A 1 148 ? -4.823  6.727   -7.894  1.00 35.57  ? 145 ASN A CG  1 
ATOM   1076 O  OD1 . ASN A 1 148 ? -3.659  6.820   -8.363  1.00 36.99  ? 145 ASN A OD1 1 
ATOM   1077 N  ND2 . ASN A 1 148 ? -5.848  6.193   -8.595  1.00 35.64  ? 145 ASN A ND2 1 
ATOM   1078 N  N   . GLN A 1 149 ? -3.772  8.130   -3.920  1.00 30.25  ? 146 GLN A N   1 
ATOM   1079 C  CA  . GLN A 1 149 ? -3.528  8.900   -2.699  1.00 29.94  ? 146 GLN A CA  1 
ATOM   1080 C  C   . GLN A 1 149 ? -4.752  9.270   -1.902  1.00 28.30  ? 146 GLN A C   1 
ATOM   1081 O  O   . GLN A 1 149 ? -5.787  9.616   -2.458  1.00 27.98  ? 146 GLN A O   1 
ATOM   1082 C  CB  . GLN A 1 149 ? -3.060  10.306  -3.065  1.00 31.20  ? 146 GLN A CB  1 
ATOM   1083 C  CG  . GLN A 1 149 ? -1.914  10.479  -3.905  1.00 34.27  ? 146 GLN A CG  1 
ATOM   1084 C  CD  . GLN A 1 149 ? -1.503  11.957  -3.926  1.00 34.99  ? 146 GLN A CD  1 
ATOM   1085 O  OE1 . GLN A 1 149 ? -2.242  12.835  -4.385  1.00 31.99  ? 146 GLN A OE1 1 
ATOM   1086 N  NE2 . GLN A 1 149 ? -0.319  12.224  -3.416  1.00 37.49  ? 146 GLN A NE2 1 
ATOM   1087 N  N   . GLY A 1 150 ? -4.544  9.425   -0.608  1.00 28.15  ? 147 GLY A N   1 
ATOM   1088 C  CA  . GLY A 1 150 ? -5.536  10.020  0.283   1.00 27.35  ? 147 GLY A CA  1 
ATOM   1089 C  C   . GLY A 1 150 ? -6.768  9.141   0.487   1.00 27.63  ? 147 GLY A C   1 
ATOM   1090 O  O   . GLY A 1 150 ? -7.728  9.577   1.133   1.00 26.22  ? 147 GLY A O   1 
ATOM   1091 N  N   . VAL A 1 151 ? -6.764  7.932   -0.107  1.00 27.72  ? 148 VAL A N   1 
ATOM   1092 C  CA  . VAL A 1 151 ? -7.918  7.068   -0.035  1.00 28.26  ? 148 VAL A CA  1 
ATOM   1093 C  C   . VAL A 1 151 ? -7.904  6.309   1.291   1.00 28.37  ? 148 VAL A C   1 
ATOM   1094 O  O   . VAL A 1 151 ? -6.831  5.791   1.719   1.00 28.68  ? 148 VAL A O   1 
ATOM   1095 C  CB  . VAL A 1 151 ? -8.063  6.131   -1.285  1.00 29.54  ? 148 VAL A CB  1 
ATOM   1096 C  CG1 . VAL A 1 151 ? -9.118  5.015   -1.044  1.00 26.68  ? 148 VAL A CG1 1 
ATOM   1097 C  CG2 . VAL A 1 151 ? -8.473  6.949   -2.489  1.00 27.48  ? 148 VAL A CG2 1 
ATOM   1098 N  N   . THR A 1 152 ? -9.070  6.292   1.941   1.00 27.55  ? 149 THR A N   1 
ATOM   1099 C  CA  . THR A 1 152 ? -9.375  5.347   3.016   1.00 27.87  ? 149 THR A CA  1 
ATOM   1100 C  C   . THR A 1 152 ? -10.412 4.345   2.506   1.00 27.93  ? 149 THR A C   1 
ATOM   1101 O  O   . THR A 1 152 ? -11.443 4.752   1.925   1.00 28.03  ? 149 THR A O   1 
ATOM   1102 C  CB  . THR A 1 152 ? -10.027 6.060   4.211   1.00 28.90  ? 149 THR A CB  1 
ATOM   1103 O  OG1 . THR A 1 152 ? -9.100  7.042   4.771   1.00 33.20  ? 149 THR A OG1 1 
ATOM   1104 C  CG2 . THR A 1 152 ? -10.486 5.022   5.308   1.00 25.31  ? 149 THR A CG2 1 
ATOM   1105 N  N   . ILE A 1 153 ? -10.157 3.057   2.732   1.00 27.11  ? 150 ILE A N   1 
ATOM   1106 C  CA  . ILE A 1 153 ? -11.181 2.029   2.528   1.00 27.03  ? 150 ILE A CA  1 
ATOM   1107 C  C   . ILE A 1 153 ? -11.706 1.565   3.873   1.00 27.36  ? 150 ILE A C   1 
ATOM   1108 O  O   . ILE A 1 153 ? -10.970 1.040   4.717   1.00 27.48  ? 150 ILE A O   1 
ATOM   1109 C  CB  . ILE A 1 153 ? -10.654 0.870   1.680   1.00 26.78  ? 150 ILE A CB  1 
ATOM   1110 C  CG1 . ILE A 1 153 ? -10.096 1.442   0.387   1.00 27.22  ? 150 ILE A CG1 1 
ATOM   1111 C  CG2 . ILE A 1 153 ? -11.775 -0.040  1.345   1.00 26.00  ? 150 ILE A CG2 1 
ATOM   1112 C  CD1 . ILE A 1 153 ? -9.912  0.446   -0.627  1.00 28.26  ? 150 ILE A CD1 1 
ATOM   1113 N  N   . GLY A 1 154 ? -12.978 1.833   4.100   1.00 27.86  ? 151 GLY A N   1 
ATOM   1114 C  CA  . GLY A 1 154 ? -13.600 1.553   5.399   1.00 29.55  ? 151 GLY A CA  1 
ATOM   1115 C  C   . GLY A 1 154 ? -13.770 0.067   5.684   1.00 30.81  ? 151 GLY A C   1 
ATOM   1116 O  O   . GLY A 1 154 ? -13.739 -0.778  4.762   1.00 31.06  ? 151 GLY A O   1 
ATOM   1117 N  N   . ALA A 1 155 ? -13.971 -0.248  6.955   1.00 31.23  ? 152 ALA A N   1 
ATOM   1118 C  CA  . ALA A 1 155 ? -13.939 -1.636  7.413   1.00 32.15  ? 152 ALA A CA  1 
ATOM   1119 C  C   . ALA A 1 155 ? -14.991 -2.516  6.749   1.00 32.44  ? 152 ALA A C   1 
ATOM   1120 O  O   . ALA A 1 155 ? -16.113 -2.066  6.446   1.00 32.88  ? 152 ALA A O   1 
ATOM   1121 C  CB  . ALA A 1 155 ? -14.060 -1.697  8.928   1.00 31.91  ? 152 ALA A CB  1 
ATOM   1122 N  N   . ARG A 1 156 ? -14.595 -3.756  6.487   1.00 32.63  ? 153 ARG A N   1 
ATOM   1123 C  CA  . ARG A 1 156 ? -15.494 -4.784  5.953   1.00 33.23  ? 153 ARG A CA  1 
ATOM   1124 C  C   . ARG A 1 156 ? -15.998 -4.539  4.523   1.00 34.10  ? 153 ARG A C   1 
ATOM   1125 O  O   . ARG A 1 156 ? -17.035 -5.102  4.110   1.00 35.39  ? 153 ARG A O   1 
ATOM   1126 C  CB  . ARG A 1 156 ? -16.660 -4.991  6.916   1.00 33.05  ? 153 ARG A CB  1 
ATOM   1127 C  CG  . ARG A 1 156 ? -16.207 -5.307  8.319   1.00 31.34  ? 153 ARG A CG  1 
ATOM   1128 C  CD  . ARG A 1 156 ? -17.394 -5.322  9.209   1.00 30.08  ? 153 ARG A CD  1 
ATOM   1129 N  NE  . ARG A 1 156 ? -18.032 -4.012  9.245   1.00 31.08  ? 153 ARG A NE  1 
ATOM   1130 C  CZ  . ARG A 1 156 ? -17.581 -2.977  9.961   1.00 30.22  ? 153 ARG A CZ  1 
ATOM   1131 N  NH1 . ARG A 1 156 ? -16.481 -3.091  10.718  1.00 27.23  ? 153 ARG A NH1 1 
ATOM   1132 N  NH2 . ARG A 1 156 ? -18.232 -1.827  9.915   1.00 26.36  ? 153 ARG A NH2 1 
ATOM   1133 N  N   . SER A 1 157 ? -15.256 -3.722  3.767   1.00 34.48  ? 154 SER A N   1 
ATOM   1134 C  CA  . SER A 1 157 ? -15.592 -3.399  2.387   1.00 33.82  ? 154 SER A CA  1 
ATOM   1135 C  C   . SER A 1 157 ? -14.870 -4.289  1.392   1.00 33.94  ? 154 SER A C   1 
ATOM   1136 O  O   . SER A 1 157 ? -13.853 -4.919  1.695   1.00 35.35  ? 154 SER A O   1 
ATOM   1137 C  CB  . SER A 1 157 ? -15.305 -1.942  2.104   1.00 33.35  ? 154 SER A CB  1 
ATOM   1138 O  OG  . SER A 1 157 ? -16.181 -1.136  2.863   1.00 33.66  ? 154 SER A OG  1 
ATOM   1139 N  N   . VAL A 1 158 ? -15.381 -4.334  0.174   1.00 33.27  ? 155 VAL A N   1 
ATOM   1140 C  CA  . VAL A 1 158 ? -14.768 -5.170  -0.836  1.00 31.93  ? 155 VAL A CA  1 
ATOM   1141 C  C   . VAL A 1 158 ? -14.511 -4.302  -2.054  1.00 31.41  ? 155 VAL A C   1 
ATOM   1142 O  O   . VAL A 1 158 ? -15.380 -3.538  -2.490  1.00 29.67  ? 155 VAL A O   1 
ATOM   1143 C  CB  . VAL A 1 158 ? -15.690 -6.359  -1.170  1.00 31.69  ? 155 VAL A CB  1 
ATOM   1144 C  CG1 . VAL A 1 158 ? -15.096 -7.195  -2.274  1.00 33.35  ? 155 VAL A CG1 1 
ATOM   1145 C  CG2 . VAL A 1 158 ? -15.934 -7.195  0.090   1.00 30.78  ? 155 VAL A CG2 1 
ATOM   1146 N  N   . VAL A 1 159 ? -13.303 -4.405  -2.593  1.00 31.76  ? 156 VAL A N   1 
ATOM   1147 C  CA  . VAL A 1 159 ? -12.986 -3.752  -3.850  1.00 32.65  ? 156 VAL A CA  1 
ATOM   1148 C  C   . VAL A 1 159 ? -12.721 -4.811  -4.911  1.00 33.77  ? 156 VAL A C   1 
ATOM   1149 O  O   . VAL A 1 159 ? -11.758 -5.574  -4.812  1.00 34.14  ? 156 VAL A O   1 
ATOM   1150 C  CB  . VAL A 1 159 ? -11.785 -2.802  -3.699  1.00 33.09  ? 156 VAL A CB  1 
ATOM   1151 C  CG1 . VAL A 1 159 ? -11.348 -2.169  -5.085  1.00 30.63  ? 156 VAL A CG1 1 
ATOM   1152 C  CG2 . VAL A 1 159 ? -12.097 -1.755  -2.597  1.00 30.72  ? 156 VAL A CG2 1 
ATOM   1153 N  N   . ALA A 1 160 ? -13.593 -4.850  -5.912  1.00 35.22  ? 157 ALA A N   1 
ATOM   1154 C  CA  . ALA A 1 160 ? -13.555 -5.869  -6.983  1.00 36.50  ? 157 ALA A CA  1 
ATOM   1155 C  C   . ALA A 1 160 ? -12.286 -5.738  -7.815  1.00 37.74  ? 157 ALA A C   1 
ATOM   1156 O  O   . ALA A 1 160 ? -11.746 -4.602  -8.004  1.00 38.20  ? 157 ALA A O   1 
ATOM   1157 C  CB  . ALA A 1 160 ? -14.833 -5.785  -7.880  1.00 35.11  ? 157 ALA A CB  1 
ATOM   1158 N  N   . ALA A 1 161 ? -11.803 -6.894  -8.287  1.00 38.88  ? 158 ALA A N   1 
ATOM   1159 C  CA  . ALA A 1 161 ? -10.597 -6.981  -9.108  1.00 39.59  ? 158 ALA A CA  1 
ATOM   1160 C  C   . ALA A 1 161 ? -10.595 -5.874  -10.148 1.00 40.12  ? 158 ALA A C   1 
ATOM   1161 O  O   . ALA A 1 161 ? -11.644 -5.512  -10.654 1.00 40.40  ? 158 ALA A O   1 
ATOM   1162 C  CB  . ALA A 1 161 ? -10.525 -8.337  -9.769  1.00 40.11  ? 158 ALA A CB  1 
ATOM   1163 N  N   . ASN A 1 162 ? -9.429  -5.298  -10.414 1.00 41.29  ? 159 ASN A N   1 
ATOM   1164 C  CA  . ASN A 1 162 ? -9.238  -4.294  -11.483 1.00 42.78  ? 159 ASN A CA  1 
ATOM   1165 C  C   . ASN A 1 162 ? -9.858  -2.878  -11.301 1.00 42.32  ? 159 ASN A C   1 
ATOM   1166 O  O   . ASN A 1 162 ? -9.732  -2.027  -12.197 1.00 43.05  ? 159 ASN A O   1 
ATOM   1167 C  CB  . ASN A 1 162 ? -9.612  -4.877  -12.871 1.00 43.97  ? 159 ASN A CB  1 
ATOM   1168 C  CG  . ASN A 1 162 ? -8.841  -4.181  -14.064 1.00 47.95  ? 159 ASN A CG  1 
ATOM   1169 O  OD1 . ASN A 1 162 ? -7.705  -4.556  -14.415 1.00 52.41  ? 159 ASN A OD1 1 
ATOM   1170 N  ND2 . ASN A 1 162 ? -9.486  -3.197  -14.692 1.00 50.22  ? 159 ASN A ND2 1 
ATOM   1171 N  N   . SER A 1 163 ? -10.493 -2.604  -10.162 1.00 40.66  ? 160 SER A N   1 
ATOM   1172 C  CA  . SER A 1 163 ? -11.042 -1.284  -9.929  1.00 38.90  ? 160 SER A CA  1 
ATOM   1173 C  C   . SER A 1 163 ? -9.921  -0.283  -9.767  1.00 37.99  ? 160 SER A C   1 
ATOM   1174 O  O   . SER A 1 163 ? -8.797  -0.630  -9.432  1.00 38.73  ? 160 SER A O   1 
ATOM   1175 C  CB  . SER A 1 163 ? -11.918 -1.283  -8.680  1.00 38.95  ? 160 SER A CB  1 
ATOM   1176 O  OG  . SER A 1 163 ? -12.723 -2.456  -8.613  1.00 37.85  ? 160 SER A OG  1 
ATOM   1177 N  N   . VAL A 1 164 ? -10.227 0.973   -9.987  1.00 36.87  ? 161 VAL A N   1 
ATOM   1178 C  CA  . VAL A 1 164 ? -9.302  2.028   -9.628  1.00 36.11  ? 161 VAL A CA  1 
ATOM   1179 C  C   . VAL A 1 164 ? -10.011 2.887   -8.610  1.00 35.11  ? 161 VAL A C   1 
ATOM   1180 O  O   . VAL A 1 164 ? -11.049 3.476   -8.925  1.00 35.81  ? 161 VAL A O   1 
ATOM   1181 C  CB  . VAL A 1 164 ? -8.981  2.904   -10.823 1.00 35.98  ? 161 VAL A CB  1 
ATOM   1182 C  CG1 . VAL A 1 164 ? -8.184  4.157   -10.391 1.00 35.87  ? 161 VAL A CG1 1 
ATOM   1183 C  CG2 . VAL A 1 164 ? -8.254  2.074   -11.864 1.00 37.89  ? 161 VAL A CG2 1 
ATOM   1184 N  N   . VAL A 1 165 ? -9.471  2.969   -7.401  1.00 33.48  ? 162 VAL A N   1 
ATOM   1185 C  CA  . VAL A 1 165 ? -10.135 3.735   -6.333  1.00 32.14  ? 162 VAL A CA  1 
ATOM   1186 C  C   . VAL A 1 165 ? -9.541  5.122   -6.185  1.00 31.57  ? 162 VAL A C   1 
ATOM   1187 O  O   . VAL A 1 165 ? -8.393  5.269   -5.791  1.00 30.72  ? 162 VAL A O   1 
ATOM   1188 C  CB  . VAL A 1 165 ? -10.151 2.966   -4.976  1.00 31.49  ? 162 VAL A CB  1 
ATOM   1189 C  CG1 . VAL A 1 165 ? -11.059 3.641   -4.010  1.00 29.82  ? 162 VAL A CG1 1 
ATOM   1190 C  CG2 . VAL A 1 165 ? -10.640 1.538   -5.189  1.00 31.18  ? 162 VAL A CG2 1 
ATOM   1191 N  N   . ASN A 1 166 ? -10.336 6.134   -6.516  1.00 31.64  ? 163 ASN A N   1 
ATOM   1192 C  CA  . ASN A 1 166 ? -9.906  7.515   -6.321  1.00 33.50  ? 163 ASN A CA  1 
ATOM   1193 C  C   . ASN A 1 166 ? -10.458 8.252   -5.094  1.00 33.85  ? 163 ASN A C   1 
ATOM   1194 O  O   . ASN A 1 166 ? -9.823  9.197   -4.621  1.00 34.39  ? 163 ASN A O   1 
ATOM   1195 C  CB  . ASN A 1 166 ? -10.155 8.358   -7.577  1.00 33.53  ? 163 ASN A CB  1 
ATOM   1196 C  CG  . ASN A 1 166 ? -9.291  7.917   -8.712  1.00 36.99  ? 163 ASN A CG  1 
ATOM   1197 O  OD1 . ASN A 1 166 ? -9.785  7.442   -9.732  1.00 38.83  ? 163 ASN A OD1 1 
ATOM   1198 N  ND2 . ASN A 1 166 ? -7.973  7.987   -8.512  1.00 41.12  ? 163 ASN A ND2 1 
ATOM   1199 N  N   A GLN A 1 167 ? -11.642 7.841   -4.621  0.50 33.66  ? 164 GLN A N   1 
ATOM   1200 N  N   B GLN A 1 167 ? -11.630 7.847   -4.603  0.50 33.79  ? 164 GLN A N   1 
ATOM   1201 C  CA  A GLN A 1 167 ? -12.265 8.465   -3.454  0.50 33.01  ? 164 GLN A CA  1 
ATOM   1202 C  CA  B GLN A 1 167 ? -12.216 8.508   -3.445  0.50 33.27  ? 164 GLN A CA  1 
ATOM   1203 C  C   A GLN A 1 167 ? -12.487 7.461   -2.321  0.50 33.02  ? 164 GLN A C   1 
ATOM   1204 C  C   B GLN A 1 167 ? -12.413 7.483   -2.318  0.50 33.18  ? 164 GLN A C   1 
ATOM   1205 O  O   A GLN A 1 167 ? -12.469 6.246   -2.525  0.50 32.72  ? 164 GLN A O   1 
ATOM   1206 O  O   B GLN A 1 167 ? -12.301 6.270   -2.524  0.50 32.79  ? 164 GLN A O   1 
ATOM   1207 C  CB  A GLN A 1 167 ? -13.558 9.210   -3.825  0.50 32.67  ? 164 GLN A CB  1 
ATOM   1208 C  CB  B GLN A 1 167 ? -13.517 9.234   -3.832  0.50 33.09  ? 164 GLN A CB  1 
ATOM   1209 C  CG  A GLN A 1 167 ? -14.583 8.463   -4.649  0.50 31.27  ? 164 GLN A CG  1 
ATOM   1210 C  CG  B GLN A 1 167 ? -13.437 10.088  -5.131  0.50 32.58  ? 164 GLN A CG  1 
ATOM   1211 C  CD  A GLN A 1 167 ? -15.726 9.398   -5.079  0.50 31.74  ? 164 GLN A CD  1 
ATOM   1212 C  CD  B GLN A 1 167 ? -12.462 11.309  -5.090  0.50 34.05  ? 164 GLN A CD  1 
ATOM   1213 O  OE1 A GLN A 1 167 ? -15.494 10.395  -5.757  0.50 30.69  ? 164 GLN A OE1 1 
ATOM   1214 O  OE1 B GLN A 1 167 ? -11.769 11.600  -4.082  0.50 31.24  ? 164 GLN A OE1 1 
ATOM   1215 N  NE2 A GLN A 1 167 ? -16.943 9.103   -4.641  0.50 29.96  ? 164 GLN A NE2 1 
ATOM   1216 N  NE2 B GLN A 1 167 ? -12.429 12.035  -6.213  0.50 33.11  ? 164 GLN A NE2 1 
ATOM   1217 N  N   . ASP A 1 168 ? -12.649 7.986   -1.115  1.00 32.89  ? 165 ASP A N   1 
ATOM   1218 C  CA  . ASP A 1 168 ? -12.819 7.154   0.054   1.00 32.07  ? 165 ASP A CA  1 
ATOM   1219 C  C   . ASP A 1 168 ? -13.992 6.218   -0.092  1.00 31.89  ? 165 ASP A C   1 
ATOM   1220 O  O   . ASP A 1 168 ? -15.021 6.591   -0.674  1.00 32.68  ? 165 ASP A O   1 
ATOM   1221 C  CB  . ASP A 1 168 ? -12.992 8.065   1.245   1.00 31.78  ? 165 ASP A CB  1 
ATOM   1222 C  CG  . ASP A 1 168 ? -11.764 8.839   1.507   1.00 32.21  ? 165 ASP A CG  1 
ATOM   1223 O  OD1 . ASP A 1 168 ? -10.692 8.248   1.181   1.00 31.11  ? 165 ASP A OD1 1 
ATOM   1224 O  OD2 . ASP A 1 168 ? -11.853 10.004  1.987   1.00 29.18  ? 165 ASP A OD2 1 
ATOM   1225 N  N   . VAL A 1 169 ? -13.846 5.004   0.428   1.00 30.41  ? 166 VAL A N   1 
ATOM   1226 C  CA  . VAL A 1 169 ? -14.908 4.023   0.317   1.00 29.17  ? 166 VAL A CA  1 
ATOM   1227 C  C   . VAL A 1 169 ? -15.510 3.792   1.696   1.00 29.20  ? 166 VAL A C   1 
ATOM   1228 O  O   . VAL A 1 169 ? -14.765 3.392   2.600   1.00 29.31  ? 166 VAL A O   1 
ATOM   1229 C  CB  . VAL A 1 169 ? -14.337 2.671   -0.194  1.00 29.97  ? 166 VAL A CB  1 
ATOM   1230 C  CG1 . VAL A 1 169 ? -15.378 1.540   -0.023  1.00 26.24  ? 166 VAL A CG1 1 
ATOM   1231 C  CG2 . VAL A 1 169 ? -13.828 2.800   -1.641  1.00 27.56  ? 166 VAL A CG2 1 
ATOM   1232 N  N   . PRO A 1 170 ? -16.841 4.021   1.869   1.00 29.14  ? 167 PRO A N   1 
ATOM   1233 C  CA  . PRO A 1 170 ? -17.443 3.819   3.219   1.00 29.78  ? 167 PRO A CA  1 
ATOM   1234 C  C   . PRO A 1 170 ? -17.270 2.383   3.689   1.00 30.70  ? 167 PRO A C   1 
ATOM   1235 O  O   . PRO A 1 170 ? -17.055 1.490   2.839   1.00 31.14  ? 167 PRO A O   1 
ATOM   1236 C  CB  . PRO A 1 170 ? -18.939 4.097   3.016   1.00 28.62  ? 167 PRO A CB  1 
ATOM   1237 C  CG  . PRO A 1 170 ? -19.083 4.655   1.652   1.00 29.11  ? 167 PRO A CG  1 
ATOM   1238 C  CD  . PRO A 1 170 ? -17.868 4.301   0.844   1.00 29.00  ? 167 PRO A CD  1 
ATOM   1239 N  N   . PRO A 1 171 ? -17.390 2.137   5.021   1.00 31.20  ? 168 PRO A N   1 
ATOM   1240 C  CA  . PRO A 1 171 ? -17.406 0.726   5.506   1.00 31.40  ? 168 PRO A CA  1 
ATOM   1241 C  C   . PRO A 1 171 ? -18.626 -0.095  4.997   1.00 31.24  ? 168 PRO A C   1 
ATOM   1242 O  O   . PRO A 1 171 ? -19.590 0.467   4.465   1.00 30.68  ? 168 PRO A O   1 
ATOM   1243 C  CB  . PRO A 1 171 ? -17.433 0.858   7.044   1.00 31.07  ? 168 PRO A CB  1 
ATOM   1244 C  CG  . PRO A 1 171 ? -17.287 2.358   7.351   1.00 31.17  ? 168 PRO A CG  1 
ATOM   1245 C  CD  . PRO A 1 171 ? -17.655 3.109   6.108   1.00 31.61  ? 168 PRO A CD  1 
ATOM   1246 N  N   . ASP A 1 172 ? -18.556 -1.412  5.171   1.00 31.95  ? 169 ASP A N   1 
ATOM   1247 C  CA  . ASP A 1 172 ? -19.624 -2.377  4.769   1.00 32.19  ? 169 ASP A CA  1 
ATOM   1248 C  C   . ASP A 1 172 ? -20.168 -2.078  3.385   1.00 31.85  ? 169 ASP A C   1 
ATOM   1249 O  O   . ASP A 1 172 ? -21.381 -1.908  3.226   1.00 31.18  ? 169 ASP A O   1 
ATOM   1250 C  CB  . ASP A 1 172 ? -20.782 -2.380  5.774   1.00 32.59  ? 169 ASP A CB  1 
ATOM   1251 C  CG  . ASP A 1 172 ? -20.314 -2.407  7.215   1.00 34.22  ? 169 ASP A CG  1 
ATOM   1252 O  OD1 . ASP A 1 172 ? -20.000 -3.495  7.721   1.00 33.90  ? 169 ASP A OD1 1 
ATOM   1253 O  OD2 . ASP A 1 172 ? -20.261 -1.328  7.846   1.00 37.69  ? 169 ASP A OD2 1 
ATOM   1254 N  N   . THR A 1 173 ? -19.267 -1.997  2.400   1.00 31.78  ? 170 THR A N   1 
ATOM   1255 C  CA  . THR A 1 173 ? -19.616 -1.562  1.047   1.00 31.83  ? 170 THR A CA  1 
ATOM   1256 C  C   . THR A 1 173 ? -18.839 -2.366  -0.013  1.00 32.63  ? 170 THR A C   1 
ATOM   1257 O  O   . THR A 1 173 ? -17.644 -2.696  0.157   1.00 32.19  ? 170 THR A O   1 
ATOM   1258 C  CB  . THR A 1 173 ? -19.342 -0.037  0.851   1.00 32.44  ? 170 THR A CB  1 
ATOM   1259 O  OG1 . THR A 1 173 ? -20.344 0.751   1.519   1.00 33.00  ? 170 THR A OG1 1 
ATOM   1260 C  CG2 . THR A 1 173 ? -19.341 0.353   -0.616  1.00 31.12  ? 170 THR A CG2 1 
ATOM   1261 N  N   . LEU A 1 174 ? -19.514 -2.651  -1.127  1.00 32.70  ? 171 LEU A N   1 
ATOM   1262 C  CA  . LEU A 1 174 ? -18.861 -3.283  -2.258  1.00 33.17  ? 171 LEU A CA  1 
ATOM   1263 C  C   . LEU A 1 174 ? -18.697 -2.312  -3.415  1.00 33.72  ? 171 LEU A C   1 
ATOM   1264 O  O   . LEU A 1 174 ? -19.638 -1.631  -3.804  1.00 33.36  ? 171 LEU A O   1 
ATOM   1265 C  CB  . LEU A 1 174 ? -19.655 -4.518  -2.696  1.00 32.99  ? 171 LEU A CB  1 
ATOM   1266 C  CG  . LEU A 1 174 ? -19.176 -5.129  -4.004  1.00 32.12  ? 171 LEU A CG  1 
ATOM   1267 C  CD1 . LEU A 1 174 ? -17.800 -5.769  -3.856  1.00 29.49  ? 171 LEU A CD1 1 
ATOM   1268 C  CD2 . LEU A 1 174 ? -20.211 -6.121  -4.474  1.00 29.58  ? 171 LEU A CD2 1 
ATOM   1269 N  N   . VAL A 1 175 ? -17.497 -2.252  -3.968  1.00 34.77  ? 172 VAL A N   1 
ATOM   1270 C  CA  . VAL A 1 175 ? -17.221 -1.271  -5.001  1.00 36.38  ? 172 VAL A CA  1 
ATOM   1271 C  C   . VAL A 1 175 ? -16.482 -1.943  -6.129  1.00 38.22  ? 172 VAL A C   1 
ATOM   1272 O  O   . VAL A 1 175 ? -15.733 -2.917  -5.929  1.00 38.22  ? 172 VAL A O   1 
ATOM   1273 C  CB  . VAL A 1 175 ? -16.419 -0.002  -4.481  1.00 36.80  ? 172 VAL A CB  1 
ATOM   1274 C  CG1 . VAL A 1 175 ? -17.269 0.822   -3.515  1.00 34.56  ? 172 VAL A CG1 1 
ATOM   1275 C  CG2 . VAL A 1 175 ? -15.024 -0.373  -3.887  1.00 34.43  ? 172 VAL A CG2 1 
ATOM   1276 N  N   . GLY A 1 176 ? -16.698 -1.426  -7.322  1.00 40.10  ? 173 GLY A N   1 
ATOM   1277 C  CA  . GLY A 1 176 ? -16.091 -2.012  -8.486  1.00 43.17  ? 173 GLY A CA  1 
ATOM   1278 C  C   . GLY A 1 176 ? -16.141 -1.071  -9.653  1.00 45.44  ? 173 GLY A C   1 
ATOM   1279 O  O   . GLY A 1 176 ? -16.834 -0.056  -9.606  1.00 45.67  ? 173 GLY A O   1 
ATOM   1280 N  N   . GLY A 1 177 ? -15.401 -1.425  -10.701 1.00 47.53  ? 174 GLY A N   1 
ATOM   1281 C  CA  . GLY A 1 177 ? -15.336 -0.629  -11.904 1.00 50.00  ? 174 GLY A CA  1 
ATOM   1282 C  C   . GLY A 1 177 ? -14.275 0.434   -11.781 1.00 52.05  ? 174 GLY A C   1 
ATOM   1283 O  O   . GLY A 1 177 ? -13.576 0.523   -10.776 1.00 52.21  ? 174 GLY A O   1 
ATOM   1284 N  N   . THR A 1 178 ? -14.156 1.240   -12.825 1.00 54.02  ? 175 THR A N   1 
ATOM   1285 C  CA  . THR A 1 178 ? -13.111 2.227   -12.892 1.00 55.88  ? 175 THR A CA  1 
ATOM   1286 C  C   . THR A 1 178 ? -13.665 3.463   -13.599 1.00 56.87  ? 175 THR A C   1 
ATOM   1287 O  O   . THR A 1 178 ? -14.079 3.383   -14.774 1.00 56.92  ? 175 THR A O   1 
ATOM   1288 C  CB  . THR A 1 178 ? -11.801 1.667   -13.529 1.00 56.40  ? 175 THR A CB  1 
ATOM   1289 O  OG1 . THR A 1 178 ? -10.971 2.756   -13.982 1.00 57.97  ? 175 THR A OG1 1 
ATOM   1290 C  CG2 . THR A 1 178 ? -12.094 0.665   -14.696 1.00 56.67  ? 175 THR A CG2 1 
ATOM   1291 N  N   . PRO A 1 179 ? -13.764 4.592   -12.844 1.00 57.57  ? 176 PRO A N   1 
ATOM   1292 C  CA  . PRO A 1 179 ? -13.530 4.702   -11.380 1.00 57.77  ? 176 PRO A CA  1 
ATOM   1293 C  C   . PRO A 1 179 ? -14.398 3.741   -10.586 1.00 58.11  ? 176 PRO A C   1 
ATOM   1294 O  O   . PRO A 1 179 ? -15.432 3.290   -11.081 1.00 58.14  ? 176 PRO A O   1 
ATOM   1295 C  CB  . PRO A 1 179 ? -13.990 6.119   -11.043 1.00 57.55  ? 176 PRO A CB  1 
ATOM   1296 C  CG  . PRO A 1 179 ? -13.923 6.861   -12.300 1.00 58.22  ? 176 PRO A CG  1 
ATOM   1297 C  CD  . PRO A 1 179 ? -14.188 5.876   -13.422 1.00 57.57  ? 176 PRO A CD  1 
ATOM   1298 N  N   . ALA A 1 180 ? -13.991 3.428   -9.359  1.00 58.42  ? 177 ALA A N   1 
ATOM   1299 C  CA  . ALA A 1 180 ? -14.815 2.582   -8.508  1.00 58.49  ? 177 ALA A CA  1 
ATOM   1300 C  C   . ALA A 1 180 ? -16.137 3.262   -8.172  1.00 58.99  ? 177 ALA A C   1 
ATOM   1301 O  O   . ALA A 1 180 ? -16.203 4.455   -7.838  1.00 59.23  ? 177 ALA A O   1 
ATOM   1302 C  CB  . ALA A 1 180 ? -14.078 2.180   -7.265  1.00 58.34  ? 177 ALA A CB  1 
ATOM   1303 N  N   . ARG A 1 181 ? -17.206 2.497   -8.309  1.00 59.60  ? 178 ARG A N   1 
ATOM   1304 C  CA  . ARG A 1 181 ? -18.493 2.972   -7.877  1.00 59.99  ? 178 ARG A CA  1 
ATOM   1305 C  C   . ARG A 1 181 ? -19.108 1.940   -6.972  1.00 58.88  ? 178 ARG A C   1 
ATOM   1306 O  O   . ARG A 1 181 ? -18.790 0.749   -7.064  1.00 58.70  ? 178 ARG A O   1 
ATOM   1307 C  CB  . ARG A 1 181 ? -19.390 3.281   -9.058  1.00 60.68  ? 178 ARG A CB  1 
ATOM   1308 C  CG  . ARG A 1 181 ? -20.229 4.510   -8.772  1.00 65.28  ? 178 ARG A CG  1 
ATOM   1309 C  CD  . ARG A 1 181 ? -21.556 4.493   -9.557  1.00 72.31  ? 178 ARG A CD  1 
ATOM   1310 N  NE  . ARG A 1 181 ? -22.651 5.019   -8.738  1.00 76.12  ? 178 ARG A NE  1 
ATOM   1311 C  CZ  . ARG A 1 181 ? -23.050 6.292   -8.722  1.00 78.60  ? 178 ARG A CZ  1 
ATOM   1312 N  NH1 . ARG A 1 181 ? -22.457 7.206   -9.501  1.00 78.62  ? 178 ARG A NH1 1 
ATOM   1313 N  NH2 . ARG A 1 181 ? -24.062 6.650   -7.928  1.00 80.00  ? 178 ARG A NH2 1 
ATOM   1314 N  N   . ILE A 1 182 ? -19.981 2.407   -6.089  1.00 57.94  ? 179 ILE A N   1 
ATOM   1315 C  CA  . ILE A 1 182 ? -20.494 1.557   -5.028  1.00 57.36  ? 179 ILE A CA  1 
ATOM   1316 C  C   . ILE A 1 182 ? -21.566 0.619   -5.574  1.00 56.47  ? 179 ILE A C   1 
ATOM   1317 O  O   . ILE A 1 182 ? -22.587 1.050   -6.084  1.00 56.26  ? 179 ILE A O   1 
ATOM   1318 C  CB  . ILE A 1 182 ? -20.890 2.377   -3.770  1.00 57.40  ? 179 ILE A CB  1 
ATOM   1319 C  CG1 . ILE A 1 182 ? -21.993 1.681   -2.976  1.00 57.99  ? 179 ILE A CG1 1 
ATOM   1320 C  CG2 . ILE A 1 182 ? -21.250 3.805   -4.156  1.00 58.44  ? 179 ILE A CG2 1 
ATOM   1321 C  CD1 . ILE A 1 182 ? -22.313 2.363   -1.652  1.00 60.99  ? 179 ILE A CD1 1 
ATOM   1322 N  N   . LEU A 1 183 ? -21.285 -0.674  -5.507  1.00 55.64  ? 180 LEU A N   1 
ATOM   1323 C  CA  . LEU A 1 183 ? -22.114 -1.665  -6.175  1.00 54.84  ? 180 LEU A CA  1 
ATOM   1324 C  C   . LEU A 1 183 ? -23.225 -2.173  -5.299  1.00 54.32  ? 180 LEU A C   1 
ATOM   1325 O  O   . LEU A 1 183 ? -24.259 -2.589  -5.809  1.00 54.80  ? 180 LEU A O   1 
ATOM   1326 C  CB  . LEU A 1 183 ? -21.278 -2.851  -6.663  1.00 54.67  ? 180 LEU A CB  1 
ATOM   1327 C  CG  . LEU A 1 183 ? -20.187 -2.578  -7.700  1.00 54.78  ? 180 LEU A CG  1 
ATOM   1328 C  CD1 . LEU A 1 183 ? -19.546 -3.876  -8.135  1.00 53.59  ? 180 LEU A CD1 1 
ATOM   1329 C  CD2 . LEU A 1 183 ? -20.744 -1.803  -8.908  1.00 55.27  ? 180 LEU A CD2 1 
ATOM   1330 N  N   . ARG A 1 184 ? -23.012 -2.170  -3.990  1.00 53.46  ? 181 ARG A N   1 
ATOM   1331 C  CA  . ARG A 1 184 ? -24.006 -2.704  -3.073  1.00 52.62  ? 181 ARG A CA  1 
ATOM   1332 C  C   . ARG A 1 184 ? -23.508 -2.625  -1.645  1.00 51.51  ? 181 ARG A C   1 
ATOM   1333 O  O   . ARG A 1 184 ? -22.287 -2.624  -1.392  1.00 51.03  ? 181 ARG A O   1 
ATOM   1334 C  CB  . ARG A 1 184 ? -24.435 -4.144  -3.475  1.00 53.32  ? 181 ARG A CB  1 
ATOM   1335 C  CG  . ARG A 1 184 ? -24.326 -5.276  -2.416  1.00 54.74  ? 181 ARG A CG  1 
ATOM   1336 C  CD  . ARG A 1 184 ? -24.979 -6.600  -2.915  1.00 56.49  ? 181 ARG A CD  1 
ATOM   1337 N  NE  . ARG A 1 184 ? -24.313 -7.090  -4.138  1.00 58.69  ? 181 ARG A NE  1 
ATOM   1338 C  CZ  . ARG A 1 184 ? -24.187 -8.374  -4.519  1.00 59.82  ? 181 ARG A CZ  1 
ATOM   1339 N  NH1 . ARG A 1 184 ? -23.519 -8.656  -5.649  1.00 59.10  ? 181 ARG A NH1 1 
ATOM   1340 N  NH2 . ARG A 1 184 ? -24.684 -9.379  -3.781  1.00 59.08  ? 181 ARG A NH2 1 
ATOM   1341 N  N   . SER A 1 185 ? -24.475 -2.530  -0.732  1.00 49.99  ? 182 SER A N   1 
ATOM   1342 C  CA  . SER A 1 185 ? -24.219 -2.461  0.684   1.00 49.22  ? 182 SER A CA  1 
ATOM   1343 C  C   . SER A 1 185 ? -24.099 -3.836  1.304   1.00 49.06  ? 182 SER A C   1 
ATOM   1344 O  O   . SER A 1 185 ? -24.993 -4.669  1.181   1.00 48.69  ? 182 SER A O   1 
ATOM   1345 C  CB  . SER A 1 185 ? -25.329 -1.692  1.396   1.00 48.83  ? 182 SER A CB  1 
ATOM   1346 O  OG  . SER A 1 185 ? -25.244 -1.892  2.800   1.00 48.08  ? 182 SER A OG  1 
ATOM   1347 N  N   . LEU A 1 186 ? -22.990 -4.049  1.996   1.00 49.23  ? 183 LEU A N   1 
ATOM   1348 C  CA  . LEU A 1 186 ? -22.804 -5.236  2.807   1.00 49.50  ? 183 LEU A CA  1 
ATOM   1349 C  C   . LEU A 1 186 ? -23.179 -4.994  4.269   1.00 50.00  ? 183 LEU A C   1 
ATOM   1350 O  O   . LEU A 1 186 ? -22.637 -5.633  5.166   1.00 49.85  ? 183 LEU A O   1 
ATOM   1351 C  CB  . LEU A 1 186 ? -21.348 -5.678  2.741   1.00 49.00  ? 183 LEU A CB  1 
ATOM   1352 C  CG  . LEU A 1 186 ? -20.608 -5.638  1.414   1.00 48.53  ? 183 LEU A CG  1 
ATOM   1353 C  CD1 . LEU A 1 186 ? -19.224 -6.100  1.708   1.00 47.75  ? 183 LEU A CD1 1 
ATOM   1354 C  CD2 . LEU A 1 186 ? -21.272 -6.542  0.382   1.00 49.28  ? 183 LEU A CD2 1 
ATOM   1355 N  N   . LYS A 1 187 ? -24.085 -4.059  4.520   1.00 51.16  ? 184 LYS A N   1 
ATOM   1356 C  CA  . LYS A 1 187 ? -24.525 -3.848  5.886   1.00 52.60  ? 184 LYS A CA  1 
ATOM   1357 C  C   . LYS A 1 187 ? -25.608 -4.859  6.229   1.00 53.60  ? 184 LYS A C   1 
ATOM   1358 O  O   . LYS A 1 187 ? -26.424 -5.177  5.372   1.00 54.17  ? 184 LYS A O   1 
ATOM   1359 C  CB  . LYS A 1 187 ? -25.044 -2.444  6.073   1.00 52.18  ? 184 LYS A CB  1 
ATOM   1360 C  CG  . LYS A 1 187 ? -24.915 -2.011  7.506   1.00 53.63  ? 184 LYS A CG  1 
ATOM   1361 C  CD  . LYS A 1 187 ? -24.588 -0.544  7.604   1.00 55.82  ? 184 LYS A CD  1 
ATOM   1362 C  CE  . LYS A 1 187 ? -23.364 -0.312  8.503   1.00 57.69  ? 184 LYS A CE  1 
ATOM   1363 N  NZ  . LYS A 1 187 ? -22.355 0.667   7.888   1.00 56.05  ? 184 LYS A NZ  1 
ATOM   1364 N  N   . ASP A 1 188 ? -25.623 -5.371  7.465   1.00 54.81  ? 185 ASP A N   1 
ATOM   1365 C  CA  . ASP A 1 188 ? -26.646 -6.369  7.888   1.00 55.72  ? 185 ASP A CA  1 
ATOM   1366 C  C   . ASP A 1 188 ? -28.001 -5.739  8.186   1.00 55.89  ? 185 ASP A C   1 
ATOM   1367 O  O   . ASP A 1 188 ? -28.353 -5.515  9.348   1.00 56.80  ? 185 ASP A O   1 
ATOM   1368 C  CB  . ASP A 1 188 ? -26.185 -7.205  9.096   1.00 55.75  ? 185 ASP A CB  1 
ATOM   1369 C  CG  . ASP A 1 188 ? -24.960 -8.080  8.796   1.00 57.73  ? 185 ASP A CG  1 
ATOM   1370 O  OD1 . ASP A 1 188 ? -24.771 -8.554  7.641   1.00 60.06  ? 185 ASP A OD1 1 
ATOM   1371 O  OD2 . ASP A 1 188 ? -24.168 -8.302  9.735   1.00 59.72  ? 185 ASP A OD2 1 
HETATM 1372 CA CA  . CA  B 2 .   ? -9.457  10.720  1.766   0.50 42.65  ? 193 CA  A CA  1 
HETATM 1373 CA CA  . CA  C 2 .   ? -4.594  -3.062  -14.941 0.33 89.29  ? 194 CA  A CA  1 
HETATM 1374 O  O   . HOH D 3 .   ? -13.144 5.965   -6.849  1.00 43.55  ? 195 HOH A O   1 
HETATM 1375 O  O   . HOH D 3 .   ? -16.091 5.210   -3.127  1.00 54.66  ? 196 HOH A O   1 
HETATM 1376 O  O   . HOH D 3 .   ? -18.071 6.904   -8.512  1.00 80.36  ? 197 HOH A O   1 
HETATM 1377 O  O   . HOH D 3 .   ? -13.427 -3.035  -12.085 1.00 55.17  ? 198 HOH A O   1 
HETATM 1378 O  O   . HOH D 3 .   ? -6.256  0.579   9.649   1.00 44.12  ? 199 HOH A O   1 
HETATM 1379 O  O   . HOH D 3 .   ? -17.103 -7.588  3.642   1.00 31.79  ? 200 HOH A O   1 
HETATM 1380 O  O   . HOH D 3 .   ? 12.540  0.016   5.669   1.00 34.12  ? 201 HOH A O   1 
HETATM 1381 O  O   . HOH D 3 .   ? -21.797 1.366   -8.269  1.00 104.61 ? 202 HOH A O   1 
HETATM 1382 O  O   . HOH D 3 .   ? -0.882  21.621  -8.712  0.50 5.17   ? 203 HOH A O   1 
HETATM 1383 O  O   . HOH D 3 .   ? 25.890  -10.178 2.389   1.00 86.52  ? 204 HOH A O   1 
HETATM 1384 O  O   . HOH D 3 .   ? -14.453 0.558   -16.013 1.00 66.99  ? 205 HOH A O   1 
HETATM 1385 O  O   . HOH D 3 .   ? -6.002  -1.618  -16.175 0.33 73.87  ? 206 HOH A O   1 
HETATM 1386 O  O   . HOH D 3 .   ? 13.444  -7.561  -5.742  1.00 37.14  ? 207 HOH A O   1 
HETATM 1387 O  O   . HOH D 3 .   ? -23.353 -0.157  3.308   1.00 51.19  ? 208 HOH A O   1 
HETATM 1388 O  O   . HOH D 3 .   ? -12.996 -3.512  12.683  1.00 41.57  ? 209 HOH A O   1 
HETATM 1389 O  O   . HOH D 3 .   ? -5.757  8.539   3.799   0.50 5.95   ? 210 HOH A O   1 
HETATM 1390 O  O   . HOH D 3 .   ? -11.232 7.717   8.218   1.00 34.73  ? 211 HOH A O   1 
HETATM 1391 O  O   . HOH D 3 .   ? 16.420  -12.376 -8.379  0.33 39.54  ? 212 HOH A O   1 
HETATM 1392 O  O   . HOH D 3 .   ? -21.387 2.211   5.432   1.00 42.38  ? 213 HOH A O   1 
HETATM 1393 O  O   . HOH D 3 .   ? 4.641   1.031   -0.071  1.00 344.15 ? 214 HOH A O   1 
HETATM 1394 O  O   . HOH D 3 .   ? 19.710  -16.917 -5.622  1.00 108.47 ? 215 HOH A O   1 
HETATM 1395 O  O   . HOH D 3 .   ? 3.742   -5.556  17.961  1.00 57.59  ? 216 HOH A O   1 
HETATM 1396 O  O   . HOH D 3 .   ? 1.665   -16.958 -3.173  1.00 58.33  ? 217 HOH A O   1 
HETATM 1397 O  O   . HOH D 3 .   ? 11.989  -3.336  -6.533  1.00 46.52  ? 218 HOH A O   1 
HETATM 1398 O  O   . HOH D 3 .   ? -14.670 -5.042  10.897  1.00 34.26  ? 219 HOH A O   1 
HETATM 1399 O  O   . HOH D 3 .   ? 9.196   24.387  -21.264 1.00 48.25  ? 220 HOH A O   1 
HETATM 1400 O  O   . HOH D 3 .   ? 4.760   17.657  -9.535  1.00 27.06  ? 221 HOH A O   1 
HETATM 1401 O  O   . HOH D 3 .   ? 19.668  -1.248  -1.664  1.00 95.82  ? 222 HOH A O   1 
HETATM 1402 O  O   . HOH D 3 .   ? -28.813 -3.650  6.911   1.00 61.82  ? 223 HOH A O   1 
HETATM 1403 O  O   . HOH D 3 .   ? -0.679  16.203  -0.523  1.00 110.02 ? 224 HOH A O   1 
HETATM 1404 O  O   . HOH D 3 .   ? 14.009  2.617   -3.723  1.00 78.11  ? 225 HOH A O   1 
HETATM 1405 O  O   . HOH D 3 .   ? -8.494  -0.991  -14.038 1.00 106.79 ? 226 HOH A O   1 
HETATM 1406 O  O   . HOH D 3 .   ? 10.052  -13.447 -6.074  1.00 36.93  ? 227 HOH A O   1 
HETATM 1407 O  O   . HOH D 3 .   ? 4.442   13.182  -13.058 1.00 302.76 ? 228 HOH A O   1 
HETATM 1408 O  O   . HOH D 3 .   ? 5.308   3.155   11.684  1.00 51.48  ? 229 HOH A O   1 
HETATM 1409 O  O   . HOH D 3 .   ? 2.553   -7.961  15.871  1.00 70.27  ? 230 HOH A O   1 
HETATM 1410 O  O   . HOH D 3 .   ? 12.637  -9.353  12.120  1.00 40.60  ? 231 HOH A O   1 
HETATM 1411 O  O   . HOH D 3 .   ? 1.574   16.532  -6.237  1.00 52.18  ? 232 HOH A O   1 
HETATM 1412 O  O   . HOH D 3 .   ? 1.872   3.433   8.334   1.00 46.21  ? 233 HOH A O   1 
HETATM 1413 O  O   . HOH D 3 .   ? -13.478 8.713   -9.596  1.00 73.66  ? 234 HOH A O   1 
HETATM 1414 O  O   . HOH D 3 .   ? -21.185 -6.459  8.691   1.00 60.03  ? 235 HOH A O   1 
HETATM 1415 O  O   . HOH D 3 .   ? 19.170  -9.498  8.606   1.00 59.31  ? 236 HOH A O   1 
HETATM 1416 O  O   . HOH D 3 .   ? -26.980 -4.857  3.097   1.00 38.36  ? 237 HOH A O   1 
HETATM 1417 O  O   . HOH D 3 .   ? -23.257 -4.984  8.669   1.00 58.67  ? 238 HOH A O   1 
HETATM 1418 O  O   . HOH D 3 .   ? 5.154   -16.081 -3.371  1.00 34.41  ? 239 HOH A O   1 
HETATM 1419 O  O   . HOH D 3 .   ? -9.785  11.019  -0.576  1.00 25.29  ? 240 HOH A O   1 
HETATM 1420 O  O   . HOH D 3 .   ? -12.388 11.071  -1.215  1.00 31.99  ? 241 HOH A O   1 
HETATM 1421 O  O   . HOH D 3 .   ? -5.567  -16.077 9.506   1.00 38.65  ? 242 HOH A O   1 
HETATM 1422 O  O   . HOH D 3 .   ? -1.794  5.657   6.374   1.00 47.39  ? 243 HOH A O   1 
HETATM 1423 O  O   . HOH D 3 .   ? -6.360  -3.865  15.386  1.00 46.84  ? 244 HOH A O   1 
HETATM 1424 O  O   . HOH D 3 .   ? 0.461   7.226   -10.621 1.00 43.22  ? 245 HOH A O   1 
HETATM 1425 O  O   . HOH D 3 .   ? -2.175  8.823   -6.553  1.00 40.63  ? 246 HOH A O   1 
HETATM 1426 O  O   . HOH D 3 .   ? 6.403   15.579  -16.777 1.00 25.93  ? 247 HOH A O   1 
HETATM 1427 O  O   . HOH D 3 .   ? 11.579  -15.958 -3.134  1.00 32.89  ? 248 HOH A O   1 
HETATM 1428 O  O   . HOH D 3 .   ? 6.243   -14.345 3.255   1.00 39.08  ? 249 HOH A O   1 
HETATM 1429 O  O   . HOH D 3 .   ? -0.396  -0.018  12.754  1.00 48.96  ? 250 HOH A O   1 
HETATM 1430 O  O   . HOH D 3 .   ? -5.731  -13.331 -3.066  1.00 39.80  ? 251 HOH A O   1 
HETATM 1431 O  O   . HOH D 3 .   ? -7.695  -12.719 -5.153  1.00 50.66  ? 252 HOH A O   1 
HETATM 1432 O  O   . HOH D 3 .   ? 3.500   -8.827  -3.199  1.00 31.07  ? 253 HOH A O   1 
HETATM 1433 O  O   . HOH D 3 .   ? -11.274 -8.093  12.673  1.00 48.83  ? 254 HOH A O   1 
HETATM 1434 O  O   . HOH D 3 .   ? 1.544   21.446  -18.028 1.00 33.86  ? 255 HOH A O   1 
HETATM 1435 O  O   . HOH D 3 .   ? 7.137   24.035  -8.621  1.00 33.07  ? 256 HOH A O   1 
HETATM 1436 O  O   . HOH D 3 .   ? 9.685   14.734  -4.682  1.00 50.49  ? 257 HOH A O   1 
HETATM 1437 O  O   . HOH D 3 .   ? -9.021  4.525   9.560   1.00 31.27  ? 258 HOH A O   1 
HETATM 1438 O  O   . HOH D 3 .   ? -8.768  6.910   7.743   1.00 39.37  ? 259 HOH A O   1 
HETATM 1439 O  O   . HOH D 3 .   ? -1.163  -4.464  -14.222 0.33 46.37  ? 260 HOH A O   1 
HETATM 1440 O  O   . HOH D 3 .   ? 1.569   -5.826  -13.075 0.33 31.62  ? 261 HOH A O   1 
HETATM 1441 O  O   . HOH D 3 .   ? -4.385  -3.020  -12.682 1.00 39.52  ? 262 HOH A O   1 
# 
